data_5AZJ
#
_entry.id   5AZJ
#
_cell.length_a   63.737
_cell.length_b   120.031
_cell.length_c   154.706
_cell.angle_alpha   90.00
_cell.angle_beta   90.02
_cell.angle_gamma   90.00
#
_symmetry.space_group_name_H-M   'P 1 21 1'
#
loop_
_entity.id
_entity.type
_entity.pdbx_description
1 polymer 'Glycerol kinase'
2 polymer 'Glycerol kinase'
3 non-polymer '4-NITROPHENYL PHOSPHATE'
4 non-polymer GLYCEROL
5 water water
#
loop_
_entity_poly.entity_id
_entity_poly.type
_entity_poly.pdbx_seq_one_letter_code
_entity_poly.pdbx_strand_id
1 'polypeptide(L)'
;GIDPFTMKYVGSIDQGTTSTRFIIFDERQRPVSVHQVPHTQHTPHPGWLEHDPMEIFRSACKCMSVAIAKLRQKDASFRK
IEAIGITNQRETTVAWDRVTKEPLCYAPVWNDLRTYDITKKVTAELGGGDSMFASKITGLPVSTYFAAFKMRWMLENVPA
VADACRRGTLCFGTIDTWLMYKLSGGKAFVTDVTNASRTFLMDLRTRKWSPELCEKLKIPMETLPEIRSNSELFGYVETD
ECGVAAALNERTPIMGSIGDQQSALFGNMCFEKGEAKNTYGTGCFLLMNVGEEARFSKHGLLSTVGFQVGRDGPCYYALE
GAIACAGATVEWMRRNMNLFSHITECEKLARSVPGTQGIVFVPAFSGLLAPYWDPSARGTIVGMTLKTTRAHVIRAALQA
IALQLNDVVGSMKRDAGLNLSSLRVDGGLSKNGLLMEIQASLLGVDILVPSMHETTALGAALCAGLAAGVWTSLEEVKAV
SRRENSWKTVSPSGSAMEREAMIAEWREALKRTKWAKL
;
A,C
2 'polypeptide(L)'
;GIDPFTMKYVGSIDQGTTSTRFIIFDERQRPVSVHQVPHTQHTPHPGWLEHDPMEIFRSACKCMSVAIAKLRQKDASFRK
IEAIGITNQRETTVAWDRVTKEPLCYAPVWNDLRTYDITKKVTAELGGGDSMFASKITGLPVSTYFAAFKMRWMLENVPA
VADACRRGTLCFGTIDTWLMYKLSGGKAFVTDVTNASRTFLMDLRTRKWSPELCEKLKIPMETLPEIRSNSELFGYVETD
ECGVAAALNERTPIMGSIGDQQSALFGNMCFEKGEAKNTYG(TPO)GCFLLMNVGEEARFSKHGLLSTVGFQVGRDGPCY
YALEGAIACAGATVEWMRRNMNLFSHITECEKLARSVPGTQGIVFVPAFSGLLAPYWDPSARGTIVGMTLKTTRAHVIRA
ALQAIALQLNDVVGSMKRDAGLNLSSLRVDGGLSKNGLLMEIQASLLGVDILVPSMHETTALGAALCAGLAAGVWTSLEE
VKAVSRRENSWKTVSPSGSAMEREAMIAEWREALKRTKWAKL
;
B,D
#
loop_
_chem_comp.id
_chem_comp.type
_chem_comp.name
_chem_comp.formula
4NP non-polymer '4-NITROPHENYL PHOSPHATE' 'C6 H6 N O6 P'
GOL non-polymer GLYCEROL 'C3 H8 O3'
#
# COMPACT_ATOMS: atom_id res chain seq x y z
N PHE A 5 -67.90 4.41 23.15
CA PHE A 5 -66.67 3.62 22.87
C PHE A 5 -65.79 3.50 24.15
N THR A 6 -64.47 3.30 23.97
CA THR A 6 -63.49 3.28 25.09
C THR A 6 -62.36 4.31 24.88
N MET A 7 -61.44 4.38 25.85
CA MET A 7 -60.25 5.24 25.74
C MET A 7 -59.28 4.69 24.72
N LYS A 8 -58.73 5.56 23.89
CA LYS A 8 -57.78 5.16 22.83
C LYS A 8 -56.39 5.71 23.12
N TYR A 9 -55.40 4.97 22.65
CA TYR A 9 -54.00 5.31 22.92
C TYR A 9 -53.18 5.12 21.66
N VAL A 10 -52.16 5.94 21.50
CA VAL A 10 -51.25 5.81 20.34
C VAL A 10 -49.83 5.71 20.84
N GLY A 11 -49.06 4.77 20.31
CA GLY A 11 -47.66 4.63 20.68
C GLY A 11 -46.71 5.27 19.68
N SER A 12 -45.56 5.71 20.17
CA SER A 12 -44.58 6.44 19.36
C SER A 12 -43.21 5.90 19.64
N ILE A 13 -42.55 5.38 18.62
CA ILE A 13 -41.18 4.95 18.77
C ILE A 13 -40.33 6.15 18.37
N ASP A 14 -39.61 6.72 19.34
CA ASP A 14 -38.71 7.85 19.12
C ASP A 14 -37.28 7.28 19.08
N GLN A 15 -36.77 7.00 17.89
CA GLN A 15 -35.47 6.35 17.72
C GLN A 15 -34.40 7.40 17.49
N GLY A 16 -33.72 7.83 18.55
CA GLY A 16 -32.73 8.89 18.44
C GLY A 16 -31.27 8.44 18.31
N THR A 17 -30.38 9.42 18.34
CA THR A 17 -28.98 9.17 18.08
C THR A 17 -28.32 8.39 19.20
N THR A 18 -28.76 8.65 20.45
CA THR A 18 -28.13 8.05 21.62
C THR A 18 -29.04 7.10 22.34
N SER A 19 -30.34 7.22 22.17
CA SER A 19 -31.26 6.25 22.74
C SER A 19 -32.57 6.09 21.97
N THR A 20 -33.28 5.02 22.27
CA THR A 20 -34.60 4.76 21.73
C THR A 20 -35.62 4.88 22.88
N ARG A 21 -36.76 5.52 22.59
CA ARG A 21 -37.86 5.59 23.56
C ARG A 21 -39.15 5.09 22.94
N PHE A 22 -40.06 4.63 23.79
CA PHE A 22 -41.44 4.42 23.40
C PHE A 22 -42.33 5.24 24.32
N ILE A 23 -43.17 6.07 23.73
CA ILE A 23 -44.11 6.87 24.52
C ILE A 23 -45.52 6.50 24.08
N ILE A 24 -46.35 6.16 25.04
CA ILE A 24 -47.77 6.00 24.78
C ILE A 24 -48.47 7.32 25.10
N PHE A 25 -49.22 7.81 24.13
CA PHE A 25 -50.01 9.01 24.33
C PHE A 25 -51.47 8.65 24.46
N ASP A 26 -52.20 9.41 25.27
CA ASP A 26 -53.64 9.24 25.32
C ASP A 26 -54.23 10.22 24.33
N GLU A 27 -55.53 10.15 24.14
CA GLU A 27 -56.17 10.98 23.13
C GLU A 27 -56.30 12.45 23.50
N ARG A 28 -55.87 12.81 24.72
CA ARG A 28 -55.75 14.20 25.10
C ARG A 28 -54.30 14.64 24.83
N GLN A 29 -53.54 13.76 24.19
CA GLN A 29 -52.15 14.00 23.79
C GLN A 29 -51.15 14.11 24.94
N ARG A 30 -51.48 13.54 26.09
CA ARG A 30 -50.54 13.52 27.20
C ARG A 30 -49.71 12.23 27.18
N PRO A 31 -48.40 12.34 27.44
CA PRO A 31 -47.57 11.17 27.56
C PRO A 31 -47.92 10.40 28.83
N VAL A 32 -48.49 9.20 28.70
CA VAL A 32 -48.94 8.48 29.90
C VAL A 32 -48.01 7.32 30.27
N SER A 33 -47.03 7.02 29.43
CA SER A 33 -46.07 5.97 29.74
C SER A 33 -44.87 6.05 28.80
N VAL A 34 -43.69 5.82 29.35
CA VAL A 34 -42.40 6.01 28.68
C VAL A 34 -41.40 4.92 29.12
N HIS A 35 -40.63 4.40 28.19
CA HIS A 35 -39.42 3.68 28.56
C HIS A 35 -38.35 3.94 27.50
N GLN A 36 -37.11 4.02 27.95
CA GLN A 36 -35.97 4.46 27.15
C GLN A 36 -34.82 3.49 27.32
N VAL A 37 -34.36 2.91 26.22
CA VAL A 37 -33.22 2.01 26.20
C VAL A 37 -32.14 2.67 25.31
N PRO A 38 -30.91 2.82 25.84
CA PRO A 38 -29.81 3.31 25.00
C PRO A 38 -29.21 2.19 24.15
N HIS A 39 -28.31 2.55 23.25
CA HIS A 39 -27.62 1.60 22.36
C HIS A 39 -26.17 2.08 22.17
N THR A 40 -25.30 1.16 21.77
CA THR A 40 -23.87 1.40 21.74
C THR A 40 -23.43 2.31 20.57
N GLN A 41 -22.61 3.30 20.88
CA GLN A 41 -22.01 4.21 19.92
C GLN A 41 -20.65 3.65 19.45
N HIS A 42 -20.65 2.99 18.29
CA HIS A 42 -19.43 2.44 17.72
C HIS A 42 -18.64 3.49 16.94
N THR A 43 -17.41 3.76 17.39
CA THR A 43 -16.53 4.74 16.74
C THR A 43 -15.20 4.10 16.26
N PRO A 44 -15.21 3.40 15.10
CA PRO A 44 -14.05 2.63 14.67
C PRO A 44 -12.84 3.44 14.17
N HIS A 45 -13.01 4.72 13.86
CA HIS A 45 -11.88 5.63 13.52
C HIS A 45 -12.31 7.06 13.84
N PRO A 46 -11.34 7.97 14.04
CA PRO A 46 -11.77 9.34 14.32
C PRO A 46 -12.69 9.90 13.23
N GLY A 47 -13.81 10.51 13.64
CA GLY A 47 -14.78 11.07 12.72
C GLY A 47 -15.84 10.07 12.26
N TRP A 48 -15.62 8.78 12.54
CA TRP A 48 -16.61 7.75 12.22
C TRP A 48 -17.55 7.45 13.42
N LEU A 49 -18.85 7.33 13.11
CA LEU A 49 -19.82 6.87 14.08
C LEU A 49 -20.78 5.96 13.35
N GLU A 50 -21.11 4.82 13.98
CA GLU A 50 -22.07 3.88 13.42
C GLU A 50 -22.84 3.11 14.52
N HIS A 51 -23.94 2.48 14.12
CA HIS A 51 -24.85 1.90 15.09
C HIS A 51 -25.16 0.47 14.70
N ASP A 52 -25.49 -0.34 15.70
CA ASP A 52 -25.92 -1.73 15.51
C ASP A 52 -27.42 -1.79 15.21
N PRO A 53 -27.81 -2.11 13.97
CA PRO A 53 -29.24 -2.05 13.65
C PRO A 53 -30.12 -3.07 14.35
N MET A 54 -29.58 -4.23 14.73
CA MET A 54 -30.36 -5.23 15.46
C MET A 54 -30.44 -4.87 16.94
N GLU A 55 -29.45 -4.14 17.45
CA GLU A 55 -29.51 -3.62 18.81
C GLU A 55 -30.59 -2.51 18.92
N ILE A 56 -30.65 -1.61 17.93
CA ILE A 56 -31.67 -0.57 17.86
C ILE A 56 -33.08 -1.19 17.79
N PHE A 57 -33.22 -2.22 16.95
CA PHE A 57 -34.49 -2.95 16.81
C PHE A 57 -34.94 -3.53 18.14
N ARG A 58 -34.00 -4.20 18.82
CA ARG A 58 -34.27 -4.77 20.12
C ARG A 58 -34.62 -3.68 21.15
N SER A 59 -33.94 -2.53 21.11
CA SER A 59 -34.26 -1.42 22.03
C SER A 59 -35.71 -0.95 21.89
N ALA A 60 -36.16 -0.89 20.65
CA ALA A 60 -37.49 -0.40 20.35
C ALA A 60 -38.53 -1.38 20.86
N CYS A 61 -38.25 -2.67 20.70
CA CYS A 61 -39.16 -3.73 21.14
C CYS A 61 -39.21 -3.77 22.65
N LYS A 62 -38.07 -3.58 23.32
CA LYS A 62 -38.04 -3.50 24.76
C LYS A 62 -38.88 -2.36 25.27
N CYS A 63 -38.67 -1.19 24.68
CA CYS A 63 -39.35 0.00 25.13
C CYS A 63 -40.84 -0.21 25.01
N MET A 64 -41.26 -0.82 23.91
CA MET A 64 -42.68 -1.09 23.72
C MET A 64 -43.29 -1.95 24.84
N SER A 65 -42.69 -3.09 25.12
CA SER A 65 -43.26 -4.01 26.10
C SER A 65 -43.22 -3.44 27.52
N VAL A 66 -42.17 -2.70 27.87
CA VAL A 66 -42.07 -2.14 29.22
C VAL A 66 -43.10 -1.00 29.43
N ALA A 67 -43.12 -0.06 28.50
CA ALA A 67 -44.07 1.05 28.57
C ALA A 67 -45.51 0.53 28.67
N ILE A 68 -45.83 -0.48 27.84
CA ILE A 68 -47.14 -1.15 27.85
C ILE A 68 -47.42 -1.76 29.23
N ALA A 69 -46.54 -2.64 29.68
CA ALA A 69 -46.62 -3.23 31.01
C ALA A 69 -46.83 -2.16 32.09
N LYS A 70 -46.06 -1.08 32.02
CA LYS A 70 -46.22 -0.05 33.04
C LYS A 70 -47.61 0.59 32.99
N LEU A 71 -48.14 0.76 31.77
CA LEU A 71 -49.43 1.39 31.55
C LEU A 71 -50.59 0.52 32.06
N ARG A 72 -50.59 -0.78 31.77
CA ARG A 72 -51.65 -1.65 32.28
C ARG A 72 -51.78 -1.51 33.80
N GLN A 73 -50.66 -1.32 34.48
CA GLN A 73 -50.60 -1.29 35.93
C GLN A 73 -51.22 -0.02 36.50
N LYS A 74 -51.10 1.09 35.79
CA LYS A 74 -51.60 2.37 36.33
C LYS A 74 -52.86 2.91 35.66
N ASP A 75 -53.36 2.22 34.64
CA ASP A 75 -54.52 2.69 33.89
C ASP A 75 -55.37 1.50 33.52
N ALA A 76 -56.49 1.35 34.21
CA ALA A 76 -57.43 0.25 33.98
C ALA A 76 -58.22 0.39 32.68
N SER A 77 -58.24 1.56 32.03
CA SER A 77 -58.93 1.72 30.72
C SER A 77 -58.04 1.45 29.52
N PHE A 78 -56.77 1.16 29.76
CA PHE A 78 -55.87 0.93 28.66
C PHE A 78 -56.02 -0.52 28.27
N ARG A 79 -56.65 -0.76 27.13
CA ARG A 79 -56.87 -2.11 26.60
C ARG A 79 -55.87 -2.45 25.46
N LYS A 80 -55.67 -1.53 24.52
CA LYS A 80 -54.72 -1.76 23.43
C LYS A 80 -54.15 -0.47 22.83
N ILE A 81 -53.09 -0.62 22.04
CA ILE A 81 -52.56 0.47 21.23
C ILE A 81 -53.24 0.53 19.85
N GLU A 82 -53.86 1.65 19.55
CA GLU A 82 -54.63 1.83 18.34
C GLU A 82 -53.77 1.87 17.07
N ALA A 83 -52.57 2.44 17.21
CA ALA A 83 -51.61 2.56 16.11
C ALA A 83 -50.28 3.06 16.65
N ILE A 84 -49.22 2.78 15.89
CA ILE A 84 -47.88 3.16 16.28
C ILE A 84 -47.33 4.11 15.26
N GLY A 85 -46.63 5.13 15.78
CA GLY A 85 -45.92 6.08 14.94
C GLY A 85 -44.44 5.82 15.14
N ILE A 86 -43.65 6.17 14.14
CA ILE A 86 -42.21 6.06 14.25
C ILE A 86 -41.56 7.35 13.91
N THR A 87 -40.73 7.86 14.81
CA THR A 87 -39.83 8.95 14.49
C THR A 87 -38.37 8.57 14.74
N ASN A 88 -37.46 9.16 13.95
CA ASN A 88 -36.07 8.68 13.87
C ASN A 88 -35.04 9.75 13.56
N GLN A 89 -33.83 9.56 14.11
CA GLN A 89 -32.62 10.20 13.60
C GLN A 89 -32.56 9.98 12.07
N ARG A 90 -32.45 11.06 11.31
CA ARG A 90 -32.51 10.99 9.87
C ARG A 90 -31.13 10.62 9.31
N GLU A 91 -31.05 10.34 8.00
CA GLU A 91 -29.76 10.17 7.29
C GLU A 91 -28.96 8.91 7.64
N THR A 92 -29.03 8.46 8.89
CA THR A 92 -28.40 7.22 9.28
C THR A 92 -28.93 6.12 8.38
N THR A 93 -28.02 5.33 7.82
CA THR A 93 -28.37 4.41 6.73
C THR A 93 -27.94 3.00 7.06
N VAL A 94 -28.89 2.09 6.88
CA VAL A 94 -28.78 0.66 7.15
C VAL A 94 -28.79 -0.17 5.84
N ALA A 95 -27.86 -1.12 5.71
CA ALA A 95 -27.84 -2.08 4.60
C ALA A 95 -28.13 -3.48 5.10
N TRP A 96 -29.18 -4.08 4.57
CA TRP A 96 -29.52 -5.43 4.97
C TRP A 96 -29.97 -6.29 3.79
N ASP A 97 -29.97 -7.59 4.07
CA ASP A 97 -30.16 -8.61 3.08
C ASP A 97 -31.61 -9.11 3.15
N ARG A 98 -32.27 -9.07 2.01
CA ARG A 98 -33.67 -9.50 1.82
C ARG A 98 -34.00 -10.95 2.27
N VAL A 99 -33.00 -11.84 2.34
CA VAL A 99 -33.24 -13.26 2.69
C VAL A 99 -32.72 -13.64 4.10
N THR A 100 -31.55 -13.14 4.50
CA THR A 100 -31.08 -13.37 5.89
C THR A 100 -31.88 -12.49 6.85
N LYS A 101 -32.50 -11.45 6.30
CA LYS A 101 -33.36 -10.54 7.05
C LYS A 101 -32.57 -9.70 8.08
N GLU A 102 -31.32 -9.39 7.75
CA GLU A 102 -30.33 -8.94 8.74
C GLU A 102 -29.27 -8.02 8.12
N PRO A 103 -28.62 -7.16 8.93
CA PRO A 103 -27.65 -6.23 8.34
C PRO A 103 -26.38 -6.89 7.81
N LEU A 104 -25.76 -6.23 6.82
CA LEU A 104 -24.47 -6.65 6.25
C LEU A 104 -23.29 -5.86 6.84
N CYS A 105 -23.56 -4.89 7.71
CA CYS A 105 -22.52 -4.13 8.38
C CYS A 105 -23.26 -3.26 9.35
N TYR A 106 -22.52 -2.49 10.14
CA TYR A 106 -23.16 -1.54 11.03
C TYR A 106 -23.66 -0.36 10.22
N ALA A 107 -24.36 0.57 10.86
CA ALA A 107 -25.00 1.67 10.12
C ALA A 107 -24.29 3.00 10.33
N PRO A 108 -23.66 3.53 9.27
CA PRO A 108 -23.10 4.87 9.37
C PRO A 108 -24.15 5.92 9.78
N VAL A 109 -23.85 6.67 10.84
CA VAL A 109 -24.76 7.67 11.43
C VAL A 109 -24.74 9.02 10.69
N TRP A 110 -25.81 9.80 10.80
CA TRP A 110 -25.88 11.08 10.14
C TRP A 110 -24.59 11.89 10.18
N ASN A 111 -23.96 12.00 11.35
CA ASN A 111 -22.79 12.89 11.49
C ASN A 111 -21.44 12.19 11.26
N ASP A 112 -21.49 10.96 10.77
CA ASP A 112 -20.33 10.22 10.35
C ASP A 112 -19.59 10.86 9.13
N LEU A 113 -18.27 10.94 9.25
CA LEU A 113 -17.44 11.65 8.27
C LEU A 113 -16.63 10.72 7.38
N ARG A 114 -16.92 9.43 7.39
CA ARG A 114 -16.23 8.49 6.49
C ARG A 114 -16.51 8.74 5.00
N THR A 115 -17.62 9.43 4.71
CA THR A 115 -18.06 9.68 3.35
C THR A 115 -17.39 10.91 2.75
N TYR A 116 -16.44 11.50 3.47
CA TYR A 116 -15.75 12.71 3.04
C TYR A 116 -15.23 12.61 1.59
N ASP A 117 -14.34 11.65 1.34
CA ASP A 117 -13.72 11.51 0.03
C ASP A 117 -14.78 11.40 -1.05
N ILE A 118 -15.76 10.52 -0.84
CA ILE A 118 -16.84 10.31 -1.80
C ILE A 118 -17.56 11.61 -2.21
N THR A 119 -17.73 12.55 -1.29
CA THR A 119 -18.45 13.78 -1.58
C THR A 119 -17.58 14.79 -2.32
N LYS A 120 -16.26 14.73 -2.11
CA LYS A 120 -15.32 15.54 -2.90
C LYS A 120 -15.31 15.03 -4.34
N LYS A 121 -15.21 13.72 -4.47
CA LYS A 121 -15.28 13.07 -5.78
C LYS A 121 -16.58 13.51 -6.46
N VAL A 122 -17.72 13.36 -5.78
CA VAL A 122 -19.02 13.73 -6.37
C VAL A 122 -19.09 15.23 -6.78
N THR A 123 -18.62 16.13 -5.91
CA THR A 123 -18.62 17.56 -6.23
C THR A 123 -17.84 17.87 -7.51
N ALA A 124 -16.62 17.36 -7.62
CA ALA A 124 -15.82 17.55 -8.82
C ALA A 124 -16.32 16.69 -10.00
N GLU A 125 -16.21 15.37 -9.89
CA GLU A 125 -16.56 14.46 -11.00
C GLU A 125 -18.02 14.49 -11.46
N LEU A 126 -18.92 15.13 -10.73
CA LEU A 126 -20.31 15.26 -11.19
C LEU A 126 -20.88 16.67 -11.09
N GLY A 127 -20.26 17.55 -10.34
CA GLY A 127 -20.73 18.92 -10.20
C GLY A 127 -19.86 19.97 -10.85
N GLY A 128 -18.69 19.57 -11.35
CA GLY A 128 -17.69 20.50 -11.85
C GLY A 128 -17.17 21.47 -10.79
N GLY A 129 -17.20 21.04 -9.53
CA GLY A 129 -16.80 21.90 -8.40
C GLY A 129 -17.96 22.61 -7.69
N ASP A 130 -19.18 22.42 -8.21
CA ASP A 130 -20.39 23.02 -7.62
C ASP A 130 -21.17 22.03 -6.75
N SER A 131 -21.07 22.15 -5.44
CA SER A 131 -21.75 21.20 -4.54
C SER A 131 -23.29 21.31 -4.61
N MET A 132 -23.76 22.39 -5.26
CA MET A 132 -25.18 22.69 -5.39
C MET A 132 -25.75 22.24 -6.72
N PHE A 133 -24.99 21.43 -7.45
CA PHE A 133 -25.39 21.04 -8.79
C PHE A 133 -26.75 20.34 -8.83
N ALA A 134 -27.07 19.55 -7.81
CA ALA A 134 -28.35 18.83 -7.80
C ALA A 134 -29.33 19.33 -6.76
N SER A 135 -29.05 20.49 -6.20
CA SER A 135 -29.90 21.11 -5.20
C SER A 135 -31.31 21.42 -5.66
N LYS A 136 -31.51 21.63 -6.94
CA LYS A 136 -32.85 21.90 -7.50
C LYS A 136 -33.66 20.61 -7.63
N ILE A 137 -32.98 19.47 -7.71
CA ILE A 137 -33.67 18.20 -7.63
C ILE A 137 -33.90 17.85 -6.15
N THR A 138 -32.83 17.82 -5.37
CA THR A 138 -32.89 17.24 -4.05
C THR A 138 -33.27 18.21 -2.96
N GLY A 139 -33.00 19.50 -3.22
CA GLY A 139 -33.10 20.54 -2.20
C GLY A 139 -31.86 20.64 -1.34
N LEU A 140 -30.81 19.89 -1.69
CA LEU A 140 -29.68 19.66 -0.79
C LEU A 140 -28.33 19.92 -1.42
N PRO A 141 -27.36 20.37 -0.63
CA PRO A 141 -25.97 20.41 -1.08
C PRO A 141 -25.34 19.02 -1.00
N VAL A 142 -24.28 18.81 -1.74
CA VAL A 142 -23.47 17.62 -1.53
C VAL A 142 -22.82 17.74 -0.16
N SER A 143 -23.03 16.73 0.66
CA SER A 143 -22.54 16.74 2.03
C SER A 143 -22.41 15.32 2.59
N THR A 144 -21.61 15.17 3.64
CA THR A 144 -21.38 13.86 4.21
C THR A 144 -22.59 13.32 4.93
N TYR A 145 -23.58 14.17 5.22
CA TYR A 145 -24.73 13.74 5.99
C TYR A 145 -25.65 12.80 5.25
N PHE A 146 -25.91 13.09 3.98
CA PHE A 146 -27.01 12.44 3.27
C PHE A 146 -26.73 11.01 2.84
N ALA A 147 -27.80 10.24 2.75
CA ALA A 147 -27.74 8.78 2.76
C ALA A 147 -27.10 8.15 1.52
N ALA A 148 -27.40 8.66 0.33
CA ALA A 148 -26.77 8.12 -0.88
C ALA A 148 -25.28 7.95 -0.71
N PHE A 149 -24.62 8.89 -0.05
CA PHE A 149 -23.18 8.83 0.06
C PHE A 149 -22.74 7.71 0.97
N LYS A 150 -23.51 7.47 2.04
CA LYS A 150 -23.29 6.34 2.93
C LYS A 150 -23.68 5.02 2.27
N MET A 151 -24.59 5.09 1.30
CA MET A 151 -24.98 3.95 0.51
C MET A 151 -23.83 3.62 -0.46
N ARG A 152 -23.34 4.68 -1.13
CA ARG A 152 -22.20 4.57 -2.03
C ARG A 152 -21.01 4.00 -1.26
N TRP A 153 -20.75 4.53 -0.06
CA TRP A 153 -19.61 4.07 0.72
C TRP A 153 -19.69 2.58 1.09
N MET A 154 -20.85 2.12 1.52
CA MET A 154 -21.00 0.70 1.84
C MET A 154 -20.94 -0.22 0.58
N LEU A 155 -21.45 0.27 -0.55
CA LEU A 155 -21.38 -0.48 -1.82
C LEU A 155 -19.93 -0.69 -2.22
N GLU A 156 -19.17 0.39 -2.13
CA GLU A 156 -17.78 0.40 -2.52
C GLU A 156 -16.88 -0.34 -1.55
N ASN A 157 -17.21 -0.32 -0.25
CA ASN A 157 -16.25 -0.72 0.82
C ASN A 157 -16.61 -1.89 1.73
N VAL A 158 -17.78 -2.47 1.55
CA VAL A 158 -18.26 -3.51 2.43
C VAL A 158 -18.59 -4.66 1.50
N PRO A 159 -17.62 -5.55 1.27
CA PRO A 159 -17.79 -6.63 0.29
C PRO A 159 -19.16 -7.36 0.39
N ALA A 160 -19.66 -7.61 1.60
CA ALA A 160 -21.00 -8.22 1.80
C ALA A 160 -22.14 -7.41 1.15
N VAL A 161 -22.06 -6.07 1.22
CA VAL A 161 -23.06 -5.19 0.57
C VAL A 161 -22.95 -5.29 -0.96
N ALA A 162 -21.73 -5.16 -1.48
CA ALA A 162 -21.48 -5.36 -2.91
C ALA A 162 -22.09 -6.67 -3.38
N ASP A 163 -21.73 -7.77 -2.69
CA ASP A 163 -22.24 -9.10 -3.01
C ASP A 163 -23.77 -9.16 -3.05
N ALA A 164 -24.39 -8.63 -2.00
CA ALA A 164 -25.84 -8.71 -1.88
C ALA A 164 -26.54 -8.02 -3.05
N CYS A 165 -25.97 -6.89 -3.48
CA CYS A 165 -26.49 -6.17 -4.64
C CYS A 165 -26.42 -7.06 -5.89
N ARG A 166 -25.31 -7.76 -6.03
CA ARG A 166 -25.05 -8.65 -7.18
C ARG A 166 -26.08 -9.80 -7.26
N ARG A 167 -26.40 -10.41 -6.11
CA ARG A 167 -27.46 -11.44 -6.01
C ARG A 167 -28.90 -10.90 -6.11
N GLY A 168 -29.06 -9.58 -6.06
CA GLY A 168 -30.38 -8.93 -6.08
C GLY A 168 -31.12 -8.96 -4.75
N THR A 169 -30.36 -9.02 -3.63
CA THR A 169 -30.95 -9.20 -2.31
C THR A 169 -30.72 -8.02 -1.33
N LEU A 170 -30.05 -6.97 -1.79
CA LEU A 170 -29.72 -5.86 -0.91
C LEU A 170 -30.87 -4.88 -0.73
N CYS A 171 -31.12 -4.57 0.54
CA CYS A 171 -31.98 -3.45 0.93
C CYS A 171 -31.17 -2.35 1.62
N PHE A 172 -31.27 -1.12 1.10
CA PHE A 172 -30.87 0.09 1.85
C PHE A 172 -32.09 0.75 2.48
N GLY A 173 -31.86 1.49 3.54
CA GLY A 173 -32.93 2.23 4.15
C GLY A 173 -32.47 3.05 5.32
N THR A 174 -33.07 4.23 5.45
CA THR A 174 -32.92 5.04 6.66
C THR A 174 -33.67 4.32 7.79
N ILE A 175 -33.46 4.76 9.02
CA ILE A 175 -33.92 4.00 10.23
C ILE A 175 -35.42 3.71 10.27
N ASP A 176 -36.25 4.64 9.77
CA ASP A 176 -37.70 4.42 9.66
C ASP A 176 -37.99 3.12 8.89
N THR A 177 -37.31 3.01 7.75
CA THR A 177 -37.52 1.94 6.82
C THR A 177 -37.14 0.61 7.47
N TRP A 178 -35.98 0.60 8.16
CA TRP A 178 -35.48 -0.57 8.86
C TRP A 178 -36.39 -1.02 10.01
N LEU A 179 -36.75 -0.07 10.87
CA LEU A 179 -37.69 -0.34 11.95
C LEU A 179 -38.99 -0.93 11.39
N MET A 180 -39.56 -0.28 10.38
CA MET A 180 -40.81 -0.78 9.82
C MET A 180 -40.63 -2.13 9.13
N TYR A 181 -39.45 -2.41 8.61
CA TYR A 181 -39.18 -3.71 8.00
C TYR A 181 -39.15 -4.85 9.05
N LYS A 182 -38.43 -4.65 10.16
CA LYS A 182 -38.26 -5.70 11.15
C LYS A 182 -39.49 -5.92 12.01
N LEU A 183 -40.13 -4.82 12.42
CA LEU A 183 -41.45 -4.87 13.07
C LEU A 183 -42.47 -5.60 12.20
N SER A 184 -42.40 -5.38 10.87
CA SER A 184 -43.25 -6.06 9.88
C SER A 184 -43.07 -7.58 9.78
N GLY A 185 -41.95 -8.09 10.32
CA GLY A 185 -41.54 -9.46 10.10
C GLY A 185 -40.79 -9.63 8.79
N GLY A 186 -40.52 -8.52 8.10
CA GLY A 186 -39.89 -8.58 6.79
C GLY A 186 -40.90 -8.31 5.66
N LYS A 187 -42.16 -8.09 6.01
CA LYS A 187 -43.14 -7.68 5.04
C LYS A 187 -42.84 -6.28 4.46
N ALA A 188 -43.14 -5.22 5.21
CA ALA A 188 -43.04 -3.85 4.67
C ALA A 188 -41.63 -3.40 4.32
N PHE A 189 -41.48 -2.80 3.14
CA PHE A 189 -40.22 -2.20 2.72
C PHE A 189 -40.52 -0.80 2.20
N VAL A 190 -40.70 0.13 3.14
CA VAL A 190 -41.26 1.47 2.88
C VAL A 190 -40.52 2.57 3.62
N THR A 191 -40.72 3.79 3.16
CA THR A 191 -40.12 4.97 3.79
C THR A 191 -41.11 6.10 3.61
N ASP A 192 -40.99 7.12 4.45
CA ASP A 192 -41.88 8.27 4.34
C ASP A 192 -41.14 9.42 3.65
N VAL A 193 -41.91 10.31 3.03
CA VAL A 193 -41.37 11.43 2.27
C VAL A 193 -40.34 12.34 2.99
N THR A 194 -40.45 12.47 4.32
CA THR A 194 -39.49 13.31 5.07
C THR A 194 -38.16 12.57 5.19
N ASN A 195 -38.18 11.26 5.49
CA ASN A 195 -36.93 10.52 5.49
C ASN A 195 -36.32 10.43 4.09
N ALA A 196 -37.13 10.10 3.08
CA ALA A 196 -36.66 9.99 1.71
C ALA A 196 -36.01 11.29 1.19
N SER A 197 -36.47 12.45 1.68
CA SER A 197 -35.92 13.75 1.26
C SER A 197 -34.53 14.05 1.82
N ARG A 198 -33.98 13.13 2.59
CA ARG A 198 -32.67 13.31 3.18
C ARG A 198 -31.69 12.31 2.62
N THR A 199 -32.12 11.59 1.57
CA THR A 199 -31.30 10.57 0.92
C THR A 199 -30.36 11.13 -0.15
N PHE A 200 -30.74 12.26 -0.73
CA PHE A 200 -30.09 12.80 -1.95
C PHE A 200 -30.49 12.03 -3.24
N LEU A 201 -31.48 11.12 -3.13
CA LEU A 201 -32.00 10.37 -4.25
C LEU A 201 -33.43 10.76 -4.61
N MET A 202 -34.06 11.67 -3.88
CA MET A 202 -35.47 11.99 -4.08
C MET A 202 -35.61 13.32 -4.77
N ASP A 203 -36.59 13.40 -5.66
CA ASP A 203 -36.86 14.62 -6.40
C ASP A 203 -37.83 15.35 -5.52
N LEU A 204 -37.43 16.50 -5.00
CA LEU A 204 -38.27 17.20 -4.04
C LEU A 204 -39.67 17.39 -4.55
N ARG A 205 -39.78 17.81 -5.81
CA ARG A 205 -41.08 18.20 -6.37
C ARG A 205 -42.02 17.02 -6.56
N THR A 206 -41.55 15.89 -7.09
CA THR A 206 -42.44 14.76 -7.35
C THR A 206 -42.53 13.81 -6.17
N ARG A 207 -41.50 13.81 -5.31
CA ARG A 207 -41.38 12.85 -4.21
C ARG A 207 -41.27 11.43 -4.73
N LYS A 208 -40.46 11.26 -5.76
CA LYS A 208 -40.20 9.96 -6.31
C LYS A 208 -38.70 9.80 -6.36
N TRP A 209 -38.23 8.56 -6.38
CA TRP A 209 -36.82 8.34 -6.63
C TRP A 209 -36.47 8.92 -8.01
N SER A 210 -35.41 9.72 -8.05
CA SER A 210 -34.92 10.32 -9.27
C SER A 210 -34.10 9.28 -9.99
N PRO A 211 -34.58 8.79 -11.15
CA PRO A 211 -33.77 7.78 -11.84
C PRO A 211 -32.40 8.32 -12.26
N GLU A 212 -32.33 9.60 -12.63
CA GLU A 212 -31.06 10.22 -13.03
C GLU A 212 -30.00 10.16 -11.94
N LEU A 213 -30.35 10.63 -10.73
CA LEU A 213 -29.42 10.66 -9.59
C LEU A 213 -29.02 9.27 -9.10
N CYS A 214 -29.97 8.36 -9.04
CA CYS A 214 -29.65 6.96 -8.74
C CYS A 214 -28.66 6.43 -9.78
N GLU A 215 -28.98 6.64 -11.06
CA GLU A 215 -28.08 6.31 -12.18
C GLU A 215 -26.70 6.98 -12.05
N LYS A 216 -26.70 8.30 -11.81
CA LYS A 216 -25.47 9.06 -11.68
C LYS A 216 -24.60 8.69 -10.49
N LEU A 217 -25.20 8.50 -9.31
CA LEU A 217 -24.45 8.09 -8.10
C LEU A 217 -24.24 6.58 -8.05
N LYS A 218 -24.78 5.88 -9.05
CA LYS A 218 -24.61 4.43 -9.18
C LYS A 218 -25.08 3.78 -7.88
N ILE A 219 -26.33 4.10 -7.53
CA ILE A 219 -27.09 3.41 -6.52
C ILE A 219 -28.28 2.83 -7.27
N PRO A 220 -28.47 1.51 -7.19
CA PRO A 220 -29.57 0.85 -7.91
C PRO A 220 -30.96 1.00 -7.31
N MET A 221 -31.91 1.46 -8.11
CA MET A 221 -33.29 1.61 -7.66
C MET A 221 -33.95 0.36 -7.09
N GLU A 222 -33.35 -0.82 -7.30
CA GLU A 222 -33.85 -2.06 -6.67
C GLU A 222 -33.53 -2.15 -5.16
N THR A 223 -32.53 -1.40 -4.70
CA THR A 223 -32.15 -1.38 -3.28
C THR A 223 -33.05 -0.50 -2.43
N LEU A 224 -33.81 0.37 -3.06
CA LEU A 224 -34.59 1.39 -2.36
C LEU A 224 -36.01 0.93 -2.12
N PRO A 225 -36.65 1.47 -1.07
CA PRO A 225 -38.02 1.08 -0.74
C PRO A 225 -39.06 2.04 -1.33
N GLU A 226 -40.32 1.74 -1.10
CA GLU A 226 -41.42 2.52 -1.63
C GLU A 226 -41.67 3.78 -0.74
N ILE A 227 -41.67 4.95 -1.36
CA ILE A 227 -41.96 6.19 -0.69
C ILE A 227 -43.45 6.37 -0.48
N ARG A 228 -43.84 6.46 0.79
CA ARG A 228 -45.23 6.74 1.16
C ARG A 228 -45.25 8.09 1.88
N SER A 229 -46.42 8.48 2.39
CA SER A 229 -46.56 9.74 3.13
C SER A 229 -46.14 9.53 4.62
N ASN A 230 -46.40 10.50 5.48
CA ASN A 230 -46.13 10.34 6.90
C ASN A 230 -47.24 9.61 7.67
N SER A 231 -48.43 9.52 7.09
CA SER A 231 -49.62 9.10 7.82
C SER A 231 -50.53 8.24 6.97
N GLU A 232 -50.51 6.93 7.22
CA GLU A 232 -51.28 5.95 6.43
C GLU A 232 -50.87 4.55 6.87
N LEU A 233 -51.55 3.51 6.37
CA LEU A 233 -51.25 2.15 6.80
C LEU A 233 -49.93 1.74 6.19
N PHE A 234 -48.91 1.59 7.05
CA PHE A 234 -47.55 1.20 6.58
C PHE A 234 -47.37 -0.29 6.68
N GLY A 235 -48.02 -0.91 7.67
CA GLY A 235 -47.83 -2.33 7.96
C GLY A 235 -48.33 -2.58 9.35
N TYR A 236 -48.10 -3.78 9.86
CA TYR A 236 -48.56 -4.16 11.19
C TYR A 236 -47.34 -4.67 11.90
N VAL A 237 -47.40 -4.69 13.24
CA VAL A 237 -46.31 -5.23 14.02
C VAL A 237 -46.51 -6.75 14.07
N GLU A 238 -45.51 -7.48 13.60
CA GLU A 238 -45.64 -8.92 13.37
C GLU A 238 -44.40 -9.68 13.85
N THR A 239 -43.73 -9.15 14.86
CA THR A 239 -42.57 -9.81 15.46
C THR A 239 -42.93 -10.16 16.89
N ASP A 240 -42.19 -11.10 17.47
CA ASP A 240 -42.31 -11.34 18.90
C ASP A 240 -40.94 -11.15 19.58
N GLU A 241 -40.12 -10.24 19.04
CA GLU A 241 -38.82 -9.92 19.64
C GLU A 241 -39.05 -9.14 20.93
N CYS A 242 -38.32 -9.51 21.97
CA CYS A 242 -38.47 -8.99 23.34
C CYS A 242 -39.92 -8.97 23.84
N GLY A 243 -40.71 -9.94 23.39
CA GLY A 243 -42.09 -10.11 23.81
C GLY A 243 -43.09 -9.07 23.31
N VAL A 244 -42.74 -8.34 22.26
CA VAL A 244 -43.51 -7.15 21.90
C VAL A 244 -44.94 -7.49 21.44
N ALA A 245 -45.10 -8.54 20.64
CA ALA A 245 -46.43 -9.02 20.17
C ALA A 245 -47.32 -9.50 21.32
N ALA A 246 -46.73 -10.28 22.22
CA ALA A 246 -47.47 -10.70 23.42
C ALA A 246 -47.95 -9.50 24.24
N ALA A 247 -47.18 -8.40 24.24
CA ALA A 247 -47.52 -7.19 24.99
C ALA A 247 -48.58 -6.33 24.30
N LEU A 248 -48.46 -6.19 22.98
CA LEU A 248 -49.49 -5.53 22.19
C LEU A 248 -50.80 -6.30 22.25
N ASN A 249 -50.71 -7.61 22.51
CA ASN A 249 -51.86 -8.50 22.71
C ASN A 249 -52.67 -8.71 21.44
N GLU A 250 -53.22 -7.62 20.90
CA GLU A 250 -53.96 -7.64 19.65
C GLU A 250 -53.02 -7.12 18.56
N ARG A 251 -53.24 -7.57 17.33
CA ARG A 251 -52.40 -7.18 16.20
C ARG A 251 -52.44 -5.65 16.09
N THR A 252 -51.26 -5.00 15.89
CA THR A 252 -51.15 -3.53 15.98
C THR A 252 -50.53 -2.85 14.73
N PRO A 253 -51.28 -1.90 14.12
CA PRO A 253 -50.86 -1.32 12.84
C PRO A 253 -49.84 -0.19 13.02
N ILE A 254 -49.01 -0.02 12.00
CA ILE A 254 -48.01 1.04 11.97
C ILE A 254 -48.53 2.04 10.95
N MET A 255 -48.78 3.27 11.41
CA MET A 255 -49.53 4.22 10.60
C MET A 255 -48.94 5.62 10.63
N GLY A 256 -47.68 5.72 11.03
CA GLY A 256 -47.00 7.00 11.11
C GLY A 256 -45.52 6.80 11.01
N SER A 257 -44.89 7.59 10.17
CA SER A 257 -43.46 7.55 10.00
C SER A 257 -42.98 8.92 9.59
N ILE A 258 -42.00 9.48 10.31
CA ILE A 258 -41.62 10.89 10.11
C ILE A 258 -40.25 11.19 10.70
N GLY A 259 -39.37 11.78 9.89
CA GLY A 259 -38.03 12.15 10.39
C GLY A 259 -38.11 13.07 11.60
N ASP A 260 -37.22 12.89 12.57
CA ASP A 260 -37.30 13.62 13.85
C ASP A 260 -37.52 15.12 13.78
N GLN A 261 -36.71 15.85 13.03
CA GLN A 261 -36.90 17.29 12.95
C GLN A 261 -38.28 17.67 12.43
N GLN A 262 -38.73 16.97 11.39
CA GLN A 262 -40.07 17.22 10.81
C GLN A 262 -41.16 16.76 11.79
N SER A 263 -40.83 15.78 12.63
CA SER A 263 -41.77 15.28 13.62
C SER A 263 -41.96 16.33 14.70
N ALA A 264 -40.87 16.96 15.12
CA ALA A 264 -40.96 18.10 16.07
C ALA A 264 -41.74 19.25 15.45
N LEU A 265 -41.55 19.51 14.16
CA LEU A 265 -42.37 20.51 13.44
C LEU A 265 -43.87 20.21 13.48
N PHE A 266 -44.23 18.96 13.24
CA PHE A 266 -45.63 18.50 13.24
C PHE A 266 -46.18 18.48 14.66
N GLY A 267 -45.43 17.90 15.59
CA GLY A 267 -45.80 17.86 17.00
C GLY A 267 -45.94 19.23 17.65
N ASN A 268 -45.25 20.22 17.12
CA ASN A 268 -45.49 21.60 17.52
C ASN A 268 -46.59 22.28 16.70
N MET A 269 -47.38 21.50 15.95
CA MET A 269 -48.55 22.03 15.27
C MET A 269 -48.24 23.10 14.20
N CYS A 270 -47.03 23.09 13.62
CA CYS A 270 -46.68 24.11 12.63
C CYS A 270 -47.27 23.78 11.24
N PHE A 271 -48.60 23.79 11.17
CA PHE A 271 -49.30 23.30 10.00
C PHE A 271 -49.48 24.31 8.88
N GLU A 272 -49.56 25.61 9.19
CA GLU A 272 -49.74 26.65 8.16
C GLU A 272 -48.37 27.16 7.65
N LYS A 273 -48.37 27.79 6.48
CA LYS A 273 -47.16 28.43 5.96
C LYS A 273 -46.75 29.64 6.83
N GLY A 274 -45.47 29.76 7.13
CA GLY A 274 -44.95 30.79 8.02
C GLY A 274 -44.78 30.37 9.47
N GLU A 275 -45.27 29.18 9.81
CA GLU A 275 -45.11 28.63 11.16
C GLU A 275 -43.79 27.86 11.26
N ALA A 276 -43.04 28.07 12.35
CA ALA A 276 -41.74 27.41 12.53
C ALA A 276 -41.50 26.88 13.95
N LYS A 277 -40.57 25.94 14.05
CA LYS A 277 -40.10 25.41 15.32
C LYS A 277 -38.61 25.55 15.43
N ASN A 278 -38.11 25.78 16.64
CA ASN A 278 -36.69 25.64 16.90
C ASN A 278 -36.48 24.75 18.06
N THR A 279 -35.72 23.68 17.85
CA THR A 279 -35.21 22.89 18.97
C THR A 279 -33.92 23.54 19.44
N TYR A 280 -33.92 24.01 20.70
CA TYR A 280 -32.69 24.44 21.38
C TYR A 280 -32.08 23.24 22.14
N GLY A 281 -31.30 22.40 21.44
CA GLY A 281 -30.50 21.32 22.05
C GLY A 281 -29.01 21.66 22.15
N THR A 282 -28.13 20.69 21.87
CA THR A 282 -26.67 20.92 21.71
C THR A 282 -26.41 21.93 20.60
N GLY A 283 -27.13 21.72 19.50
CA GLY A 283 -27.21 22.70 18.45
C GLY A 283 -28.66 23.09 18.35
N CYS A 284 -28.94 23.97 17.39
CA CYS A 284 -30.30 24.38 17.08
C CYS A 284 -30.61 23.82 15.70
N PHE A 285 -31.82 23.29 15.54
CA PHE A 285 -32.37 23.00 14.24
C PHE A 285 -33.62 23.81 14.13
N LEU A 286 -33.67 24.71 13.15
CA LEU A 286 -34.89 25.48 12.93
C LEU A 286 -35.53 25.01 11.61
N LEU A 287 -36.83 24.75 11.66
CA LEU A 287 -37.59 24.38 10.49
C LEU A 287 -38.78 25.31 10.33
N MET A 288 -38.94 25.90 9.14
CA MET A 288 -40.14 26.67 8.83
C MET A 288 -40.98 25.91 7.82
N ASN A 289 -42.30 25.92 8.03
CA ASN A 289 -43.27 25.44 7.05
C ASN A 289 -43.46 26.51 5.96
N VAL A 290 -42.99 26.25 4.73
CA VAL A 290 -43.10 27.24 3.64
C VAL A 290 -44.33 27.07 2.76
N GLY A 291 -45.10 26.01 2.94
CA GLY A 291 -46.31 25.84 2.15
C GLY A 291 -46.18 24.74 1.12
N GLU A 292 -47.14 24.71 0.19
CA GLU A 292 -47.42 23.48 -0.58
C GLU A 292 -46.53 23.25 -1.79
N GLU A 293 -45.67 24.22 -2.08
CA GLU A 293 -44.69 24.08 -3.14
C GLU A 293 -43.26 24.30 -2.60
N ALA A 294 -42.33 23.52 -3.15
CA ALA A 294 -40.94 23.53 -2.72
C ALA A 294 -40.38 24.93 -2.86
N ARG A 295 -39.40 25.27 -2.02
CA ARG A 295 -38.72 26.55 -2.07
C ARG A 295 -37.24 26.31 -1.93
N PHE A 296 -36.47 26.82 -2.89
CA PHE A 296 -35.04 26.56 -2.92
C PHE A 296 -34.22 27.70 -2.38
N SER A 297 -33.18 27.35 -1.64
CA SER A 297 -32.44 28.30 -0.84
C SER A 297 -31.30 28.92 -1.63
N LYS A 298 -31.15 30.23 -1.51
CA LYS A 298 -30.00 30.96 -2.07
C LYS A 298 -29.10 31.48 -0.95
N HIS A 299 -29.27 30.90 0.25
CA HIS A 299 -28.51 31.30 1.44
C HIS A 299 -27.90 30.11 2.15
N GLY A 300 -27.83 28.97 1.46
CA GLY A 300 -27.24 27.76 2.01
C GLY A 300 -28.16 26.88 2.86
N LEU A 301 -29.37 27.38 3.13
CA LEU A 301 -30.39 26.58 3.83
C LEU A 301 -30.80 25.31 3.04
N LEU A 302 -31.38 24.37 3.76
CA LEU A 302 -31.78 23.11 3.15
C LEU A 302 -33.24 23.21 2.74
N SER A 303 -33.60 22.64 1.59
CA SER A 303 -35.02 22.53 1.24
C SER A 303 -35.40 21.09 1.53
N THR A 304 -36.53 20.89 2.21
CA THR A 304 -36.92 19.54 2.60
C THR A 304 -38.43 19.39 2.58
N VAL A 305 -38.92 18.16 2.74
CA VAL A 305 -40.34 17.97 3.00
C VAL A 305 -40.65 18.17 4.48
N GLY A 306 -41.74 18.90 4.74
CA GLY A 306 -42.19 19.18 6.10
C GLY A 306 -43.02 18.01 6.58
N PHE A 307 -44.17 17.83 5.92
CA PHE A 307 -45.02 16.68 6.18
C PHE A 307 -46.04 16.43 5.07
N GLN A 308 -46.57 15.21 5.05
CA GLN A 308 -47.64 14.83 4.15
C GLN A 308 -48.61 13.91 4.89
N VAL A 309 -49.80 14.41 5.18
CA VAL A 309 -50.81 13.63 5.85
C VAL A 309 -51.72 12.96 4.84
N GLY A 310 -51.65 11.63 4.78
CA GLY A 310 -52.49 10.81 3.89
C GLY A 310 -51.78 10.51 2.60
N ARG A 311 -52.01 9.33 2.05
CA ARG A 311 -51.35 8.94 0.80
C ARG A 311 -51.74 9.90 -0.32
N ASP A 312 -50.73 10.44 -1.01
CA ASP A 312 -50.90 11.51 -1.99
C ASP A 312 -51.75 12.71 -1.55
N GLY A 313 -52.02 12.83 -0.26
CA GLY A 313 -52.67 14.05 0.30
C GLY A 313 -51.76 15.25 0.22
N PRO A 314 -52.18 16.39 0.76
CA PRO A 314 -51.34 17.58 0.57
C PRO A 314 -49.96 17.44 1.22
N CYS A 315 -48.93 17.93 0.53
CA CYS A 315 -47.55 17.83 0.99
C CYS A 315 -46.99 19.21 1.27
N TYR A 316 -46.64 19.46 2.53
CA TYR A 316 -46.06 20.74 2.95
C TYR A 316 -44.55 20.65 2.96
N TYR A 317 -43.90 21.66 2.40
CA TYR A 317 -42.46 21.73 2.32
C TYR A 317 -41.89 22.64 3.41
N ALA A 318 -40.59 22.51 3.64
CA ALA A 318 -39.92 23.29 4.67
C ALA A 318 -38.56 23.75 4.22
N LEU A 319 -38.12 24.80 4.89
CA LEU A 319 -36.74 25.23 4.91
C LEU A 319 -36.13 24.85 6.28
N GLU A 320 -34.93 24.31 6.29
CA GLU A 320 -34.25 23.89 7.53
C GLU A 320 -32.90 24.58 7.62
N GLY A 321 -32.56 25.04 8.81
CA GLY A 321 -31.22 25.55 9.13
C GLY A 321 -30.77 25.15 10.53
N ALA A 322 -29.46 25.09 10.72
CA ALA A 322 -28.87 24.66 11.99
C ALA A 322 -28.03 25.77 12.65
N ILE A 323 -27.75 25.61 13.94
CA ILE A 323 -26.52 26.17 14.52
C ILE A 323 -25.85 25.04 15.30
N ALA A 324 -24.53 25.10 15.35
CA ALA A 324 -23.73 23.98 15.85
C ALA A 324 -23.58 24.04 17.35
N CYS A 325 -23.34 25.25 17.86
CA CYS A 325 -22.96 25.43 19.25
C CYS A 325 -23.96 26.31 20.03
N ALA A 326 -25.13 25.73 20.28
CA ALA A 326 -26.11 26.30 21.20
C ALA A 326 -25.81 25.84 22.64
N GLY A 327 -26.49 24.79 23.09
CA GLY A 327 -26.23 24.20 24.41
C GLY A 327 -24.78 23.79 24.64
N ALA A 328 -24.05 23.49 23.57
CA ALA A 328 -22.61 23.20 23.72
C ALA A 328 -21.86 24.40 24.28
N THR A 329 -22.38 25.61 24.01
CA THR A 329 -21.80 26.85 24.49
C THR A 329 -22.06 27.07 25.97
N VAL A 330 -23.30 26.86 26.40
CA VAL A 330 -23.59 26.85 27.84
C VAL A 330 -22.66 25.87 28.56
N GLU A 331 -22.62 24.64 28.04
CA GLU A 331 -21.78 23.59 28.59
C GLU A 331 -20.30 23.95 28.56
N TRP A 332 -19.80 24.40 27.42
CA TRP A 332 -18.41 24.90 27.35
C TRP A 332 -18.10 25.93 28.44
N MET A 333 -19.00 26.88 28.63
CA MET A 333 -18.77 27.93 29.64
C MET A 333 -18.65 27.28 31.02
N ARG A 334 -19.39 26.19 31.23
CA ARG A 334 -19.39 25.49 32.51
C ARG A 334 -18.10 24.73 32.70
N ARG A 335 -17.79 23.81 31.78
CA ARG A 335 -16.76 22.79 32.02
C ARG A 335 -15.35 23.32 31.61
N ASN A 336 -15.27 24.06 30.50
CA ASN A 336 -14.00 24.60 30.05
C ASN A 336 -13.57 25.90 30.73
N MET A 337 -14.52 26.76 31.10
CA MET A 337 -14.18 28.11 31.57
C MET A 337 -14.57 28.41 33.01
N ASN A 338 -15.35 27.55 33.64
CA ASN A 338 -15.66 27.72 35.06
C ASN A 338 -16.41 29.01 35.40
N LEU A 339 -17.16 29.54 34.43
CA LEU A 339 -17.98 30.72 34.65
C LEU A 339 -19.10 30.43 35.63
N PHE A 340 -19.49 29.16 35.75
CA PHE A 340 -20.48 28.73 36.77
C PHE A 340 -20.43 27.20 36.95
N SER A 341 -21.22 26.64 37.85
CA SER A 341 -21.22 25.19 38.10
C SER A 341 -22.57 24.49 37.87
N HIS A 342 -23.60 24.84 38.64
CA HIS A 342 -24.94 24.27 38.41
C HIS A 342 -25.56 24.94 37.16
N ILE A 343 -26.52 24.27 36.52
CA ILE A 343 -27.02 24.74 35.22
C ILE A 343 -28.07 25.84 35.41
N THR A 344 -28.65 25.90 36.60
CA THR A 344 -29.58 26.98 36.94
C THR A 344 -28.84 28.32 37.07
N GLU A 345 -27.54 28.26 37.37
CA GLU A 345 -26.71 29.47 37.53
C GLU A 345 -26.56 30.31 36.24
N CYS A 346 -26.68 29.65 35.10
CA CYS A 346 -26.54 30.30 33.80
C CYS A 346 -27.54 31.46 33.62
N GLU A 347 -28.83 31.16 33.73
CA GLU A 347 -29.87 32.17 33.55
C GLU A 347 -29.81 33.21 34.65
N LYS A 348 -29.42 32.78 35.84
CA LYS A 348 -29.40 33.65 37.00
C LYS A 348 -28.35 34.73 36.78
N LEU A 349 -27.16 34.31 36.34
CA LEU A 349 -26.06 35.21 36.14
C LEU A 349 -26.36 36.22 35.04
N ALA A 350 -26.94 35.75 33.95
CA ALA A 350 -27.26 36.59 32.78
C ALA A 350 -28.31 37.65 33.05
N ARG A 351 -29.24 37.35 33.97
CA ARG A 351 -30.27 38.29 34.39
C ARG A 351 -29.72 39.35 35.33
N SER A 352 -28.59 39.07 35.96
CA SER A 352 -28.09 39.96 37.01
C SER A 352 -27.48 41.23 36.42
N VAL A 353 -27.33 41.27 35.10
CA VAL A 353 -26.90 42.48 34.40
C VAL A 353 -27.98 42.89 33.40
N PRO A 354 -28.14 44.21 33.16
CA PRO A 354 -29.19 44.67 32.25
C PRO A 354 -28.89 44.42 30.75
N GLY A 355 -27.65 44.06 30.44
CA GLY A 355 -27.30 43.80 29.05
C GLY A 355 -25.83 43.52 28.93
N THR A 356 -25.39 43.34 27.70
CA THR A 356 -24.00 42.95 27.41
C THR A 356 -23.01 44.13 27.45
N GLN A 357 -23.53 45.36 27.60
CA GLN A 357 -22.75 46.63 27.71
C GLN A 357 -21.54 46.72 26.77
N GLY A 358 -21.78 46.43 25.50
CA GLY A 358 -20.75 46.56 24.49
C GLY A 358 -20.31 45.26 23.84
N ILE A 359 -20.21 44.18 24.63
CA ILE A 359 -19.50 43.00 24.16
C ILE A 359 -20.34 42.13 23.23
N VAL A 360 -19.66 41.48 22.28
CA VAL A 360 -20.26 40.37 21.53
C VAL A 360 -19.41 39.13 21.73
N PHE A 361 -20.08 38.00 21.91
CA PHE A 361 -19.46 36.71 22.04
C PHE A 361 -19.98 35.88 20.87
N VAL A 362 -19.15 35.74 19.85
CA VAL A 362 -19.47 34.87 18.70
C VAL A 362 -18.89 33.47 18.98
N PRO A 363 -19.77 32.48 19.29
CA PRO A 363 -19.32 31.17 19.72
C PRO A 363 -19.22 30.22 18.53
N ALA A 364 -18.38 30.60 17.57
CA ALA A 364 -18.19 29.87 16.33
C ALA A 364 -17.05 28.89 16.49
N PHE A 365 -17.06 28.16 17.59
CA PHE A 365 -15.98 27.22 17.94
C PHE A 365 -15.67 26.24 16.80
N SER A 366 -16.69 25.53 16.33
CA SER A 366 -16.60 24.65 15.15
C SER A 366 -16.87 25.37 13.83
N GLY A 367 -16.81 26.70 13.81
CA GLY A 367 -17.19 27.48 12.62
C GLY A 367 -18.64 27.99 12.56
N LEU A 368 -18.92 28.79 11.54
CA LEU A 368 -20.29 29.32 11.29
C LEU A 368 -21.10 28.46 10.31
N LEU A 369 -22.15 27.79 10.78
CA LEU A 369 -23.10 27.11 9.89
C LEU A 369 -24.08 28.16 9.36
N ALA A 370 -25.38 28.00 9.61
CA ALA A 370 -26.38 29.08 9.45
C ALA A 370 -26.25 29.73 8.05
N PRO A 371 -26.73 30.97 7.82
CA PRO A 371 -26.67 31.43 6.42
C PRO A 371 -25.32 32.07 6.02
N TYR A 372 -24.26 31.77 6.75
CA TYR A 372 -22.93 32.30 6.44
C TYR A 372 -21.89 31.21 6.69
N TRP A 373 -22.03 30.10 5.95
CA TRP A 373 -21.17 28.95 6.14
C TRP A 373 -19.70 29.35 6.03
N ASP A 374 -19.01 29.31 7.17
CA ASP A 374 -17.58 29.66 7.23
C ASP A 374 -16.89 28.73 8.22
N PRO A 375 -16.14 27.74 7.71
CA PRO A 375 -15.36 26.86 8.63
C PRO A 375 -14.11 27.54 9.23
N SER A 376 -13.67 28.67 8.66
CA SER A 376 -12.55 29.46 9.19
C SER A 376 -12.88 30.36 10.39
N ALA A 377 -14.17 30.47 10.73
CA ALA A 377 -14.58 31.34 11.83
C ALA A 377 -14.37 30.60 13.13
N ARG A 378 -13.84 31.28 14.13
CA ARG A 378 -13.59 30.65 15.41
C ARG A 378 -14.21 31.46 16.52
N GLY A 379 -14.12 30.94 17.74
CA GLY A 379 -14.73 31.55 18.92
C GLY A 379 -14.07 32.86 19.26
N THR A 380 -14.88 33.91 19.39
CA THR A 380 -14.32 35.24 19.63
C THR A 380 -15.21 36.12 20.51
N ILE A 381 -14.54 36.90 21.35
CA ILE A 381 -15.18 37.86 22.23
C ILE A 381 -14.56 39.23 21.94
N VAL A 382 -15.40 40.18 21.61
CA VAL A 382 -14.98 41.55 21.39
C VAL A 382 -15.69 42.45 22.38
N GLY A 383 -15.13 43.63 22.60
CA GLY A 383 -15.79 44.67 23.40
C GLY A 383 -15.51 44.76 24.89
N MET A 384 -14.70 43.86 25.44
CA MET A 384 -14.52 43.77 26.91
C MET A 384 -13.81 45.00 27.51
N THR A 385 -14.05 45.23 28.81
CA THR A 385 -13.40 46.28 29.61
C THR A 385 -13.12 45.69 30.98
N LEU A 386 -12.66 46.48 31.93
CA LEU A 386 -12.53 46.01 33.30
C LEU A 386 -13.89 45.88 34.02
N LYS A 387 -14.91 46.56 33.50
CA LYS A 387 -16.29 46.41 33.98
C LYS A 387 -16.95 45.11 33.53
N THR A 388 -16.36 44.41 32.56
CA THR A 388 -16.92 43.15 32.04
C THR A 388 -16.78 42.01 33.04
N THR A 389 -17.79 41.15 33.11
CA THR A 389 -17.84 40.03 34.05
C THR A 389 -18.40 38.79 33.39
N ARG A 390 -18.26 37.67 34.08
CA ARG A 390 -18.82 36.42 33.60
C ARG A 390 -20.32 36.55 33.38
N ALA A 391 -20.98 37.41 34.14
CA ALA A 391 -22.38 37.69 33.89
C ALA A 391 -22.62 38.19 32.46
N HIS A 392 -21.77 39.13 32.01
CA HIS A 392 -21.92 39.75 30.68
C HIS A 392 -21.61 38.75 29.59
N VAL A 393 -20.48 38.05 29.77
CA VAL A 393 -20.08 37.03 28.81
C VAL A 393 -21.17 35.97 28.71
N ILE A 394 -21.79 35.62 29.83
CA ILE A 394 -22.87 34.65 29.81
C ILE A 394 -24.07 35.20 29.06
N ARG A 395 -24.44 36.44 29.33
CA ARG A 395 -25.59 37.01 28.64
C ARG A 395 -25.38 37.15 27.13
N ALA A 396 -24.15 37.48 26.74
CA ALA A 396 -23.80 37.61 25.33
C ALA A 396 -23.92 36.28 24.60
N ALA A 397 -23.65 35.18 25.31
CA ALA A 397 -23.81 33.85 24.74
C ALA A 397 -25.26 33.53 24.46
N LEU A 398 -26.15 33.98 25.35
CA LEU A 398 -27.58 33.85 25.06
C LEU A 398 -27.94 34.70 23.85
N GLN A 399 -27.43 35.93 23.80
CA GLN A 399 -27.78 36.81 22.70
C GLN A 399 -27.31 36.23 21.38
N ALA A 400 -26.09 35.69 21.36
CA ALA A 400 -25.53 35.05 20.17
C ALA A 400 -26.45 33.99 19.60
N ILE A 401 -26.86 33.03 20.41
CA ILE A 401 -27.77 32.00 19.95
C ILE A 401 -29.00 32.63 19.28
N ALA A 402 -29.61 33.59 19.98
CA ALA A 402 -30.78 34.29 19.44
C ALA A 402 -30.47 35.06 18.15
N LEU A 403 -29.29 35.68 18.06
CA LEU A 403 -28.88 36.41 16.83
C LEU A 403 -28.66 35.52 15.61
N GLN A 404 -28.14 34.30 15.81
CA GLN A 404 -27.98 33.38 14.70
C GLN A 404 -29.31 32.89 14.18
N LEU A 405 -30.23 32.55 15.08
CA LEU A 405 -31.56 32.14 14.66
C LEU A 405 -32.24 33.23 13.85
N ASN A 406 -32.09 34.46 14.33
CA ASN A 406 -32.54 35.63 13.62
C ASN A 406 -32.05 35.70 12.20
N ASP A 407 -30.73 35.54 12.04
CA ASP A 407 -30.11 35.53 10.70
C ASP A 407 -30.64 34.38 9.86
N VAL A 408 -30.72 33.21 10.47
CA VAL A 408 -31.30 32.03 9.84
C VAL A 408 -32.73 32.32 9.41
N VAL A 409 -33.53 32.84 10.33
CA VAL A 409 -34.94 33.16 10.03
C VAL A 409 -35.05 34.22 8.93
N GLY A 410 -34.12 35.18 8.95
CA GLY A 410 -34.08 36.23 7.94
C GLY A 410 -33.91 35.66 6.56
N SER A 411 -32.97 34.72 6.43
CA SER A 411 -32.75 33.99 5.18
C SER A 411 -33.96 33.17 4.75
N MET A 412 -34.68 32.57 5.70
CA MET A 412 -35.87 31.82 5.34
C MET A 412 -36.96 32.72 4.76
N LYS A 413 -37.13 33.90 5.36
CA LYS A 413 -38.12 34.86 4.89
C LYS A 413 -37.82 35.27 3.45
N ARG A 414 -36.54 35.50 3.16
CA ARG A 414 -36.12 35.88 1.81
C ARG A 414 -36.37 34.70 0.86
N ASP A 415 -35.94 33.49 1.25
CA ASP A 415 -36.12 32.30 0.42
C ASP A 415 -37.58 31.96 0.12
N ALA A 416 -38.46 32.18 1.09
CA ALA A 416 -39.85 31.76 0.97
C ALA A 416 -40.78 32.85 0.47
N GLY A 417 -40.43 34.10 0.74
CA GLY A 417 -41.34 35.21 0.50
C GLY A 417 -42.48 35.12 1.50
N LEU A 418 -42.12 34.87 2.75
CA LEU A 418 -43.09 34.72 3.82
C LEU A 418 -42.56 35.43 5.04
N ASN A 419 -43.47 35.82 5.93
CA ASN A 419 -43.10 36.32 7.24
C ASN A 419 -43.15 35.15 8.19
N LEU A 420 -42.26 35.15 9.18
CA LEU A 420 -42.39 34.24 10.31
C LEU A 420 -43.63 34.63 11.10
N SER A 421 -44.59 33.73 11.11
CA SER A 421 -45.83 33.89 11.87
C SER A 421 -45.64 33.74 13.38
N SER A 422 -44.98 32.67 13.79
CA SER A 422 -44.67 32.45 15.20
C SER A 422 -43.66 31.34 15.33
N LEU A 423 -42.93 31.35 16.44
CA LEU A 423 -41.89 30.37 16.66
C LEU A 423 -42.21 29.54 17.89
N ARG A 424 -42.40 28.25 17.70
CA ARG A 424 -42.60 27.34 18.83
C ARG A 424 -41.24 26.76 19.15
N VAL A 425 -40.97 26.51 20.43
CA VAL A 425 -39.66 26.05 20.85
C VAL A 425 -39.77 24.80 21.68
N ASP A 426 -38.72 23.98 21.61
CA ASP A 426 -38.55 22.83 22.47
C ASP A 426 -37.05 22.69 22.68
N GLY A 427 -36.61 21.62 23.32
CA GLY A 427 -35.19 21.44 23.63
C GLY A 427 -34.91 21.93 25.04
N GLY A 428 -33.78 21.52 25.61
CA GLY A 428 -33.46 21.87 27.01
C GLY A 428 -33.41 23.36 27.20
N LEU A 429 -32.69 24.04 26.30
CA LEU A 429 -32.47 25.49 26.38
C LEU A 429 -33.70 26.38 26.20
N SER A 430 -34.83 25.80 25.79
CA SER A 430 -36.08 26.53 25.81
C SER A 430 -36.63 26.73 27.25
N LYS A 431 -36.09 25.97 28.21
CA LYS A 431 -36.40 26.22 29.64
C LYS A 431 -35.67 27.44 30.17
N ASN A 432 -34.69 27.94 29.44
CA ASN A 432 -33.99 29.18 29.81
C ASN A 432 -34.87 30.37 29.43
N GLY A 433 -35.61 30.88 30.43
CA GLY A 433 -36.62 31.90 30.22
C GLY A 433 -36.10 33.15 29.56
N LEU A 434 -34.88 33.55 29.94
CA LEU A 434 -34.25 34.77 29.42
C LEU A 434 -33.91 34.64 27.94
N LEU A 435 -33.53 33.44 27.51
CA LEU A 435 -33.15 33.22 26.12
C LEU A 435 -34.38 33.32 25.23
N MET A 436 -35.51 32.82 25.71
CA MET A 436 -36.76 32.94 24.97
C MET A 436 -37.22 34.40 24.90
N GLU A 437 -36.97 35.15 25.96
CA GLU A 437 -37.35 36.56 25.99
C GLU A 437 -36.51 37.36 25.01
N ILE A 438 -35.20 37.20 25.09
CA ILE A 438 -34.31 37.81 24.13
C ILE A 438 -34.70 37.43 22.70
N GLN A 439 -35.08 36.17 22.49
CA GLN A 439 -35.42 35.68 21.15
C GLN A 439 -36.72 36.30 20.59
N ALA A 440 -37.74 36.41 21.43
CA ALA A 440 -38.98 37.10 21.06
C ALA A 440 -38.73 38.56 20.68
N SER A 441 -38.00 39.26 21.56
CA SER A 441 -37.58 40.63 21.29
C SER A 441 -36.91 40.82 19.93
N LEU A 442 -35.94 39.98 19.58
CA LEU A 442 -35.28 40.09 18.27
C LEU A 442 -36.17 39.74 17.09
N LEU A 443 -36.97 38.67 17.18
CA LEU A 443 -37.79 38.23 16.01
C LEU A 443 -39.09 39.03 15.84
N GLY A 444 -39.50 39.75 16.87
CA GLY A 444 -40.77 40.46 16.84
C GLY A 444 -41.96 39.57 16.54
N VAL A 445 -41.92 38.33 17.02
CA VAL A 445 -43.08 37.43 16.98
C VAL A 445 -43.20 36.73 18.32
N ASP A 446 -44.40 36.22 18.62
CA ASP A 446 -44.60 35.39 19.82
C ASP A 446 -43.83 34.05 19.79
N ILE A 447 -43.15 33.77 20.88
CA ILE A 447 -42.56 32.46 21.08
C ILE A 447 -43.45 31.55 21.96
N LEU A 448 -43.73 30.37 21.44
CA LEU A 448 -44.58 29.44 22.15
C LEU A 448 -43.76 28.32 22.79
N VAL A 449 -43.85 28.22 24.12
CA VAL A 449 -43.19 27.15 24.87
C VAL A 449 -44.25 26.14 25.38
N PRO A 450 -44.24 24.90 24.87
CA PRO A 450 -45.16 23.89 25.38
C PRO A 450 -44.64 23.25 26.65
N SER A 451 -45.53 23.07 27.63
CA SER A 451 -45.19 22.45 28.89
C SER A 451 -45.01 20.94 28.70
N MET A 452 -45.87 20.33 27.87
CA MET A 452 -45.61 18.97 27.35
C MET A 452 -44.53 19.09 26.29
N HIS A 453 -43.29 18.81 26.67
CA HIS A 453 -42.14 19.11 25.81
C HIS A 453 -41.67 17.92 24.95
N GLU A 454 -42.49 16.88 24.94
CA GLU A 454 -42.18 15.63 24.25
C GLU A 454 -42.63 15.70 22.77
N THR A 455 -42.22 16.78 22.10
CA THR A 455 -42.81 17.18 20.81
C THR A 455 -42.43 16.31 19.62
N THR A 456 -41.19 15.82 19.59
CA THR A 456 -40.73 14.87 18.57
C THR A 456 -41.57 13.59 18.59
N ALA A 457 -41.73 13.01 19.78
CA ALA A 457 -42.50 11.78 19.95
C ALA A 457 -43.95 12.00 19.54
N LEU A 458 -44.49 13.17 19.87
CA LEU A 458 -45.88 13.49 19.57
C LEU A 458 -46.15 13.60 18.07
N GLY A 459 -45.20 14.15 17.33
CA GLY A 459 -45.39 14.30 15.89
C GLY A 459 -45.75 12.97 15.28
N ALA A 460 -44.97 11.95 15.65
CA ALA A 460 -45.17 10.60 15.10
C ALA A 460 -46.48 10.00 15.62
N ALA A 461 -46.85 10.34 16.86
CA ALA A 461 -48.07 9.84 17.50
C ALA A 461 -49.28 10.44 16.81
N LEU A 462 -49.19 11.71 16.50
CA LEU A 462 -50.25 12.39 15.76
C LEU A 462 -50.44 11.82 14.35
N CYS A 463 -49.35 11.55 13.64
CA CYS A 463 -49.47 10.97 12.29
C CYS A 463 -50.21 9.63 12.34
N ALA A 464 -49.81 8.78 13.29
CA ALA A 464 -50.44 7.50 13.46
C ALA A 464 -51.91 7.63 13.87
N GLY A 465 -52.18 8.58 14.75
CA GLY A 465 -53.53 8.79 15.28
C GLY A 465 -54.52 9.36 14.29
N LEU A 466 -54.06 10.29 13.47
CA LEU A 466 -54.86 10.83 12.39
C LEU A 466 -55.20 9.71 11.41
N ALA A 467 -54.18 8.96 11.00
CA ALA A 467 -54.37 7.84 10.07
C ALA A 467 -55.30 6.78 10.64
N ALA A 468 -55.31 6.61 11.95
CA ALA A 468 -56.13 5.58 12.61
C ALA A 468 -57.48 6.11 13.08
N GLY A 469 -57.70 7.42 12.97
CA GLY A 469 -58.97 8.01 13.36
C GLY A 469 -59.14 8.21 14.85
N VAL A 470 -58.04 8.38 15.59
CA VAL A 470 -58.10 8.79 16.99
C VAL A 470 -58.40 10.29 17.04
N TRP A 471 -57.76 11.07 16.17
CA TRP A 471 -58.10 12.47 15.93
C TRP A 471 -58.47 12.61 14.43
N THR A 472 -59.47 13.44 14.10
CA THR A 472 -60.07 13.39 12.77
C THR A 472 -59.56 14.46 11.83
N SER A 473 -58.97 15.51 12.36
CA SER A 473 -58.45 16.59 11.54
C SER A 473 -57.33 17.28 12.28
N LEU A 474 -56.65 18.18 11.58
CA LEU A 474 -55.58 18.99 12.18
C LEU A 474 -56.16 20.10 13.06
N GLU A 475 -57.40 20.48 12.77
CA GLU A 475 -58.10 21.48 13.57
C GLU A 475 -58.41 20.88 14.93
N GLU A 476 -59.00 19.69 14.94
CA GLU A 476 -59.16 18.94 16.19
C GLU A 476 -57.83 18.77 16.90
N VAL A 477 -56.77 18.40 16.17
CA VAL A 477 -55.48 18.16 16.78
C VAL A 477 -55.03 19.43 17.49
N LYS A 478 -55.15 20.57 16.83
CA LYS A 478 -54.87 21.87 17.47
C LYS A 478 -55.78 22.18 18.66
N ALA A 479 -57.06 21.85 18.54
CA ALA A 479 -58.04 22.17 19.59
C ALA A 479 -57.69 21.48 20.90
N VAL A 480 -57.54 20.15 20.84
CA VAL A 480 -57.09 19.35 21.99
C VAL A 480 -55.81 19.91 22.65
N SER A 481 -54.78 20.22 21.86
CA SER A 481 -53.55 20.74 22.45
C SER A 481 -53.73 22.07 23.17
N ARG A 482 -54.40 23.01 22.51
CA ARG A 482 -54.65 24.32 23.10
C ARG A 482 -55.42 24.16 24.42
N ARG A 483 -56.48 23.35 24.38
CA ARG A 483 -57.26 22.96 25.57
C ARG A 483 -56.39 22.28 26.65
N GLU A 484 -55.84 21.11 26.32
CA GLU A 484 -55.27 20.19 27.31
C GLU A 484 -53.84 20.56 27.70
N ASN A 485 -52.93 20.50 26.74
CA ASN A 485 -51.50 20.66 27.02
C ASN A 485 -51.05 22.12 26.90
N SER A 486 -51.06 22.81 28.04
CA SER A 486 -50.92 24.27 28.08
C SER A 486 -49.58 24.81 27.57
N TRP A 487 -49.68 25.84 26.74
CA TRP A 487 -48.53 26.57 26.20
C TRP A 487 -48.28 27.83 27.02
N LYS A 488 -47.00 28.12 27.28
CA LYS A 488 -46.61 29.42 27.77
C LYS A 488 -46.30 30.22 26.52
N THR A 489 -46.64 31.50 26.55
CA THR A 489 -46.26 32.38 25.48
C THR A 489 -45.34 33.46 26.02
N VAL A 490 -44.44 33.89 25.15
CA VAL A 490 -43.46 34.92 25.42
C VAL A 490 -43.54 35.89 24.25
N SER A 491 -43.99 37.12 24.50
CA SER A 491 -44.05 38.16 23.47
C SER A 491 -42.79 39.01 23.45
N PRO A 492 -42.55 39.69 22.32
CA PRO A 492 -41.39 40.60 22.30
C PRO A 492 -41.52 41.66 23.37
N SER A 493 -40.43 41.96 24.07
CA SER A 493 -40.47 43.00 25.08
C SER A 493 -39.28 43.96 24.99
N GLY A 494 -38.94 44.39 23.77
CA GLY A 494 -37.83 45.33 23.55
C GLY A 494 -38.14 46.40 22.52
N SER A 495 -37.35 47.46 22.51
CA SER A 495 -37.52 48.55 21.54
C SER A 495 -36.94 48.15 20.20
N ALA A 496 -37.34 48.83 19.14
CA ALA A 496 -36.78 48.56 17.82
C ALA A 496 -35.35 49.07 17.68
N MET A 497 -34.95 50.06 18.50
CA MET A 497 -33.57 50.55 18.47
C MET A 497 -32.61 49.63 19.22
N GLU A 498 -33.09 48.99 20.29
CA GLU A 498 -32.28 47.99 21.00
C GLU A 498 -32.05 46.74 20.14
N ARG A 499 -33.07 46.40 19.37
CA ARG A 499 -33.05 45.33 18.39
C ARG A 499 -32.00 45.63 17.31
N GLU A 500 -32.13 46.79 16.69
CA GLU A 500 -31.29 47.19 15.57
C GLU A 500 -29.83 47.41 16.01
N ALA A 501 -29.62 47.85 17.25
CA ALA A 501 -28.27 48.01 17.81
C ALA A 501 -27.59 46.66 18.02
N MET A 502 -28.33 45.74 18.62
CA MET A 502 -27.80 44.42 18.95
C MET A 502 -27.42 43.69 17.65
N ILE A 503 -28.27 43.76 16.63
CA ILE A 503 -27.99 43.19 15.31
C ILE A 503 -26.83 43.92 14.60
N ALA A 504 -26.71 45.23 14.76
CA ALA A 504 -25.57 45.93 14.19
C ALA A 504 -24.23 45.55 14.88
N GLU A 505 -24.21 45.47 16.21
CA GLU A 505 -23.04 44.93 16.91
C GLU A 505 -22.70 43.49 16.47
N TRP A 506 -23.74 42.69 16.29
CA TRP A 506 -23.59 41.30 15.88
C TRP A 506 -22.89 41.23 14.52
N ARG A 507 -23.37 42.02 13.55
CA ARG A 507 -22.80 42.03 12.19
C ARG A 507 -21.36 42.56 12.16
N GLU A 508 -21.09 43.62 12.91
CA GLU A 508 -19.73 44.10 13.10
C GLU A 508 -18.82 43.02 13.69
N ALA A 509 -19.28 42.40 14.77
CA ALA A 509 -18.54 41.33 15.45
C ALA A 509 -18.21 40.14 14.53
N LEU A 510 -19.12 39.82 13.62
CA LEU A 510 -18.94 38.63 12.76
C LEU A 510 -17.75 38.78 11.81
N LYS A 511 -17.43 40.01 11.44
CA LYS A 511 -16.27 40.33 10.61
C LYS A 511 -14.92 40.05 11.30
N ARG A 512 -14.96 39.87 12.62
CA ARG A 512 -13.76 39.58 13.42
C ARG A 512 -13.49 38.11 13.69
N THR A 513 -14.34 37.21 13.20
CA THR A 513 -14.26 35.79 13.60
C THR A 513 -13.27 34.94 12.82
N LYS A 514 -12.83 35.47 11.68
CA LYS A 514 -11.99 34.74 10.74
C LYS A 514 -10.63 34.45 11.38
N TRP A 515 -10.32 33.16 11.56
CA TRP A 515 -9.07 32.77 12.21
C TRP A 515 -8.38 31.51 11.68
N ALA A 516 -9.12 30.41 11.55
CA ALA A 516 -8.54 29.08 11.42
C ALA A 516 -7.52 28.88 10.28
N LYS A 517 -6.75 27.80 10.44
CA LYS A 517 -5.52 27.48 9.70
C LYS A 517 -4.31 27.87 10.54
N PHE B 5 30.39 54.60 64.57
CA PHE B 5 30.20 53.13 64.85
C PHE B 5 28.75 52.66 64.67
N THR B 6 27.79 53.58 64.75
CA THR B 6 26.37 53.25 64.55
C THR B 6 25.89 53.48 63.11
N MET B 7 24.81 52.79 62.75
CA MET B 7 24.22 52.88 61.42
C MET B 7 23.72 54.27 61.07
N LYS B 8 24.12 54.73 59.90
CA LYS B 8 23.54 55.89 59.29
C LYS B 8 22.31 55.42 58.52
N TYR B 9 21.29 56.28 58.46
CA TYR B 9 19.99 55.94 57.90
C TYR B 9 19.48 57.04 56.97
N VAL B 10 18.85 56.63 55.87
CA VAL B 10 18.23 57.55 54.91
C VAL B 10 16.73 57.29 54.80
N GLY B 11 15.96 58.36 54.77
CA GLY B 11 14.51 58.26 54.75
C GLY B 11 13.94 58.44 53.35
N SER B 12 12.89 57.68 53.04
CA SER B 12 12.20 57.80 51.74
C SER B 12 10.67 57.90 51.87
N ILE B 13 10.10 59.03 51.46
CA ILE B 13 8.66 59.13 51.25
C ILE B 13 8.30 58.63 49.85
N ASP B 14 7.52 57.57 49.79
CA ASP B 14 6.99 57.00 48.55
C ASP B 14 5.50 57.36 48.50
N GLN B 15 5.18 58.46 47.83
CA GLN B 15 3.79 58.89 47.71
C GLN B 15 3.16 58.34 46.42
N GLY B 16 2.45 57.21 46.56
CA GLY B 16 1.83 56.50 45.44
C GLY B 16 0.42 56.96 45.11
N THR B 17 -0.15 56.36 44.08
CA THR B 17 -1.52 56.68 43.67
C THR B 17 -2.53 56.28 44.75
N THR B 18 -2.35 55.10 45.36
CA THR B 18 -3.32 54.55 46.33
C THR B 18 -2.90 54.64 47.79
N SER B 19 -1.62 54.85 48.05
CA SER B 19 -1.14 55.05 49.40
C SER B 19 0.21 55.76 49.46
N THR B 20 0.59 56.08 50.68
CA THR B 20 1.87 56.67 51.01
C THR B 20 2.63 55.73 51.96
N ARG B 21 3.94 55.68 51.81
CA ARG B 21 4.80 54.88 52.67
C ARG B 21 6.02 55.70 53.05
N PHE B 22 6.58 55.41 54.23
CA PHE B 22 7.90 55.90 54.56
C PHE B 22 8.76 54.67 54.79
N ILE B 23 9.91 54.63 54.13
CA ILE B 23 10.87 53.54 54.29
C ILE B 23 12.18 54.16 54.78
N ILE B 24 12.79 53.52 55.77
CA ILE B 24 14.08 53.95 56.26
C ILE B 24 15.10 52.88 55.86
N PHE B 25 16.06 53.30 55.05
CA PHE B 25 17.16 52.44 54.65
C PHE B 25 18.35 52.71 55.58
N ASP B 26 19.12 51.66 55.83
CA ASP B 26 20.45 51.79 56.41
C ASP B 26 21.47 51.98 55.29
N GLU B 27 22.72 52.20 55.67
CA GLU B 27 23.76 52.47 54.69
C GLU B 27 24.12 51.24 53.85
N ARG B 28 23.61 50.07 54.23
CA ARG B 28 23.76 48.85 53.44
C ARG B 28 22.59 48.62 52.47
N GLN B 29 21.73 49.63 52.35
CA GLN B 29 20.56 49.63 51.46
C GLN B 29 19.48 48.62 51.80
N ARG B 30 19.26 48.38 53.08
CA ARG B 30 18.18 47.51 53.52
C ARG B 30 17.05 48.33 54.15
N PRO B 31 15.80 48.04 53.76
CA PRO B 31 14.66 48.68 54.39
C PRO B 31 14.57 48.17 55.81
N VAL B 32 14.73 49.04 56.79
CA VAL B 32 14.79 48.59 58.19
C VAL B 32 13.55 48.98 58.98
N SER B 33 12.81 49.95 58.47
CA SER B 33 11.49 50.24 59.00
C SER B 33 10.59 50.78 57.86
N VAL B 34 9.34 50.34 57.87
CA VAL B 34 8.33 50.75 56.89
C VAL B 34 7.00 51.02 57.60
N HIS B 35 6.30 52.05 57.16
CA HIS B 35 4.88 52.18 57.44
C HIS B 35 4.13 52.74 56.23
N GLN B 36 2.88 52.31 56.07
CA GLN B 36 2.06 52.62 54.89
C GLN B 36 0.70 53.14 55.34
N VAL B 37 0.17 54.13 54.64
CA VAL B 37 -1.16 54.68 54.96
C VAL B 37 -1.90 54.98 53.65
N PRO B 38 -3.08 54.34 53.43
CA PRO B 38 -3.84 54.63 52.19
C PRO B 38 -4.58 55.96 52.27
N HIS B 39 -4.96 56.51 51.12
CA HIS B 39 -5.83 57.70 51.06
C HIS B 39 -6.97 57.46 50.10
N THR B 40 -7.96 58.37 50.15
CA THR B 40 -9.23 58.18 49.47
C THR B 40 -9.14 58.48 47.96
N GLN B 41 -9.66 57.54 47.16
CA GLN B 41 -9.75 57.65 45.71
C GLN B 41 -11.11 58.22 45.33
N HIS B 42 -11.22 59.55 45.38
CA HIS B 42 -12.46 60.26 45.01
C HIS B 42 -12.66 60.22 43.50
N THR B 43 -13.80 59.70 43.07
CA THR B 43 -14.17 59.69 41.64
C THR B 43 -15.53 60.39 41.40
N PRO B 44 -15.55 61.74 41.36
CA PRO B 44 -16.83 62.48 41.27
C PRO B 44 -17.69 62.22 40.03
N HIS B 45 -17.06 61.96 38.88
CA HIS B 45 -17.79 61.69 37.65
C HIS B 45 -17.13 60.52 36.95
N PRO B 46 -17.85 59.85 36.05
CA PRO B 46 -17.16 58.76 35.36
C PRO B 46 -15.86 59.25 34.71
N GLY B 47 -14.76 58.54 34.96
CA GLY B 47 -13.45 58.87 34.37
C GLY B 47 -12.60 59.90 35.11
N TRP B 48 -13.14 60.51 36.16
CA TRP B 48 -12.37 61.41 37.01
C TRP B 48 -11.71 60.67 38.19
N LEU B 49 -10.56 61.18 38.64
CA LEU B 49 -9.92 60.71 39.86
C LEU B 49 -9.13 61.86 40.47
N GLU B 50 -9.15 61.93 41.80
CA GLU B 50 -8.91 63.16 42.50
C GLU B 50 -8.43 62.84 43.95
N HIS B 51 -7.43 63.55 44.44
CA HIS B 51 -6.91 63.27 45.78
C HIS B 51 -6.95 64.47 46.68
N ASP B 52 -7.09 64.20 47.97
CA ASP B 52 -7.08 65.23 48.98
C ASP B 52 -5.61 65.44 49.35
N PRO B 53 -5.06 66.61 49.00
CA PRO B 53 -3.63 66.84 49.21
C PRO B 53 -3.25 67.02 50.66
N MET B 54 -4.17 67.47 51.50
CA MET B 54 -3.89 67.51 52.95
C MET B 54 -3.89 66.10 53.51
N GLU B 55 -4.78 65.25 53.02
CA GLU B 55 -4.78 63.83 53.34
C GLU B 55 -3.42 63.20 52.99
N ILE B 56 -2.91 63.48 51.79
CA ILE B 56 -1.61 62.96 51.37
C ILE B 56 -0.49 63.41 52.31
N PHE B 57 -0.43 64.72 52.55
CA PHE B 57 0.58 65.30 53.43
C PHE B 57 0.53 64.73 54.84
N ARG B 58 -0.65 64.63 55.42
CA ARG B 58 -0.80 63.99 56.73
C ARG B 58 -0.42 62.49 56.72
N SER B 59 -0.69 61.80 55.60
CA SER B 59 -0.30 60.41 55.47
C SER B 59 1.19 60.28 55.47
N ALA B 60 1.83 61.16 54.71
CA ALA B 60 3.28 61.16 54.62
C ALA B 60 3.83 61.28 56.03
N CYS B 61 3.25 62.22 56.78
CA CYS B 61 3.70 62.56 58.13
C CYS B 61 3.45 61.44 59.17
N LYS B 62 2.29 60.80 59.09
CA LYS B 62 2.01 59.66 59.94
C LYS B 62 3.04 58.56 59.66
N CYS B 63 3.34 58.32 58.38
CA CYS B 63 4.28 57.27 58.01
C CYS B 63 5.66 57.51 58.61
N MET B 64 6.13 58.75 58.56
CA MET B 64 7.44 59.09 59.11
C MET B 64 7.50 58.88 60.62
N SER B 65 6.44 59.27 61.34
CA SER B 65 6.44 59.16 62.81
C SER B 65 6.37 57.72 63.29
N VAL B 66 5.48 56.95 62.68
CA VAL B 66 5.37 55.54 63.03
C VAL B 66 6.61 54.75 62.59
N ALA B 67 7.14 55.04 61.42
CA ALA B 67 8.36 54.32 60.96
C ALA B 67 9.53 54.62 61.91
N ILE B 68 9.72 55.91 62.23
CA ILE B 68 10.75 56.36 63.15
C ILE B 68 10.58 55.66 64.51
N ALA B 69 9.42 55.81 65.14
CA ALA B 69 9.14 55.03 66.38
C ALA B 69 9.45 53.53 66.25
N LYS B 70 8.99 52.86 65.20
CA LYS B 70 9.30 51.41 65.08
C LYS B 70 10.82 51.11 65.03
N LEU B 71 11.61 52.04 64.45
CA LEU B 71 13.06 51.84 64.30
C LEU B 71 13.72 52.04 65.67
N ARG B 72 13.29 53.07 66.40
CA ARG B 72 13.77 53.37 67.75
C ARG B 72 13.70 52.12 68.61
N GLN B 73 12.57 51.43 68.55
CA GLN B 73 12.43 50.16 69.27
C GLN B 73 13.50 49.15 68.83
N LYS B 74 13.75 49.07 67.52
CA LYS B 74 14.71 48.12 66.92
C LYS B 74 16.17 48.52 67.19
N ASP B 75 16.42 49.83 67.23
CA ASP B 75 17.75 50.41 67.37
C ASP B 75 17.64 51.66 68.26
N ALA B 76 17.91 51.47 69.56
CA ALA B 76 17.77 52.55 70.55
C ALA B 76 18.88 53.62 70.48
N SER B 77 19.98 53.31 69.80
CA SER B 77 21.09 54.26 69.62
C SER B 77 20.82 55.27 68.49
N PHE B 78 20.34 54.77 67.36
CA PHE B 78 19.90 55.65 66.27
C PHE B 78 19.32 56.96 66.83
N ARG B 79 19.95 58.08 66.47
CA ARG B 79 19.51 59.40 66.91
C ARG B 79 18.87 60.21 65.77
N LYS B 80 19.30 59.99 64.53
CA LYS B 80 18.81 60.80 63.43
C LYS B 80 18.89 60.13 62.08
N ILE B 81 18.08 60.62 61.16
CA ILE B 81 18.11 60.18 59.79
C ILE B 81 18.97 61.19 59.08
N GLU B 82 19.94 60.70 58.33
CA GLU B 82 20.90 61.57 57.62
C GLU B 82 20.21 62.53 56.63
N ALA B 83 19.21 62.01 55.92
CA ALA B 83 18.48 62.79 54.91
C ALA B 83 17.24 62.04 54.49
N ILE B 84 16.34 62.76 53.83
CA ILE B 84 15.06 62.24 53.41
C ILE B 84 14.93 62.46 51.92
N GLY B 85 14.43 61.44 51.22
CA GLY B 85 14.18 61.51 49.78
C GLY B 85 12.69 61.39 49.51
N ILE B 86 12.20 62.05 48.46
CA ILE B 86 10.82 61.94 48.05
C ILE B 86 10.71 61.34 46.66
N THR B 87 9.90 60.28 46.54
CA THR B 87 9.40 59.81 45.24
C THR B 87 7.88 59.73 45.23
N ASN B 88 7.29 59.99 44.07
CA ASN B 88 5.88 60.33 44.00
C ASN B 88 5.25 60.00 42.67
N GLN B 89 3.97 59.65 42.72
CA GLN B 89 3.12 59.55 41.55
C GLN B 89 3.22 60.85 40.80
N ARG B 90 3.59 60.76 39.54
CA ARG B 90 3.88 61.94 38.71
C ARG B 90 2.60 62.55 38.17
N GLU B 91 2.73 63.75 37.63
CA GLU B 91 1.69 64.48 36.86
C GLU B 91 0.47 64.91 37.66
N THR B 92 0.19 64.20 38.74
CA THR B 92 -0.92 64.54 39.58
C THR B 92 -0.63 65.94 40.00
N THR B 93 -1.63 66.81 39.92
CA THR B 93 -1.39 68.24 40.08
C THR B 93 -2.20 68.95 41.16
N VAL B 94 -1.47 69.62 42.06
CA VAL B 94 -2.05 70.31 43.21
C VAL B 94 -2.02 71.83 42.97
N ALA B 95 -3.09 72.52 43.35
CA ALA B 95 -3.10 73.98 43.38
C ALA B 95 -3.24 74.49 44.81
N TRP B 96 -2.31 75.35 45.23
CA TRP B 96 -2.40 75.93 46.55
C TRP B 96 -2.06 77.42 46.61
N ASP B 97 -2.20 77.96 47.80
CA ASP B 97 -2.15 79.39 48.05
C ASP B 97 -0.93 79.77 48.90
N ARG B 98 -0.12 80.67 48.34
CA ARG B 98 1.14 81.12 48.92
C ARG B 98 1.01 81.59 50.39
N VAL B 99 -0.11 82.21 50.75
CA VAL B 99 -0.28 82.78 52.10
C VAL B 99 -1.10 81.90 53.04
N THR B 100 -2.21 81.31 52.58
CA THR B 100 -2.95 80.35 53.44
C THR B 100 -2.22 79.01 53.59
N LYS B 101 -1.33 78.70 52.64
CA LYS B 101 -0.52 77.49 52.63
C LYS B 101 -1.44 76.26 52.53
N GLU B 102 -2.60 76.46 51.92
CA GLU B 102 -3.70 75.49 51.94
C GLU B 102 -4.11 75.20 50.50
N PRO B 103 -4.57 73.98 50.20
CA PRO B 103 -5.02 73.68 48.84
C PRO B 103 -6.30 74.41 48.46
N LEU B 104 -6.40 74.82 47.18
CA LEU B 104 -7.56 75.55 46.68
C LEU B 104 -8.64 74.59 46.22
N CYS B 105 -8.27 73.34 46.01
CA CYS B 105 -9.19 72.29 45.56
C CYS B 105 -8.47 70.92 45.59
N TYR B 106 -9.19 69.86 45.26
CA TYR B 106 -8.61 68.53 45.26
C TYR B 106 -7.73 68.37 44.02
N ALA B 107 -6.77 67.45 44.10
CA ALA B 107 -5.74 67.32 43.06
C ALA B 107 -6.14 66.31 42.01
N PRO B 108 -6.33 66.76 40.76
CA PRO B 108 -6.70 65.78 39.75
C PRO B 108 -5.51 64.91 39.42
N VAL B 109 -5.76 63.60 39.34
CA VAL B 109 -4.70 62.59 39.37
C VAL B 109 -4.23 62.25 37.95
N TRP B 110 -3.04 61.67 37.83
CA TRP B 110 -2.45 61.36 36.53
C TRP B 110 -3.43 60.81 35.49
N ASN B 111 -4.19 59.75 35.82
CA ASN B 111 -5.14 59.12 34.86
C ASN B 111 -6.56 59.72 34.81
N ASP B 112 -6.75 60.87 35.44
CA ASP B 112 -8.01 61.64 35.37
C ASP B 112 -8.32 62.19 33.94
N LEU B 113 -9.59 62.14 33.51
CA LEU B 113 -9.97 62.55 32.13
C LEU B 113 -10.80 63.84 32.02
N ARG B 114 -10.91 64.64 33.09
CA ARG B 114 -11.59 65.94 32.97
C ARG B 114 -10.85 66.97 32.07
N THR B 115 -9.59 66.68 31.73
CA THR B 115 -8.77 67.51 30.84
C THR B 115 -8.90 67.13 29.36
N TYR B 116 -9.82 66.23 29.05
CA TYR B 116 -10.03 65.76 27.67
C TYR B 116 -10.36 66.93 26.70
N ASP B 117 -11.47 67.66 26.92
CA ASP B 117 -11.81 68.83 26.08
C ASP B 117 -10.58 69.69 25.83
N ILE B 118 -9.98 70.16 26.92
CA ILE B 118 -8.80 71.02 26.86
C ILE B 118 -7.68 70.39 26.04
N THR B 119 -7.58 69.07 26.05
CA THR B 119 -6.55 68.40 25.28
C THR B 119 -6.78 68.56 23.75
N LYS B 120 -8.03 68.48 23.29
CA LYS B 120 -8.33 68.57 21.85
C LYS B 120 -8.26 70.04 21.40
N LYS B 121 -8.79 70.91 22.24
CA LYS B 121 -8.66 72.36 22.08
C LYS B 121 -7.19 72.80 21.91
N VAL B 122 -6.27 72.13 22.58
CA VAL B 122 -4.85 72.45 22.50
C VAL B 122 -4.27 71.90 21.20
N THR B 123 -4.51 70.62 20.93
CA THR B 123 -4.04 70.01 19.68
C THR B 123 -4.54 70.82 18.49
N ALA B 124 -5.83 71.16 18.51
CA ALA B 124 -6.44 71.92 17.42
C ALA B 124 -5.93 73.38 17.32
N GLU B 125 -6.21 74.18 18.34
CA GLU B 125 -6.02 75.64 18.30
C GLU B 125 -4.57 76.12 18.56
N LEU B 126 -3.72 75.26 19.10
CA LEU B 126 -2.30 75.61 19.35
C LEU B 126 -1.29 74.81 18.52
N GLY B 127 -1.67 73.62 18.07
CA GLY B 127 -0.75 72.77 17.31
C GLY B 127 -1.38 72.13 16.09
N GLY B 128 -2.35 72.82 15.49
CA GLY B 128 -3.03 72.40 14.25
C GLY B 128 -3.16 70.91 13.93
N GLY B 129 -3.62 70.12 14.90
CA GLY B 129 -3.98 68.72 14.65
C GLY B 129 -2.89 67.71 14.93
N ASP B 130 -1.65 68.19 15.03
CA ASP B 130 -0.50 67.36 15.42
C ASP B 130 -0.40 67.24 16.96
N SER B 131 -0.64 66.05 17.50
CA SER B 131 -0.48 65.83 18.94
C SER B 131 0.99 65.98 19.32
N MET B 132 1.86 65.60 18.39
CA MET B 132 3.30 65.67 18.59
C MET B 132 3.93 67.04 18.28
N PHE B 133 3.10 68.08 18.16
CA PHE B 133 3.57 69.42 17.76
C PHE B 133 4.67 70.03 18.62
N ALA B 134 4.60 69.83 19.93
CA ALA B 134 5.65 70.33 20.84
C ALA B 134 6.55 69.22 21.38
N SER B 135 6.61 68.07 20.71
CA SER B 135 7.37 66.91 21.21
C SER B 135 8.90 67.05 21.18
N LYS B 136 9.40 68.12 20.55
CA LYS B 136 10.82 68.42 20.50
C LYS B 136 11.22 69.31 21.68
N ILE B 137 10.23 69.99 22.29
CA ILE B 137 10.48 70.76 23.51
C ILE B 137 10.30 69.89 24.76
N THR B 138 9.16 69.20 24.83
CA THR B 138 8.76 68.47 26.02
C THR B 138 9.15 67.00 26.03
N GLY B 139 9.20 66.40 24.84
CA GLY B 139 9.40 64.96 24.70
C GLY B 139 8.08 64.18 24.79
N LEU B 140 6.96 64.92 24.79
CA LEU B 140 5.66 64.33 25.04
C LEU B 140 4.64 64.71 23.99
N PRO B 141 3.63 63.85 23.73
CA PRO B 141 2.44 64.25 22.97
C PRO B 141 1.50 65.05 23.85
N VAL B 142 0.53 65.73 23.27
CA VAL B 142 -0.59 66.26 24.05
C VAL B 142 -1.42 65.06 24.53
N SER B 143 -1.63 64.99 25.84
CA SER B 143 -2.39 63.89 26.45
C SER B 143 -3.06 64.38 27.71
N THR B 144 -4.13 63.70 28.11
CA THR B 144 -4.85 64.07 29.35
C THR B 144 -3.97 64.03 30.61
N TYR B 145 -2.98 63.14 30.63
CA TYR B 145 -2.11 62.95 31.80
C TYR B 145 -1.40 64.21 32.34
N PHE B 146 -0.77 64.98 31.45
CA PHE B 146 0.30 65.90 31.84
C PHE B 146 -0.13 67.15 32.64
N ALA B 147 0.73 67.58 33.56
CA ALA B 147 0.30 68.57 34.59
C ALA B 147 -0.29 69.85 34.04
N ALA B 148 0.35 70.45 33.03
CA ALA B 148 -0.11 71.72 32.47
C ALA B 148 -1.58 71.75 32.05
N PHE B 149 -2.11 70.62 31.60
CA PHE B 149 -3.51 70.55 31.18
C PHE B 149 -4.45 70.48 32.37
N LYS B 150 -3.98 69.87 33.46
CA LYS B 150 -4.74 69.90 34.71
C LYS B 150 -4.71 71.30 35.26
N MET B 151 -3.55 71.96 35.15
CA MET B 151 -3.36 73.34 35.58
C MET B 151 -4.34 74.26 34.88
N ARG B 152 -4.41 74.08 33.57
CA ARG B 152 -5.33 74.81 32.72
C ARG B 152 -6.75 74.58 33.22
N TRP B 153 -7.10 73.33 33.49
CA TRP B 153 -8.49 72.99 33.86
C TRP B 153 -8.91 73.71 35.13
N MET B 154 -8.02 73.72 36.10
CA MET B 154 -8.29 74.32 37.41
C MET B 154 -8.37 75.86 37.34
N LEU B 155 -7.74 76.46 36.35
CA LEU B 155 -7.90 77.91 36.11
C LEU B 155 -9.25 78.21 35.48
N GLU B 156 -9.65 77.39 34.51
CA GLU B 156 -10.96 77.55 33.86
C GLU B 156 -12.14 77.18 34.76
N ASN B 157 -12.03 76.10 35.54
CA ASN B 157 -13.20 75.49 36.22
C ASN B 157 -13.34 75.68 37.74
N VAL B 158 -12.30 76.18 38.40
CA VAL B 158 -12.27 76.22 39.88
C VAL B 158 -12.12 77.67 40.36
N PRO B 159 -13.24 78.31 40.79
CA PRO B 159 -13.25 79.71 41.22
C PRO B 159 -12.06 80.15 42.09
N ALA B 160 -11.79 79.42 43.17
CA ALA B 160 -10.73 79.80 44.11
C ALA B 160 -9.34 79.79 43.46
N VAL B 161 -9.16 78.94 42.45
CA VAL B 161 -7.87 78.86 41.73
C VAL B 161 -7.75 80.00 40.75
N ALA B 162 -8.80 80.15 39.93
CA ALA B 162 -8.97 81.33 39.06
C ALA B 162 -8.73 82.62 39.85
N ASP B 163 -9.36 82.71 41.02
CA ASP B 163 -9.20 83.85 41.92
C ASP B 163 -7.73 84.05 42.32
N ALA B 164 -7.14 83.02 42.92
CA ALA B 164 -5.81 83.10 43.50
C ALA B 164 -4.74 83.53 42.50
N CYS B 165 -4.97 83.23 41.22
CA CYS B 165 -4.09 83.70 40.15
C CYS B 165 -4.08 85.24 40.19
N ARG B 166 -5.27 85.85 40.08
CA ARG B 166 -5.39 87.31 40.11
C ARG B 166 -4.44 87.93 41.13
N ARG B 167 -4.41 87.37 42.34
CA ARG B 167 -3.76 88.05 43.48
C ARG B 167 -2.26 87.81 43.62
N GLY B 168 -1.69 86.91 42.81
CA GLY B 168 -0.26 86.57 42.89
C GLY B 168 0.07 85.65 44.05
N THR B 169 -0.94 84.90 44.50
CA THR B 169 -0.78 83.95 45.59
C THR B 169 -0.81 82.48 45.10
N LEU B 170 -1.33 82.25 43.90
CA LEU B 170 -1.51 80.88 43.39
C LEU B 170 -0.18 80.14 43.14
N CYS B 171 0.03 79.05 43.87
CA CYS B 171 1.11 78.09 43.55
C CYS B 171 0.53 76.85 42.86
N PHE B 172 1.24 76.32 41.87
CA PHE B 172 0.95 75.00 41.30
C PHE B 172 2.13 74.08 41.59
N GLY B 173 1.90 72.78 41.59
CA GLY B 173 3.00 71.81 41.67
C GLY B 173 2.53 70.36 41.59
N THR B 174 3.41 69.52 41.06
CA THR B 174 3.24 68.06 41.13
C THR B 174 3.55 67.64 42.56
N ILE B 175 3.30 66.35 42.87
CA ILE B 175 3.23 65.91 44.29
C ILE B 175 4.53 66.06 45.04
N ASP B 176 5.66 65.96 44.33
CA ASP B 176 6.96 66.24 44.93
C ASP B 176 6.98 67.65 45.52
N THR B 177 6.61 68.62 44.70
CA THR B 177 6.62 70.03 45.09
C THR B 177 5.68 70.25 46.29
N TRP B 178 4.48 69.72 46.20
CA TRP B 178 3.51 69.81 47.30
C TRP B 178 4.03 69.26 48.62
N LEU B 179 4.48 68.01 48.62
CA LEU B 179 5.05 67.44 49.85
C LEU B 179 6.19 68.29 50.36
N MET B 180 7.07 68.68 49.44
CA MET B 180 8.33 69.32 49.78
C MET B 180 8.09 70.73 50.37
N TYR B 181 7.05 71.40 49.90
CA TYR B 181 6.62 72.68 50.45
C TYR B 181 6.16 72.52 51.91
N LYS B 182 5.18 71.65 52.11
CA LYS B 182 4.51 71.52 53.39
C LYS B 182 5.43 70.97 54.46
N LEU B 183 6.30 70.04 54.07
CA LEU B 183 7.36 69.55 54.95
C LEU B 183 8.30 70.68 55.39
N SER B 184 8.55 71.64 54.50
CA SER B 184 9.38 72.82 54.76
C SER B 184 8.66 73.93 55.51
N GLY B 185 7.41 73.65 55.90
CA GLY B 185 6.57 74.62 56.58
C GLY B 185 6.19 75.81 55.73
N GLY B 186 6.39 75.74 54.41
CA GLY B 186 6.11 76.86 53.50
C GLY B 186 7.35 77.47 52.87
N LYS B 187 8.52 77.07 53.34
CA LYS B 187 9.77 77.72 52.95
C LYS B 187 10.39 77.23 51.64
N ALA B 188 9.80 76.23 51.01
CA ALA B 188 10.41 75.65 49.82
C ALA B 188 9.40 75.49 48.68
N PHE B 189 9.77 76.02 47.52
CA PHE B 189 8.97 75.88 46.30
C PHE B 189 9.90 75.43 45.20
N VAL B 190 10.10 74.13 45.13
CA VAL B 190 11.04 73.52 44.20
C VAL B 190 10.45 72.25 43.56
N THR B 191 11.09 71.81 42.49
CA THR B 191 10.70 70.56 41.83
C THR B 191 11.97 69.98 41.25
N ASP B 192 11.97 68.68 40.96
CA ASP B 192 13.12 68.03 40.31
C ASP B 192 12.87 67.83 38.81
N VAL B 193 13.91 67.53 38.07
CA VAL B 193 13.81 67.45 36.61
C VAL B 193 12.91 66.32 36.12
N THR B 194 12.86 65.20 36.84
CA THR B 194 12.07 64.09 36.38
C THR B 194 10.60 64.49 36.48
N ASN B 195 10.20 65.11 37.59
CA ASN B 195 8.79 65.53 37.73
C ASN B 195 8.44 66.65 36.76
N ALA B 196 9.32 67.63 36.65
CA ALA B 196 9.14 68.75 35.76
C ALA B 196 8.95 68.30 34.30
N SER B 197 9.73 67.29 33.89
CA SER B 197 9.60 66.73 32.53
C SER B 197 8.22 66.15 32.20
N ARG B 198 7.34 66.07 33.21
CA ARG B 198 5.97 65.59 33.00
C ARG B 198 4.91 66.70 33.07
N THR B 199 5.36 67.96 33.04
CA THR B 199 4.45 69.09 33.14
C THR B 199 3.92 69.53 31.77
N PHE B 200 4.65 69.18 30.72
CA PHE B 200 4.43 69.67 29.35
C PHE B 200 4.93 71.11 29.20
N LEU B 201 5.62 71.61 30.23
CA LEU B 201 6.08 72.98 30.33
C LEU B 201 7.58 73.13 30.37
N MET B 202 8.31 72.04 30.46
CA MET B 202 9.75 72.09 30.59
C MET B 202 10.37 71.70 29.29
N ASP B 203 11.51 72.31 28.97
CA ASP B 203 12.32 71.84 27.85
C ASP B 203 13.19 70.63 28.23
N LEU B 204 12.99 69.52 27.53
CA LEU B 204 13.67 68.27 27.83
C LEU B 204 15.20 68.42 27.90
N ARG B 205 15.81 69.07 26.90
CA ARG B 205 17.29 69.09 26.79
C ARG B 205 17.96 70.16 27.66
N THR B 206 17.35 71.34 27.77
CA THR B 206 17.83 72.36 28.71
C THR B 206 17.43 72.08 30.16
N ARG B 207 16.21 71.56 30.35
CA ARG B 207 15.66 71.33 31.70
C ARG B 207 15.38 72.67 32.38
N LYS B 208 14.93 73.61 31.56
CA LYS B 208 14.40 74.87 32.01
C LYS B 208 12.95 74.92 31.55
N TRP B 209 12.15 75.75 32.21
CA TRP B 209 10.79 75.99 31.77
C TRP B 209 10.81 76.62 30.38
N SER B 210 9.75 76.37 29.60
CA SER B 210 9.62 76.93 28.27
C SER B 210 8.61 78.09 28.28
N PRO B 211 9.08 79.35 28.21
CA PRO B 211 8.18 80.51 28.05
C PRO B 211 7.24 80.41 26.84
N GLU B 212 7.67 79.75 25.76
CA GLU B 212 6.81 79.50 24.60
C GLU B 212 5.56 78.77 25.05
N LEU B 213 5.76 77.71 25.84
CA LEU B 213 4.70 76.78 26.18
C LEU B 213 3.80 77.32 27.27
N CYS B 214 4.39 77.96 28.28
CA CYS B 214 3.61 78.62 29.32
C CYS B 214 2.68 79.68 28.71
N GLU B 215 3.28 80.60 27.95
CA GLU B 215 2.57 81.61 27.17
C GLU B 215 1.40 81.02 26.38
N LYS B 216 1.72 80.07 25.49
CA LYS B 216 0.71 79.37 24.68
C LYS B 216 -0.40 78.70 25.50
N LEU B 217 -0.02 77.87 26.48
CA LEU B 217 -1.00 77.10 27.27
C LEU B 217 -1.64 77.94 28.40
N LYS B 218 -1.17 79.17 28.55
CA LYS B 218 -1.83 80.19 29.38
C LYS B 218 -1.61 79.90 30.87
N ILE B 219 -0.35 79.63 31.21
CA ILE B 219 0.06 79.34 32.57
C ILE B 219 1.06 80.43 33.02
N PRO B 220 0.66 81.26 34.00
CA PRO B 220 1.58 82.29 34.49
C PRO B 220 2.77 81.69 35.21
N MET B 221 3.97 81.99 34.71
CA MET B 221 5.20 81.43 35.27
C MET B 221 5.35 81.71 36.77
N GLU B 222 4.60 82.68 37.30
CA GLU B 222 4.61 82.98 38.74
C GLU B 222 4.28 81.75 39.56
N THR B 223 3.39 80.92 39.02
CA THR B 223 2.90 79.74 39.74
C THR B 223 3.93 78.60 39.87
N LEU B 224 4.93 78.59 38.99
CA LEU B 224 5.82 77.43 38.86
C LEU B 224 7.03 77.46 39.80
N PRO B 225 7.41 76.29 40.32
CA PRO B 225 8.57 76.22 41.20
C PRO B 225 9.90 76.22 40.45
N GLU B 226 10.97 76.28 41.24
CA GLU B 226 12.35 76.22 40.74
C GLU B 226 12.75 74.78 40.44
N ILE B 227 13.15 74.52 39.22
CA ILE B 227 13.63 73.23 38.85
C ILE B 227 15.01 73.04 39.47
N ARG B 228 15.21 71.90 40.12
CA ARG B 228 16.55 71.51 40.55
C ARG B 228 16.86 70.10 40.05
N SER B 229 18.00 69.54 40.43
CA SER B 229 18.26 68.13 40.13
C SER B 229 17.52 67.20 41.14
N ASN B 230 17.78 65.90 41.06
CA ASN B 230 17.18 64.91 41.93
C ASN B 230 17.89 64.74 43.26
N SER B 231 19.11 65.25 43.32
CA SER B 231 20.05 64.95 44.39
C SER B 231 20.73 66.26 44.76
N GLU B 232 20.25 66.89 45.83
CA GLU B 232 20.75 68.19 46.32
C GLU B 232 19.82 68.75 47.39
N LEU B 233 20.26 69.74 48.15
CA LEU B 233 19.47 70.30 49.25
C LEU B 233 18.22 71.01 48.73
N PHE B 234 17.03 70.47 49.01
CA PHE B 234 15.75 71.07 48.60
C PHE B 234 15.16 71.92 49.73
N GLY B 235 15.53 71.58 50.96
CA GLY B 235 14.98 72.21 52.15
C GLY B 235 15.08 71.27 53.34
N TYR B 236 14.44 71.66 54.45
CA TYR B 236 14.51 70.89 55.70
C TYR B 236 13.11 70.57 56.16
N VAL B 237 12.93 69.43 56.82
CA VAL B 237 11.65 69.11 57.44
C VAL B 237 11.45 69.98 58.68
N GLU B 238 10.45 70.88 58.63
CA GLU B 238 10.18 71.85 59.70
C GLU B 238 8.72 71.90 60.13
N THR B 239 7.95 70.84 59.87
CA THR B 239 6.57 70.76 60.35
C THR B 239 6.55 69.84 61.56
N ASP B 240 5.55 69.99 62.41
CA ASP B 240 5.36 69.11 63.55
C ASP B 240 3.99 68.46 63.38
N GLU B 241 3.66 68.05 62.14
CA GLU B 241 2.30 67.63 61.80
C GLU B 241 1.76 66.44 62.62
N CYS B 242 2.46 65.31 62.59
CA CYS B 242 2.13 64.21 63.49
C CYS B 242 3.35 63.91 64.35
N GLY B 243 3.97 64.98 64.89
CA GLY B 243 5.18 64.87 65.69
C GLY B 243 6.48 64.77 64.90
N VAL B 244 6.38 64.91 63.57
CA VAL B 244 7.47 64.55 62.67
C VAL B 244 8.85 65.21 62.99
N ALA B 245 8.89 66.54 63.09
CA ALA B 245 10.13 67.21 63.52
C ALA B 245 10.65 66.66 64.86
N ALA B 246 9.74 66.37 65.79
CA ALA B 246 10.12 65.79 67.07
C ALA B 246 10.79 64.43 66.84
N ALA B 247 10.04 63.50 66.24
CA ALA B 247 10.54 62.15 65.94
C ALA B 247 11.90 62.13 65.21
N LEU B 248 12.08 63.04 64.26
CA LEU B 248 13.36 63.17 63.57
C LEU B 248 14.50 63.63 64.49
N ASN B 249 14.13 64.20 65.64
CA ASN B 249 15.08 64.71 66.65
C ASN B 249 15.92 65.92 66.18
N GLU B 250 16.77 65.74 65.18
CA GLU B 250 17.49 66.88 64.57
C GLU B 250 16.71 67.48 63.39
N ARG B 251 17.18 68.61 62.89
CA ARG B 251 16.67 69.12 61.62
C ARG B 251 17.23 68.22 60.51
N THR B 252 16.35 67.81 59.61
CA THR B 252 16.71 66.82 58.61
C THR B 252 16.48 67.41 57.23
N PRO B 253 17.53 67.42 56.39
CA PRO B 253 17.34 67.95 55.04
C PRO B 253 16.61 66.99 54.12
N ILE B 254 15.81 67.57 53.22
CA ILE B 254 15.25 66.86 52.09
C ILE B 254 16.27 67.05 50.97
N MET B 255 16.91 65.95 50.56
CA MET B 255 17.98 66.01 49.56
C MET B 255 17.74 65.10 48.36
N GLY B 256 16.53 64.57 48.22
CA GLY B 256 16.22 63.69 47.13
C GLY B 256 14.78 63.88 46.73
N SER B 257 14.54 63.98 45.43
CA SER B 257 13.17 64.07 44.93
C SER B 257 13.18 63.52 43.51
N ILE B 258 12.19 62.71 43.15
CA ILE B 258 12.23 62.00 41.87
C ILE B 258 10.92 61.22 41.61
N GLY B 259 10.40 61.29 40.38
CA GLY B 259 9.16 60.57 40.02
C GLY B 259 9.23 59.06 40.16
N ASP B 260 8.13 58.41 40.50
CA ASP B 260 8.19 57.00 40.87
C ASP B 260 8.90 56.13 39.84
N GLN B 261 8.57 56.31 38.56
CA GLN B 261 9.07 55.40 37.53
C GLN B 261 10.59 55.56 37.36
N GLN B 262 11.04 56.80 37.31
CA GLN B 262 12.48 57.09 37.31
C GLN B 262 13.17 56.56 38.54
N SER B 263 12.56 56.78 39.70
CA SER B 263 13.08 56.29 40.98
C SER B 263 13.25 54.76 41.01
N ALA B 264 12.31 54.04 40.41
CA ALA B 264 12.47 52.60 40.19
C ALA B 264 13.63 52.31 39.24
N LEU B 265 13.77 53.10 38.19
CA LEU B 265 14.90 53.01 37.29
C LEU B 265 16.23 53.24 38.04
N PHE B 266 16.30 54.30 38.82
CA PHE B 266 17.49 54.61 39.61
C PHE B 266 17.80 53.54 40.65
N GLY B 267 16.77 53.03 41.33
CA GLY B 267 16.92 52.11 42.45
C GLY B 267 17.17 50.66 42.07
N ASN B 268 16.96 50.35 40.78
CA ASN B 268 17.39 49.10 40.19
C ASN B 268 18.71 49.24 39.49
N MET B 269 19.46 50.30 39.78
CA MET B 269 20.85 50.44 39.30
C MET B 269 21.02 50.53 37.78
N CYS B 270 20.03 51.08 37.06
CA CYS B 270 20.10 51.19 35.60
C CYS B 270 20.82 52.48 35.25
N PHE B 271 22.11 52.52 35.52
CA PHE B 271 22.90 53.73 35.32
C PHE B 271 23.50 53.87 33.92
N GLU B 272 23.74 52.73 33.25
CA GLU B 272 24.33 52.72 31.90
C GLU B 272 23.24 52.72 30.83
N LYS B 273 23.53 53.24 29.65
CA LYS B 273 22.56 53.25 28.53
C LYS B 273 22.26 51.82 28.06
N GLY B 274 20.98 51.55 27.76
CA GLY B 274 20.55 50.20 27.39
C GLY B 274 19.99 49.41 28.57
N GLU B 275 20.35 49.81 29.79
CA GLU B 275 19.74 49.26 30.99
C GLU B 275 18.31 49.81 31.13
N ALA B 276 17.42 49.01 31.69
CA ALA B 276 15.99 49.28 31.66
C ALA B 276 15.24 48.51 32.74
N LYS B 277 14.13 49.05 33.23
CA LYS B 277 13.29 48.30 34.15
C LYS B 277 11.82 48.38 33.79
N ASN B 278 11.13 47.30 34.14
CA ASN B 278 9.70 47.18 33.98
C ASN B 278 9.09 47.22 35.37
N THR B 279 8.26 48.23 35.65
CA THR B 279 7.64 48.38 36.96
C THR B 279 6.21 47.98 36.87
N TYR B 280 5.69 47.44 37.96
CA TYR B 280 4.26 47.14 38.10
C TYR B 280 3.65 48.00 39.20
N GLY B 281 2.34 48.08 39.23
CA GLY B 281 1.66 48.94 40.18
C GLY B 281 0.33 49.45 39.68
N TPO B 282 -0.05 50.62 40.17
CA TPO B 282 -1.31 51.22 39.83
CB TPO B 282 -1.49 52.46 40.72
CG2 TPO B 282 -2.97 52.80 40.58
OG1 TPO B 282 -1.13 52.28 42.15
P TPO B 282 0.26 52.62 43.03
O1P TPO B 282 -0.25 52.97 44.43
O2P TPO B 282 0.96 53.80 42.37
O3P TPO B 282 1.07 51.36 42.97
C TPO B 282 -1.32 51.46 38.32
O TPO B 282 -2.35 51.38 37.67
N GLY B 283 -0.14 51.72 37.76
CA GLY B 283 0.09 51.69 36.33
C GLY B 283 1.40 50.95 36.05
N CYS B 284 1.57 50.50 34.82
CA CYS B 284 2.74 49.67 34.45
C CYS B 284 3.57 50.30 33.33
N PHE B 285 4.88 50.35 33.53
CA PHE B 285 5.76 51.17 32.70
C PHE B 285 7.07 50.48 32.48
N LEU B 286 7.61 50.68 31.28
CA LEU B 286 8.95 50.25 30.95
C LEU B 286 9.77 51.50 30.67
N LEU B 287 10.83 51.71 31.46
CA LEU B 287 11.82 52.77 31.20
C LEU B 287 13.22 52.23 30.83
N MET B 288 13.82 52.85 29.81
CA MET B 288 15.16 52.49 29.36
C MET B 288 16.07 53.70 29.52
N ASN B 289 17.20 53.52 30.18
CA ASN B 289 18.24 54.55 30.20
C ASN B 289 18.84 54.66 28.81
N VAL B 290 18.73 55.83 28.17
CA VAL B 290 19.25 55.99 26.78
C VAL B 290 20.53 56.81 26.68
N GLY B 291 21.00 57.37 27.79
CA GLY B 291 22.30 58.01 27.87
C GLY B 291 22.20 59.51 28.10
N GLU B 292 23.25 60.23 27.70
CA GLU B 292 23.40 61.67 28.00
C GLU B 292 22.61 62.62 27.10
N GLU B 293 22.24 62.16 25.91
CA GLU B 293 21.51 62.99 24.94
C GLU B 293 20.10 62.45 24.77
N ALA B 294 19.12 63.35 24.73
CA ALA B 294 17.72 62.96 24.62
C ALA B 294 17.45 62.18 23.32
N ARG B 295 16.49 61.27 23.36
CA ARG B 295 16.01 60.54 22.18
C ARG B 295 14.52 60.77 22.02
N PHE B 296 14.12 61.21 20.83
CA PHE B 296 12.74 61.45 20.50
C PHE B 296 12.20 60.24 19.78
N SER B 297 10.88 60.21 19.61
CA SER B 297 10.18 58.98 19.31
C SER B 297 9.24 59.13 18.13
N LYS B 298 9.41 58.21 17.18
CA LYS B 298 8.59 58.13 15.98
C LYS B 298 7.65 56.94 16.12
N HIS B 299 7.71 56.27 17.28
CA HIS B 299 6.99 55.00 17.50
C HIS B 299 6.19 55.04 18.81
N GLY B 300 5.50 56.14 19.08
CA GLY B 300 4.64 56.26 20.27
C GLY B 300 5.26 55.89 21.62
N LEU B 301 6.39 56.51 21.95
CA LEU B 301 6.97 56.40 23.28
C LEU B 301 7.17 57.81 23.83
N LEU B 302 7.44 57.90 25.12
CA LEU B 302 7.70 59.19 25.73
C LEU B 302 9.19 59.37 25.91
N SER B 303 9.63 60.60 25.70
CA SER B 303 11.00 60.97 25.94
C SER B 303 11.01 61.77 27.25
N THR B 304 11.93 61.44 28.13
CA THR B 304 11.87 61.95 29.50
C THR B 304 13.24 61.88 30.20
N VAL B 305 13.37 62.59 31.31
CA VAL B 305 14.60 62.52 32.12
C VAL B 305 14.62 61.22 32.92
N GLY B 306 15.70 60.45 32.80
CA GLY B 306 15.93 59.31 33.69
C GLY B 306 16.33 59.81 35.07
N PHE B 307 17.52 60.39 35.16
CA PHE B 307 17.97 61.02 36.40
C PHE B 307 19.11 62.05 36.18
N GLN B 308 19.32 62.90 37.18
CA GLN B 308 20.44 63.84 37.20
C GLN B 308 20.93 63.98 38.63
N VAL B 309 22.03 63.29 38.97
CA VAL B 309 22.60 63.37 40.34
C VAL B 309 23.41 64.67 40.48
N GLY B 310 22.81 65.67 41.13
CA GLY B 310 23.48 66.95 41.37
C GLY B 310 23.28 67.98 40.27
N ARG B 311 23.31 69.25 40.67
CA ARG B 311 23.22 70.40 39.76
C ARG B 311 24.18 70.32 38.58
N ASP B 312 25.43 69.99 38.89
CA ASP B 312 26.47 69.93 37.88
C ASP B 312 26.69 68.51 37.36
N GLY B 313 25.86 67.58 37.81
CA GLY B 313 25.94 66.19 37.33
C GLY B 313 25.41 66.08 35.91
N PRO B 314 25.85 65.04 35.20
CA PRO B 314 25.32 64.82 33.86
C PRO B 314 23.87 64.34 33.93
N CYS B 315 23.05 64.77 32.97
CA CYS B 315 21.66 64.33 32.90
C CYS B 315 21.52 63.08 32.03
N TYR B 316 21.07 61.99 32.65
CA TYR B 316 20.69 60.79 31.91
C TYR B 316 19.23 60.85 31.48
N TYR B 317 18.97 60.33 30.28
CA TYR B 317 17.68 60.43 29.64
C TYR B 317 17.12 59.06 29.40
N ALA B 318 15.82 59.01 29.16
CA ALA B 318 15.10 57.76 29.09
C ALA B 318 13.97 57.79 28.07
N LEU B 319 13.61 56.61 27.61
CA LEU B 319 12.39 56.43 26.85
C LEU B 319 11.47 55.64 27.75
N GLU B 320 10.16 55.90 27.62
CA GLU B 320 9.17 55.31 28.51
C GLU B 320 7.96 54.81 27.74
N GLY B 321 7.60 53.54 28.01
CA GLY B 321 6.42 52.91 27.43
C GLY B 321 5.48 52.38 28.50
N ALA B 322 4.21 52.79 28.41
CA ALA B 322 3.15 52.27 29.28
C ALA B 322 2.51 51.01 28.70
N ILE B 323 2.49 49.92 29.45
CA ILE B 323 1.87 48.70 28.92
C ILE B 323 0.64 48.28 29.73
N ALA B 324 0.18 47.05 29.45
CA ALA B 324 -0.87 46.40 30.23
C ALA B 324 -0.28 45.98 31.57
N CYS B 325 -1.15 45.83 32.55
CA CYS B 325 -0.71 45.43 33.89
C CYS B 325 -1.02 43.97 34.09
N ALA B 326 0.02 43.14 34.05
CA ALA B 326 -0.09 41.73 34.44
C ALA B 326 -1.09 41.59 35.57
N GLY B 327 -0.94 42.45 36.57
CA GLY B 327 -1.78 42.44 37.76
C GLY B 327 -3.23 42.74 37.45
N ALA B 328 -3.49 43.84 36.77
CA ALA B 328 -4.88 44.16 36.49
C ALA B 328 -5.50 42.97 35.79
N THR B 329 -4.85 42.50 34.72
CA THR B 329 -5.39 41.39 33.90
C THR B 329 -5.62 40.12 34.71
N VAL B 330 -4.62 39.73 35.50
CA VAL B 330 -4.74 38.55 36.35
C VAL B 330 -5.89 38.69 37.37
N GLU B 331 -6.00 39.86 38.00
CA GLU B 331 -7.06 40.11 38.95
C GLU B 331 -8.41 40.06 38.25
N TRP B 332 -8.47 40.63 37.05
CA TRP B 332 -9.74 40.63 36.28
C TRP B 332 -10.22 39.19 36.03
N MET B 333 -9.30 38.33 35.57
CA MET B 333 -9.66 36.94 35.31
C MET B 333 -10.17 36.24 36.58
N ARG B 334 -9.47 36.48 37.68
CA ARG B 334 -9.87 35.89 38.95
C ARG B 334 -11.18 36.47 39.48
N ARG B 335 -11.29 37.79 39.55
CA ARG B 335 -12.42 38.44 40.20
C ARG B 335 -13.64 38.71 39.34
N ASN B 336 -13.48 38.85 38.02
CA ASN B 336 -14.64 39.15 37.16
C ASN B 336 -15.11 37.93 36.39
N MET B 337 -14.14 37.11 35.98
CA MET B 337 -14.44 35.97 35.13
C MET B 337 -14.40 34.68 35.90
N ASN B 338 -13.81 34.70 37.10
CA ASN B 338 -13.83 33.55 37.98
C ASN B 338 -13.08 32.36 37.39
N LEU B 339 -12.06 32.63 36.59
CA LEU B 339 -11.26 31.57 35.96
C LEU B 339 -10.31 30.89 36.94
N PHE B 340 -10.09 31.51 38.10
CA PHE B 340 -9.53 30.80 39.25
C PHE B 340 -9.88 31.55 40.54
N SER B 341 -9.64 30.93 41.68
CA SER B 341 -9.99 31.51 42.97
C SER B 341 -8.80 32.21 43.61
N HIS B 342 -7.65 31.53 43.76
CA HIS B 342 -6.42 32.16 44.31
C HIS B 342 -5.23 32.16 43.34
N ILE B 343 -4.34 33.16 43.49
CA ILE B 343 -3.24 33.39 42.53
C ILE B 343 -2.29 32.23 42.29
N THR B 344 -2.27 31.25 43.19
CA THR B 344 -1.43 30.08 43.01
C THR B 344 -1.97 29.19 41.89
N GLU B 345 -3.29 29.09 41.77
CA GLU B 345 -3.92 28.36 40.65
C GLU B 345 -3.48 28.90 39.30
N CYS B 346 -3.37 30.23 39.20
CA CYS B 346 -3.08 30.92 37.95
C CYS B 346 -1.89 30.32 37.20
N GLU B 347 -0.76 30.28 37.88
CA GLU B 347 0.48 29.84 37.26
C GLU B 347 0.41 28.35 36.90
N LYS B 348 -0.33 27.58 37.70
CA LYS B 348 -0.42 26.14 37.44
C LYS B 348 -1.35 25.85 36.26
N LEU B 349 -2.45 26.58 36.18
CA LEU B 349 -3.33 26.50 35.04
C LEU B 349 -2.59 26.87 33.74
N ALA B 350 -1.83 27.96 33.78
CA ALA B 350 -1.04 28.36 32.61
C ALA B 350 0.02 27.31 32.29
N ARG B 351 0.69 26.79 33.32
CA ARG B 351 1.70 25.74 33.13
C ARG B 351 1.13 24.39 32.63
N SER B 352 -0.14 24.10 32.96
CA SER B 352 -0.76 22.80 32.64
C SER B 352 -1.00 22.56 31.15
N VAL B 353 -0.74 23.56 30.31
CA VAL B 353 -0.84 23.37 28.86
C VAL B 353 0.46 23.85 28.22
N PRO B 354 0.82 23.28 27.07
CA PRO B 354 2.09 23.65 26.46
C PRO B 354 1.98 24.83 25.47
N GLY B 355 0.95 25.66 25.63
CA GLY B 355 0.72 26.76 24.68
C GLY B 355 -0.72 27.23 24.63
N THR B 356 -0.96 28.24 23.80
CA THR B 356 -2.30 28.78 23.59
C THR B 356 -3.12 27.92 22.61
N GLN B 357 -2.43 27.02 21.91
CA GLN B 357 -3.06 26.11 20.95
C GLN B 357 -4.09 26.86 20.12
N GLY B 358 -3.67 27.98 19.54
CA GLY B 358 -4.49 28.68 18.58
C GLY B 358 -5.00 30.06 18.99
N ILE B 359 -5.24 30.26 20.29
CA ILE B 359 -5.88 31.51 20.73
C ILE B 359 -4.93 32.67 21.04
N VAL B 360 -5.49 33.86 20.90
CA VAL B 360 -4.85 35.08 21.37
C VAL B 360 -5.87 35.87 22.19
N PHE B 361 -5.37 36.53 23.23
CA PHE B 361 -6.17 37.31 24.16
C PHE B 361 -5.49 38.65 24.21
N VAL B 362 -6.10 39.66 23.61
CA VAL B 362 -5.55 41.02 23.70
C VAL B 362 -6.24 41.78 24.84
N PRO B 363 -5.56 41.97 25.98
CA PRO B 363 -6.27 42.58 27.12
C PRO B 363 -6.28 44.11 27.05
N ALA B 364 -6.80 44.67 25.96
CA ALA B 364 -6.82 46.13 25.72
C ALA B 364 -8.05 46.76 26.36
N PHE B 365 -8.20 46.53 27.66
CA PHE B 365 -9.49 46.80 28.30
C PHE B 365 -9.90 48.27 28.16
N SER B 366 -8.94 49.17 28.36
CA SER B 366 -9.18 50.59 28.15
C SER B 366 -8.29 51.11 27.03
N GLY B 367 -8.40 50.50 25.85
CA GLY B 367 -7.60 50.89 24.69
C GLY B 367 -6.21 50.29 24.65
N LEU B 368 -5.55 50.40 23.52
CA LEU B 368 -4.21 49.85 23.32
C LEU B 368 -3.20 50.96 23.60
N LEU B 369 -2.24 50.68 24.48
CA LEU B 369 -1.24 51.65 24.93
C LEU B 369 0.01 51.52 24.04
N ALA B 370 1.22 51.51 24.63
CA ALA B 370 2.44 50.95 23.98
C ALA B 370 2.74 51.55 22.57
N PRO B 371 3.35 50.78 21.64
CA PRO B 371 3.57 51.51 20.39
C PRO B 371 2.36 51.62 19.49
N TYR B 372 1.15 51.42 20.02
CA TYR B 372 -0.06 51.39 19.20
C TYR B 372 -0.97 52.62 19.43
N TRP B 373 -1.08 53.04 20.70
CA TRP B 373 -1.96 54.14 21.15
C TRP B 373 -3.29 54.24 20.39
N ASP B 374 -4.09 53.17 20.49
CA ASP B 374 -5.44 53.09 19.91
C ASP B 374 -6.53 52.99 21.00
N PRO B 375 -7.15 54.13 21.34
CA PRO B 375 -8.09 54.08 22.44
C PRO B 375 -9.43 53.41 22.08
N SER B 376 -9.63 53.04 20.80
CA SER B 376 -10.80 52.27 20.38
C SER B 376 -10.69 50.74 20.59
N ALA B 377 -9.47 50.22 20.72
CA ALA B 377 -9.30 48.79 20.97
C ALA B 377 -9.93 48.38 22.30
N ARG B 378 -10.60 47.25 22.31
CA ARG B 378 -11.17 46.73 23.56
C ARG B 378 -10.67 45.30 23.76
N GLY B 379 -10.92 44.75 24.95
CA GLY B 379 -10.45 43.41 25.30
C GLY B 379 -11.03 42.35 24.39
N THR B 380 -10.17 41.59 23.71
CA THR B 380 -10.62 40.58 22.72
C THR B 380 -9.89 39.25 22.80
N ILE B 381 -10.64 38.19 22.53
CA ILE B 381 -10.13 36.83 22.46
C ILE B 381 -10.52 36.26 21.11
N VAL B 382 -9.55 35.66 20.43
CA VAL B 382 -9.77 35.08 19.10
C VAL B 382 -9.23 33.66 19.05
N GLY B 383 -9.77 32.89 18.12
CA GLY B 383 -9.30 31.55 17.85
C GLY B 383 -9.90 30.42 18.67
N MET B 384 -10.86 30.71 19.53
CA MET B 384 -11.34 29.68 20.47
C MET B 384 -12.06 28.53 19.76
N THR B 385 -11.94 27.30 20.29
CA THR B 385 -12.71 26.12 19.84
C THR B 385 -13.30 25.40 21.06
N LEU B 386 -14.08 24.34 20.85
CA LEU B 386 -14.65 23.60 21.99
C LEU B 386 -13.56 23.02 22.91
N LYS B 387 -12.34 22.88 22.41
CA LYS B 387 -11.22 22.36 23.19
C LYS B 387 -10.52 23.41 24.06
N THR B 388 -10.75 24.70 23.80
CA THR B 388 -10.18 25.78 24.60
C THR B 388 -10.75 25.80 26.00
N THR B 389 -9.90 26.10 26.96
CA THR B 389 -10.24 26.09 28.37
C THR B 389 -9.57 27.29 29.01
N ARG B 390 -9.90 27.52 30.27
CA ARG B 390 -9.38 28.65 31.01
C ARG B 390 -7.85 28.65 31.17
N ALA B 391 -7.23 27.48 31.07
CA ALA B 391 -5.76 27.40 31.11
C ALA B 391 -5.14 28.14 29.92
N HIS B 392 -5.66 27.88 28.73
CA HIS B 392 -5.23 28.56 27.52
C HIS B 392 -5.45 30.06 27.68
N VAL B 393 -6.64 30.43 28.14
CA VAL B 393 -6.96 31.84 28.30
C VAL B 393 -5.99 32.52 29.25
N ILE B 394 -5.78 31.93 30.43
CA ILE B 394 -4.83 32.51 31.39
C ILE B 394 -3.46 32.56 30.76
N ARG B 395 -3.03 31.47 30.14
CA ARG B 395 -1.73 31.47 29.51
C ARG B 395 -1.60 32.58 28.48
N ALA B 396 -2.55 32.63 27.56
CA ALA B 396 -2.57 33.65 26.48
C ALA B 396 -2.45 35.09 27.01
N ALA B 397 -3.10 35.34 28.15
CA ALA B 397 -3.01 36.64 28.83
C ALA B 397 -1.59 36.98 29.18
N LEU B 398 -0.89 36.05 29.82
CA LEU B 398 0.52 36.24 30.20
C LEU B 398 1.40 36.39 28.98
N GLN B 399 1.06 35.68 27.91
CA GLN B 399 1.77 35.84 26.66
C GLN B 399 1.51 37.23 26.10
N ALA B 400 0.26 37.69 26.18
CA ALA B 400 -0.11 38.99 25.67
C ALA B 400 0.75 40.10 26.29
N ILE B 401 0.97 40.02 27.60
CA ILE B 401 1.75 41.06 28.33
C ILE B 401 3.22 41.04 27.94
N ALA B 402 3.78 39.85 27.80
CA ALA B 402 5.13 39.74 27.24
C ALA B 402 5.18 40.31 25.83
N LEU B 403 4.12 40.11 25.06
CA LEU B 403 4.10 40.54 23.67
C LEU B 403 4.07 42.06 23.48
N GLN B 404 3.35 42.79 24.34
CA GLN B 404 3.36 44.26 24.23
C GLN B 404 4.69 44.76 24.73
N LEU B 405 5.18 44.13 25.80
CA LEU B 405 6.50 44.40 26.28
C LEU B 405 7.49 44.38 25.11
N ASN B 406 7.40 43.35 24.29
CA ASN B 406 8.31 43.16 23.17
C ASN B 406 8.17 44.22 22.07
N ASP B 407 6.94 44.52 21.69
CA ASP B 407 6.71 45.60 20.74
C ASP B 407 7.21 46.93 21.29
N VAL B 408 7.06 47.15 22.60
CA VAL B 408 7.57 48.38 23.24
C VAL B 408 9.10 48.43 23.22
N VAL B 409 9.75 47.31 23.51
CA VAL B 409 11.21 47.19 23.44
C VAL B 409 11.69 47.36 21.98
N GLY B 410 10.96 46.75 21.06
CA GLY B 410 11.20 46.95 19.64
C GLY B 410 11.24 48.43 19.29
N SER B 411 10.20 49.16 19.69
CA SER B 411 10.13 50.59 19.45
C SER B 411 11.30 51.35 20.07
N MET B 412 11.80 50.87 21.20
CA MET B 412 12.84 51.57 21.94
C MET B 412 14.18 51.41 21.25
N LYS B 413 14.49 50.17 20.87
CA LYS B 413 15.68 49.92 20.07
C LYS B 413 15.72 50.88 18.87
N ARG B 414 14.62 50.94 18.11
CA ARG B 414 14.56 51.79 16.93
C ARG B 414 14.80 53.27 17.27
N ASP B 415 14.01 53.84 18.17
CA ASP B 415 14.13 55.26 18.52
C ASP B 415 15.48 55.63 19.13
N ALA B 416 15.97 54.75 20.02
CA ALA B 416 17.19 55.01 20.81
C ALA B 416 18.48 54.64 20.09
N GLY B 417 18.39 53.72 19.14
CA GLY B 417 19.55 53.22 18.41
C GLY B 417 20.47 52.37 19.27
N LEU B 418 19.90 51.62 20.21
CA LEU B 418 20.69 50.82 21.14
C LEU B 418 20.02 49.47 21.40
N ASN B 419 20.76 48.57 22.02
CA ASN B 419 20.20 47.29 22.44
C ASN B 419 19.82 47.32 23.93
N LEU B 420 18.86 46.49 24.31
CA LEU B 420 18.47 46.32 25.70
C LEU B 420 19.34 45.23 26.34
N SER B 421 20.45 45.63 26.97
CA SER B 421 21.35 44.66 27.62
C SER B 421 20.67 43.83 28.72
N SER B 422 19.84 44.48 29.54
CA SER B 422 19.11 43.78 30.61
C SER B 422 17.79 44.45 31.02
N LEU B 423 16.86 43.60 31.45
CA LEU B 423 15.57 44.02 31.95
C LEU B 423 15.47 43.64 33.44
N ARG B 424 15.25 44.63 34.30
CA ARG B 424 15.01 44.38 35.72
C ARG B 424 13.53 44.50 36.01
N VAL B 425 12.98 43.55 36.77
CA VAL B 425 11.53 43.52 37.06
C VAL B 425 11.18 43.67 38.56
N ASP B 426 10.08 44.39 38.82
CA ASP B 426 9.74 44.90 40.16
C ASP B 426 8.28 45.39 40.22
N GLY B 427 7.50 44.91 41.21
CA GLY B 427 6.16 45.46 41.47
C GLY B 427 5.00 44.52 41.81
N GLY B 428 5.26 43.21 41.82
CA GLY B 428 4.21 42.24 42.15
C GLY B 428 4.32 40.97 41.30
N LEU B 429 3.97 41.09 40.03
CA LEU B 429 4.00 39.96 39.09
C LEU B 429 5.36 39.75 38.40
N SER B 430 6.41 40.31 38.99
CA SER B 430 7.76 39.80 38.81
C SER B 430 7.89 38.44 39.54
N LYS B 431 6.92 38.15 40.42
CA LYS B 431 6.86 36.89 41.18
C LYS B 431 6.17 35.74 40.41
N ASN B 432 5.70 36.01 39.19
CA ASN B 432 5.20 34.95 38.29
C ASN B 432 6.32 34.46 37.36
N GLY B 433 6.85 33.27 37.66
CA GLY B 433 7.97 32.72 36.92
C GLY B 433 7.65 32.53 35.44
N LEU B 434 6.44 32.05 35.13
CA LEU B 434 6.10 31.73 33.75
C LEU B 434 6.13 32.99 32.87
N LEU B 435 5.60 34.07 33.42
CA LEU B 435 5.62 35.35 32.75
C LEU B 435 7.05 35.86 32.56
N MET B 436 7.88 35.76 33.60
CA MET B 436 9.27 36.18 33.52
C MET B 436 9.99 35.35 32.44
N GLU B 437 9.65 34.06 32.36
CA GLU B 437 10.22 33.19 31.33
C GLU B 437 9.83 33.61 29.90
N ILE B 438 8.55 33.83 29.66
CA ILE B 438 8.11 34.19 28.32
C ILE B 438 8.67 35.56 27.94
N GLN B 439 8.72 36.47 28.90
CA GLN B 439 9.34 37.76 28.66
C GLN B 439 10.79 37.55 28.25
N ALA B 440 11.47 36.71 29.02
CA ALA B 440 12.88 36.38 28.76
C ALA B 440 13.07 35.78 27.37
N SER B 441 12.22 34.81 27.03
CA SER B 441 12.24 34.20 25.70
C SER B 441 12.06 35.24 24.59
N LEU B 442 10.98 36.03 24.66
CA LEU B 442 10.61 36.92 23.55
C LEU B 442 11.58 38.08 23.30
N LEU B 443 12.13 38.66 24.35
CA LEU B 443 13.07 39.78 24.18
C LEU B 443 14.45 39.27 23.79
N GLY B 444 14.73 38.01 24.12
CA GLY B 444 16.05 37.43 23.94
C GLY B 444 17.10 37.99 24.88
N VAL B 445 16.71 38.44 26.08
CA VAL B 445 17.67 38.92 27.09
C VAL B 445 17.28 38.50 28.50
N ASP B 446 18.19 38.76 29.44
CA ASP B 446 18.02 38.39 30.83
C ASP B 446 16.94 39.22 31.50
N ILE B 447 16.32 38.63 32.52
CA ILE B 447 15.43 39.36 33.39
C ILE B 447 15.93 39.25 34.83
N LEU B 448 16.43 40.36 35.38
CA LEU B 448 16.83 40.39 36.78
C LEU B 448 15.61 40.59 37.68
N VAL B 449 15.65 39.96 38.86
CA VAL B 449 14.57 40.07 39.84
C VAL B 449 15.20 40.21 41.22
N PRO B 450 15.06 41.41 41.86
CA PRO B 450 15.71 41.59 43.16
C PRO B 450 14.92 40.93 44.29
N SER B 451 15.62 40.39 45.29
CA SER B 451 14.94 39.88 46.48
C SER B 451 14.49 41.05 47.38
N MET B 452 15.17 42.20 47.29
CA MET B 452 14.71 43.44 47.94
C MET B 452 13.82 44.22 46.96
N HIS B 453 12.55 43.81 46.87
CA HIS B 453 11.65 44.35 45.83
C HIS B 453 11.40 45.88 45.96
N GLU B 454 11.49 46.37 47.20
CA GLU B 454 11.36 47.79 47.60
C GLU B 454 12.16 48.87 46.82
N THR B 455 12.45 48.64 45.53
CA THR B 455 13.40 49.46 44.78
C THR B 455 12.91 50.84 44.34
N THR B 456 11.62 51.06 44.26
CA THR B 456 11.12 52.42 43.95
C THR B 456 11.48 53.37 45.08
N ALA B 457 11.13 52.97 46.31
CA ALA B 457 11.50 53.75 47.47
C ALA B 457 13.02 53.96 47.56
N LEU B 458 13.78 52.93 47.22
CA LEU B 458 15.24 53.00 47.30
C LEU B 458 15.82 54.12 46.42
N GLY B 459 15.27 54.30 45.24
CA GLY B 459 15.80 55.29 44.32
C GLY B 459 15.89 56.66 44.97
N ALA B 460 14.80 57.06 45.62
CA ALA B 460 14.75 58.38 46.24
C ALA B 460 15.75 58.47 47.40
N ALA B 461 15.90 57.39 48.16
CA ALA B 461 16.88 57.32 49.25
C ALA B 461 18.33 57.36 48.72
N LEU B 462 18.57 56.72 47.58
CA LEU B 462 19.87 56.78 46.95
C LEU B 462 20.13 58.21 46.54
N CYS B 463 19.11 58.87 46.00
CA CYS B 463 19.28 60.25 45.60
C CYS B 463 19.66 61.09 46.83
N ALA B 464 18.97 60.88 47.95
CA ALA B 464 19.16 61.70 49.15
C ALA B 464 20.45 61.33 49.87
N GLY B 465 20.83 60.06 49.77
CA GLY B 465 22.02 59.54 50.41
C GLY B 465 23.29 59.94 49.67
N LEU B 466 23.20 59.97 48.34
CA LEU B 466 24.34 60.39 47.54
C LEU B 466 24.65 61.83 47.88
N ALA B 467 23.61 62.66 47.87
CA ALA B 467 23.76 64.10 48.11
C ALA B 467 24.37 64.38 49.48
N ALA B 468 24.05 63.56 50.48
CA ALA B 468 24.51 63.80 51.84
C ALA B 468 25.76 62.97 52.25
N GLY B 469 26.37 62.28 51.29
CA GLY B 469 27.61 61.55 51.56
C GLY B 469 27.50 60.22 52.31
N VAL B 470 26.30 59.69 52.45
CA VAL B 470 26.13 58.34 52.98
C VAL B 470 26.82 57.33 52.04
N TRP B 471 26.48 57.38 50.76
CA TRP B 471 27.26 56.74 49.71
C TRP B 471 27.94 57.86 48.93
N THR B 472 29.08 57.52 48.32
CA THR B 472 30.02 58.53 47.78
C THR B 472 29.88 58.73 46.27
N SER B 473 29.52 57.66 45.56
CA SER B 473 29.38 57.69 44.10
C SER B 473 28.38 56.62 43.65
N LEU B 474 28.07 56.63 42.35
CA LEU B 474 27.22 55.59 41.77
C LEU B 474 27.92 54.24 41.85
N GLU B 475 29.25 54.26 41.86
CA GLU B 475 30.06 53.05 41.90
C GLU B 475 29.91 52.36 43.25
N GLU B 476 30.06 53.12 44.34
CA GLU B 476 29.85 52.55 45.67
C GLU B 476 28.43 51.98 45.80
N VAL B 477 27.43 52.78 45.40
CA VAL B 477 26.04 52.36 45.45
C VAL B 477 25.90 50.99 44.81
N LYS B 478 26.35 50.88 43.56
CA LYS B 478 26.27 49.61 42.83
C LYS B 478 26.93 48.46 43.60
N ALA B 479 28.04 48.75 44.25
CA ALA B 479 28.84 47.72 44.93
C ALA B 479 28.11 47.18 46.16
N VAL B 480 27.58 48.09 46.97
CA VAL B 480 26.84 47.74 48.18
C VAL B 480 25.66 46.86 47.80
N SER B 481 24.97 47.26 46.74
CA SER B 481 23.83 46.51 46.21
C SER B 481 24.20 45.07 45.85
N ARG B 482 25.20 44.92 44.98
CA ARG B 482 25.75 43.63 44.60
C ARG B 482 26.13 42.82 45.84
N ARG B 483 26.62 43.51 46.85
CA ARG B 483 27.08 42.89 48.10
C ARG B 483 25.95 42.50 49.07
N GLU B 484 24.82 43.21 49.03
CA GLU B 484 23.79 43.07 50.07
C GLU B 484 22.49 42.50 49.56
N ASN B 485 21.96 43.09 48.50
CA ASN B 485 20.66 42.71 47.98
C ASN B 485 20.87 41.71 46.83
N SER B 486 20.47 40.46 47.08
CA SER B 486 20.61 39.40 46.08
C SER B 486 19.52 39.50 44.99
N TRP B 487 19.71 38.76 43.89
CA TRP B 487 18.97 38.98 42.66
C TRP B 487 18.85 37.77 41.73
N LYS B 488 17.66 37.18 41.68
CA LYS B 488 17.36 36.07 40.77
C LYS B 488 17.39 36.54 39.31
N THR B 489 17.79 35.63 38.43
CA THR B 489 18.11 35.94 37.04
C THR B 489 17.49 34.89 36.14
N VAL B 490 16.59 35.32 35.26
CA VAL B 490 15.84 34.44 34.37
C VAL B 490 16.37 34.62 32.96
N SER B 491 16.74 33.51 32.32
CA SER B 491 17.40 33.54 31.01
C SER B 491 16.43 33.13 29.92
N PRO B 492 16.70 33.53 28.65
CA PRO B 492 15.78 33.15 27.58
C PRO B 492 15.69 31.64 27.37
N SER B 493 14.63 31.19 26.72
CA SER B 493 14.49 29.79 26.34
C SER B 493 13.48 29.67 25.18
N GLY B 494 13.83 30.30 24.06
CA GLY B 494 12.99 30.27 22.87
C GLY B 494 13.76 29.92 21.61
N SER B 495 13.02 29.55 20.58
CA SER B 495 13.58 29.35 19.24
C SER B 495 13.78 30.71 18.58
N ALA B 496 13.55 30.75 17.27
CA ALA B 496 13.35 31.98 16.53
C ALA B 496 12.05 31.90 15.73
N MET B 497 11.71 30.70 15.24
CA MET B 497 10.44 30.50 14.50
C MET B 497 9.27 30.42 15.48
N GLU B 498 9.55 30.09 16.75
CA GLU B 498 8.58 30.26 17.83
C GLU B 498 8.27 31.74 18.04
N ARG B 499 9.33 32.49 18.30
CA ARG B 499 9.26 33.94 18.49
C ARG B 499 8.58 34.62 17.30
N GLU B 500 9.06 34.33 16.10
CA GLU B 500 8.51 34.91 14.86
C GLU B 500 7.02 34.57 14.68
N ALA B 501 6.62 33.37 15.12
CA ALA B 501 5.26 32.87 14.92
C ALA B 501 4.27 33.37 15.99
N MET B 502 4.72 33.38 17.25
CA MET B 502 3.92 33.92 18.34
C MET B 502 3.62 35.39 18.10
N ILE B 503 4.62 36.12 17.61
CA ILE B 503 4.44 37.52 17.18
C ILE B 503 3.50 37.62 15.98
N ALA B 504 3.57 36.65 15.06
CA ALA B 504 2.70 36.66 13.87
C ALA B 504 1.23 36.50 14.26
N GLU B 505 0.94 35.56 15.15
CA GLU B 505 -0.37 35.42 15.79
C GLU B 505 -0.83 36.76 16.39
N TRP B 506 0.06 37.36 17.17
CA TRP B 506 -0.18 38.62 17.86
C TRP B 506 -0.58 39.76 16.89
N ARG B 507 0.26 40.04 15.90
CA ARG B 507 -0.07 40.96 14.79
C ARG B 507 -1.49 40.83 14.22
N GLU B 508 -1.91 39.62 13.89
CA GLU B 508 -3.26 39.40 13.31
C GLU B 508 -4.35 39.67 14.33
N ALA B 509 -4.09 39.35 15.59
CA ALA B 509 -5.10 39.57 16.63
C ALA B 509 -5.37 41.06 16.83
N LEU B 510 -4.31 41.87 16.79
CA LEU B 510 -4.44 43.31 17.03
C LEU B 510 -5.37 43.96 16.02
N LYS B 511 -5.36 43.46 14.78
CA LYS B 511 -6.28 43.95 13.74
C LYS B 511 -7.74 43.80 14.13
N ARG B 512 -8.04 42.88 15.05
CA ARG B 512 -9.44 42.58 15.40
C ARG B 512 -9.90 43.23 16.72
N THR B 513 -9.11 44.16 17.24
CA THR B 513 -9.41 44.83 18.52
C THR B 513 -10.20 46.12 18.40
N LYS B 514 -10.22 46.74 17.24
CA LYS B 514 -10.93 48.02 17.11
C LYS B 514 -12.42 47.83 17.36
N TRP B 515 -12.95 48.50 18.36
CA TRP B 515 -14.33 48.27 18.72
C TRP B 515 -15.08 49.55 19.09
N ALA B 516 -14.62 50.24 20.13
CA ALA B 516 -15.28 51.47 20.62
C ALA B 516 -15.43 52.55 19.53
N LYS B 517 -16.55 53.30 19.59
CA LYS B 517 -17.10 54.07 18.48
C LYS B 517 -17.57 53.13 17.37
N PHE C 5 -20.80 12.98 -40.12
CA PHE C 5 -19.58 13.58 -39.51
C PHE C 5 -18.32 13.27 -40.37
N THR C 6 -17.25 12.73 -39.77
CA THR C 6 -15.96 12.46 -40.45
C THR C 6 -15.33 11.17 -39.90
N MET C 7 -14.14 10.82 -40.42
CA MET C 7 -13.46 9.57 -40.04
C MET C 7 -12.81 9.74 -38.67
N LYS C 8 -13.01 8.77 -37.79
CA LYS C 8 -12.47 8.84 -36.44
C LYS C 8 -11.36 7.84 -36.27
N TYR C 9 -10.38 8.21 -35.46
CA TYR C 9 -9.22 7.38 -35.22
C TYR C 9 -8.90 7.33 -33.73
N VAL C 10 -8.41 6.17 -33.29
CA VAL C 10 -8.01 6.01 -31.88
C VAL C 10 -6.57 5.58 -31.78
N GLY C 11 -5.84 6.14 -30.85
CA GLY C 11 -4.43 5.80 -30.64
C GLY C 11 -4.21 4.88 -29.45
N SER C 12 -3.21 4.03 -29.56
CA SER C 12 -2.91 3.07 -28.50
C SER C 12 -1.42 3.04 -28.29
N ILE C 13 -0.99 3.38 -27.09
CA ILE C 13 0.40 3.23 -26.72
C ILE C 13 0.52 1.82 -26.15
N ASP C 14 1.33 1.00 -26.79
CA ASP C 14 1.59 -0.38 -26.35
C ASP C 14 3.02 -0.44 -25.78
N GLN C 15 3.12 -0.30 -24.45
CA GLN C 15 4.42 -0.14 -23.79
C GLN C 15 4.86 -1.46 -23.20
N GLY C 16 5.68 -2.20 -23.95
CA GLY C 16 6.05 -3.55 -23.59
C GLY C 16 7.43 -3.69 -22.96
N THR C 17 7.82 -4.94 -22.71
CA THR C 17 9.03 -5.21 -21.94
C THR C 17 10.29 -4.83 -22.70
N THR C 18 10.27 -5.02 -24.03
CA THR C 18 11.45 -4.80 -24.85
C THR C 18 11.29 -3.61 -25.76
N SER C 19 10.08 -3.23 -26.10
CA SER C 19 9.88 -2.00 -26.88
C SER C 19 8.55 -1.30 -26.58
N THR C 20 8.41 -0.07 -27.08
CA THR C 20 7.17 0.69 -27.05
C THR C 20 6.66 0.89 -28.49
N ARG C 21 5.34 0.76 -28.68
CA ARG C 21 4.69 0.97 -29.99
C ARG C 21 3.59 2.01 -29.83
N PHE C 22 3.30 2.73 -30.92
CA PHE C 22 2.06 3.49 -31.03
C PHE C 22 1.31 2.97 -32.25
N ILE C 23 0.06 2.57 -32.06
CA ILE C 23 -0.73 2.12 -33.18
C ILE C 23 -1.97 2.99 -33.28
N ILE C 24 -2.24 3.47 -34.48
CA ILE C 24 -3.45 4.22 -34.71
C ILE C 24 -4.42 3.28 -35.38
N PHE C 25 -5.59 3.11 -34.78
CA PHE C 25 -6.68 2.35 -35.35
C PHE C 25 -7.74 3.24 -35.97
N ASP C 26 -8.32 2.80 -37.09
CA ASP C 26 -9.51 3.45 -37.64
C ASP C 26 -10.71 2.82 -36.97
N GLU C 27 -11.88 3.38 -37.23
CA GLU C 27 -13.07 2.95 -36.53
C GLU C 27 -13.62 1.61 -37.00
N ARG C 28 -13.02 1.04 -38.04
CA ARG C 28 -13.25 -0.34 -38.41
C ARG C 28 -12.29 -1.27 -37.69
N GLN C 29 -11.48 -0.71 -36.79
CA GLN C 29 -10.55 -1.45 -35.95
C GLN C 29 -9.31 -2.00 -36.67
N ARG C 30 -8.96 -1.44 -37.81
CA ARG C 30 -7.74 -1.84 -38.51
C ARG C 30 -6.54 -0.98 -38.07
N PRO C 31 -5.38 -1.61 -37.86
CA PRO C 31 -4.18 -0.82 -37.58
C PRO C 31 -3.75 -0.09 -38.84
N VAL C 32 -3.86 1.23 -38.88
CA VAL C 32 -3.50 1.95 -40.10
C VAL C 32 -2.14 2.66 -40.04
N SER C 33 -1.53 2.73 -38.87
CA SER C 33 -0.20 3.29 -38.77
C SER C 33 0.44 2.80 -37.48
N VAL C 34 1.74 2.50 -37.59
CA VAL C 34 2.52 1.93 -36.50
C VAL C 34 3.91 2.58 -36.42
N HIS C 35 4.43 2.76 -35.22
CA HIS C 35 5.87 2.98 -35.06
C HIS C 35 6.34 2.44 -33.72
N GLN C 36 7.51 1.82 -33.74
CA GLN C 36 8.06 1.10 -32.60
C GLN C 36 9.44 1.61 -32.27
N VAL C 37 9.66 1.99 -31.01
CA VAL C 37 10.97 2.41 -30.52
C VAL C 37 11.36 1.48 -29.35
N PRO C 38 12.50 0.79 -29.46
CA PRO C 38 12.99 -0.01 -28.33
C PRO C 38 13.61 0.88 -27.27
N HIS C 39 13.93 0.31 -26.12
CA HIS C 39 14.52 1.03 -24.96
C HIS C 39 15.49 0.09 -24.25
N THR C 40 16.44 0.63 -23.49
CA THR C 40 17.55 -0.17 -22.97
C THR C 40 17.16 -1.10 -21.79
N GLN C 41 17.64 -2.34 -21.85
CA GLN C 41 17.47 -3.33 -20.79
C GLN C 41 18.67 -3.31 -19.84
N HIS C 42 18.54 -2.58 -18.73
CA HIS C 42 19.58 -2.51 -17.72
C HIS C 42 19.63 -3.73 -16.79
N THR C 43 20.80 -4.34 -16.67
CA THR C 43 20.96 -5.54 -15.86
C THR C 43 22.16 -5.41 -14.90
N PRO C 44 21.98 -4.65 -13.80
CA PRO C 44 23.11 -4.34 -12.92
C PRO C 44 23.61 -5.49 -12.01
N HIS C 45 22.85 -6.58 -11.89
CA HIS C 45 23.34 -7.83 -11.26
C HIS C 45 22.58 -9.03 -11.84
N PRO C 46 23.16 -10.24 -11.80
CA PRO C 46 22.42 -11.41 -12.31
C PRO C 46 21.01 -11.52 -11.73
N GLY C 47 20.01 -11.74 -12.59
CA GLY C 47 18.63 -11.83 -12.14
C GLY C 47 17.94 -10.49 -11.92
N TRP C 48 18.67 -9.38 -12.00
CA TRP C 48 18.06 -8.03 -11.97
C TRP C 48 17.76 -7.50 -13.40
N LEU C 49 16.65 -6.79 -13.54
CA LEU C 49 16.33 -6.08 -14.78
C LEU C 49 15.60 -4.81 -14.40
N GLU C 50 15.99 -3.68 -15.01
CA GLU C 50 15.29 -2.42 -14.80
C GLU C 50 15.24 -1.51 -16.04
N HIS C 51 14.36 -0.53 -15.99
CA HIS C 51 14.07 0.29 -17.16
C HIS C 51 14.16 1.76 -16.79
N ASP C 52 14.59 2.57 -17.75
CA ASP C 52 14.68 4.03 -17.59
C ASP C 52 13.29 4.65 -17.88
N PRO C 53 12.59 5.16 -16.84
CA PRO C 53 11.25 5.68 -17.07
C PRO C 53 11.16 6.86 -18.02
N MET C 54 12.17 7.72 -18.02
CA MET C 54 12.22 8.87 -18.93
C MET C 54 12.50 8.43 -20.35
N GLU C 55 13.30 7.39 -20.50
CA GLU C 55 13.53 6.81 -21.82
C GLU C 55 12.22 6.17 -22.36
N ILE C 56 11.48 5.45 -21.50
CA ILE C 56 10.20 4.86 -21.90
C ILE C 56 9.19 5.95 -22.32
N PHE C 57 9.18 7.05 -21.59
CA PHE C 57 8.30 8.17 -21.87
C PHE C 57 8.61 8.80 -23.22
N ARG C 58 9.90 9.00 -23.47
CA ARG C 58 10.33 9.59 -24.73
C ARG C 58 10.01 8.66 -25.90
N SER C 59 10.17 7.35 -25.71
CA SER C 59 9.80 6.38 -26.76
C SER C 59 8.32 6.49 -27.10
N ALA C 60 7.50 6.60 -26.08
CA ALA C 60 6.07 6.73 -26.27
C ALA C 60 5.76 7.99 -27.09
N CYS C 61 6.47 9.06 -26.77
CA CYS C 61 6.25 10.35 -27.43
C CYS C 61 6.70 10.29 -28.88
N LYS C 62 7.78 9.57 -29.17
CA LYS C 62 8.30 9.44 -30.53
C LYS C 62 7.38 8.65 -31.42
N CYS C 63 6.92 7.53 -30.89
CA CYS C 63 6.05 6.65 -31.66
C CYS C 63 4.80 7.41 -32.04
N MET C 64 4.27 8.19 -31.09
CA MET C 64 3.11 9.01 -31.39
C MET C 64 3.39 9.92 -32.59
N SER C 65 4.40 10.76 -32.50
CA SER C 65 4.65 11.73 -33.56
C SER C 65 4.98 11.11 -34.94
N VAL C 66 5.71 10.00 -34.97
CA VAL C 66 6.04 9.38 -36.26
C VAL C 66 4.82 8.70 -36.90
N ALA C 67 4.12 7.89 -36.11
CA ALA C 67 2.91 7.22 -36.58
C ALA C 67 1.94 8.22 -37.14
N ILE C 68 1.72 9.30 -36.37
CA ILE C 68 0.88 10.40 -36.81
C ILE C 68 1.37 10.98 -38.13
N ALA C 69 2.64 11.34 -38.21
CA ALA C 69 3.19 12.00 -39.41
C ALA C 69 3.10 11.08 -40.61
N LYS C 70 3.25 9.76 -40.40
CA LYS C 70 3.08 8.82 -41.49
C LYS C 70 1.63 8.70 -41.93
N LEU C 71 0.70 8.76 -40.96
CA LEU C 71 -0.73 8.67 -41.24
C LEU C 71 -1.20 9.87 -42.08
N ARG C 72 -0.76 11.09 -41.74
CA ARG C 72 -1.22 12.24 -42.54
C ARG C 72 -0.86 12.06 -44.01
N GLN C 73 0.21 11.33 -44.27
CA GLN C 73 0.77 11.18 -45.60
C GLN C 73 -0.04 10.20 -46.41
N LYS C 74 -0.46 9.10 -45.80
CA LYS C 74 -1.17 8.06 -46.53
C LYS C 74 -2.71 8.16 -46.44
N ASP C 75 -3.24 9.10 -45.66
CA ASP C 75 -4.67 9.19 -45.45
C ASP C 75 -5.13 10.64 -45.31
N ALA C 76 -5.72 11.16 -46.38
CA ALA C 76 -6.24 12.55 -46.43
C ALA C 76 -7.42 12.83 -45.50
N SER C 77 -8.15 11.81 -45.00
CA SER C 77 -9.26 12.04 -44.07
C SER C 77 -8.88 11.93 -42.60
N PHE C 78 -7.60 11.74 -42.32
CA PHE C 78 -7.12 11.72 -40.94
C PHE C 78 -6.81 13.14 -40.51
N ARG C 79 -7.65 13.70 -39.65
CA ARG C 79 -7.46 15.04 -39.09
C ARG C 79 -6.93 15.02 -37.64
N LYS C 80 -7.44 14.13 -36.78
CA LYS C 80 -6.92 14.07 -35.40
C LYS C 80 -7.15 12.73 -34.73
N ILE C 81 -6.54 12.54 -33.55
CA ILE C 81 -6.80 11.37 -32.71
C ILE C 81 -7.89 11.66 -31.68
N GLU C 82 -8.97 10.89 -31.74
CA GLU C 82 -10.15 11.10 -30.91
C GLU C 82 -9.86 10.87 -29.43
N ALA C 83 -9.04 9.85 -29.16
CA ALA C 83 -8.65 9.47 -27.81
C ALA C 83 -7.45 8.53 -27.86
N ILE C 84 -6.73 8.45 -26.75
CA ILE C 84 -5.57 7.61 -26.64
C ILE C 84 -5.81 6.62 -25.53
N GLY C 85 -5.41 5.37 -25.80
CA GLY C 85 -5.50 4.30 -24.85
C GLY C 85 -4.08 3.90 -24.51
N ILE C 86 -3.89 3.36 -23.30
CA ILE C 86 -2.57 2.89 -22.89
C ILE C 86 -2.60 1.46 -22.41
N THR C 87 -1.70 0.65 -22.95
CA THR C 87 -1.50 -0.68 -22.45
C THR C 87 -0.02 -0.89 -22.16
N ASN C 88 0.27 -1.72 -21.15
CA ASN C 88 1.59 -1.75 -20.53
C ASN C 88 2.00 -3.10 -19.96
N GLN C 89 3.30 -3.38 -20.03
CA GLN C 89 3.94 -4.39 -19.17
C GLN C 89 3.50 -4.15 -17.70
N ARG C 90 2.94 -5.16 -17.05
CA ARG C 90 2.39 -4.98 -15.73
C ARG C 90 3.50 -5.09 -14.72
N GLU C 91 3.22 -4.73 -13.47
CA GLU C 91 4.09 -4.99 -12.30
C GLU C 91 5.39 -4.18 -12.23
N THR C 92 5.96 -3.83 -13.38
CA THR C 92 7.11 -2.95 -13.41
C THR C 92 6.75 -1.68 -12.68
N THR C 93 7.61 -1.21 -11.77
CA THR C 93 7.26 -0.14 -10.83
C THR C 93 8.27 0.99 -10.88
N VAL C 94 7.71 2.20 -10.93
CA VAL C 94 8.45 3.44 -11.11
C VAL C 94 8.31 4.34 -9.87
N ALA C 95 9.44 4.80 -9.33
CA ALA C 95 9.44 5.73 -8.18
C ALA C 95 9.83 7.12 -8.66
N TRP C 96 8.95 8.09 -8.46
CA TRP C 96 9.26 9.45 -8.87
C TRP C 96 8.80 10.51 -7.89
N ASP C 97 9.34 11.70 -8.08
CA ASP C 97 9.18 12.80 -7.15
C ASP C 97 8.20 13.82 -7.71
N ARG C 98 7.20 14.15 -6.89
CA ARG C 98 6.13 15.08 -7.24
C ARG C 98 6.58 16.45 -7.77
N VAL C 99 7.69 16.99 -7.24
CA VAL C 99 8.16 18.36 -7.61
C VAL C 99 9.24 18.39 -8.70
N THR C 100 10.17 17.45 -8.69
CA THR C 100 11.16 17.36 -9.79
C THR C 100 10.46 16.82 -11.03
N LYS C 101 9.35 16.09 -10.80
CA LYS C 101 8.57 15.44 -11.85
C LYS C 101 9.35 14.31 -12.56
N GLU C 102 10.31 13.71 -11.84
CA GLU C 102 11.26 12.75 -12.43
C GLU C 102 11.57 11.59 -11.51
N PRO C 103 12.08 10.48 -12.08
CA PRO C 103 12.33 9.29 -11.26
C PRO C 103 13.48 9.46 -10.27
N LEU C 104 13.39 8.75 -9.14
CA LEU C 104 14.45 8.71 -8.14
C LEU C 104 15.47 7.58 -8.37
N CYS C 105 15.19 6.66 -9.28
CA CYS C 105 16.06 5.53 -9.58
C CYS C 105 15.45 4.93 -10.83
N TYR C 106 16.04 3.85 -11.34
CA TYR C 106 15.42 3.15 -12.48
C TYR C 106 14.26 2.26 -11.99
N ALA C 107 13.51 1.68 -12.92
CA ALA C 107 12.32 0.89 -12.55
C ALA C 107 12.54 -0.62 -12.60
N PRO C 108 12.46 -1.30 -11.46
CA PRO C 108 12.55 -2.75 -11.50
C PRO C 108 11.37 -3.38 -12.24
N VAL C 109 11.71 -4.27 -13.17
CA VAL C 109 10.78 -4.87 -14.14
C VAL C 109 10.02 -6.08 -13.57
N TRP C 110 8.86 -6.40 -14.13
CA TRP C 110 8.06 -7.50 -13.61
C TRP C 110 8.86 -8.74 -13.24
N ASN C 111 9.80 -9.15 -14.10
CA ASN C 111 10.52 -10.41 -13.87
C ASN C 111 11.84 -10.25 -13.09
N ASP C 112 12.10 -9.03 -12.64
CA ASP C 112 13.20 -8.75 -11.75
C ASP C 112 13.13 -9.61 -10.44
N LEU C 113 14.29 -10.10 -10.02
CA LEU C 113 14.39 -10.99 -8.86
C LEU C 113 15.11 -10.36 -7.66
N ARG C 114 15.35 -9.06 -7.68
CA ARG C 114 15.95 -8.39 -6.53
C ARG C 114 15.05 -8.46 -5.28
N THR C 115 13.75 -8.57 -5.50
CA THR C 115 12.77 -8.60 -4.42
C THR C 115 12.73 -9.94 -3.68
N TYR C 116 13.56 -10.90 -4.09
CA TYR C 116 13.54 -12.26 -3.53
C TYR C 116 13.50 -12.29 -2.01
N ASP C 117 14.50 -11.67 -1.37
CA ASP C 117 14.59 -11.69 0.10
C ASP C 117 13.32 -11.12 0.74
N ILE C 118 12.88 -9.96 0.27
CA ILE C 118 11.68 -9.32 0.81
C ILE C 118 10.46 -10.26 0.79
N THR C 119 10.34 -11.12 -0.22
CA THR C 119 9.19 -12.02 -0.30
C THR C 119 9.31 -13.19 0.68
N LYS C 120 10.53 -13.59 1.03
CA LYS C 120 10.77 -14.58 2.10
C LYS C 120 10.38 -13.94 3.43
N LYS C 121 10.94 -12.77 3.69
CA LYS C 121 10.66 -12.01 4.88
C LYS C 121 9.14 -11.83 5.03
N VAL C 122 8.44 -11.56 3.93
CA VAL C 122 7.00 -11.36 3.97
C VAL C 122 6.24 -12.69 4.25
N THR C 123 6.59 -13.76 3.54
CA THR C 123 5.91 -15.05 3.74
C THR C 123 6.02 -15.52 5.19
N ALA C 124 7.23 -15.47 5.75
CA ALA C 124 7.46 -15.87 7.12
C ALA C 124 6.88 -14.86 8.14
N GLU C 125 7.46 -13.66 8.22
CA GLU C 125 7.07 -12.66 9.24
C GLU C 125 5.61 -12.17 9.19
N LEU C 126 4.89 -12.39 8.09
CA LEU C 126 3.52 -11.89 7.98
C LEU C 126 2.49 -12.94 7.59
N GLY C 127 2.94 -14.06 7.01
CA GLY C 127 2.04 -15.14 6.65
C GLY C 127 2.26 -16.42 7.44
N GLY C 128 3.28 -16.40 8.31
CA GLY C 128 3.67 -17.58 9.07
C GLY C 128 4.14 -18.74 8.22
N GLY C 129 4.71 -18.46 7.04
CA GLY C 129 5.11 -19.52 6.10
C GLY C 129 4.08 -19.81 5.00
N ASP C 130 2.89 -19.21 5.10
CA ASP C 130 1.86 -19.29 4.06
C ASP C 130 1.99 -18.15 3.03
N SER C 131 2.48 -18.47 1.84
CA SER C 131 2.64 -17.44 0.79
C SER C 131 1.26 -16.94 0.32
N MET C 132 0.24 -17.74 0.60
CA MET C 132 -1.13 -17.44 0.20
C MET C 132 -1.91 -16.70 1.27
N PHE C 133 -1.25 -16.22 2.31
CA PHE C 133 -2.00 -15.64 3.41
C PHE C 133 -2.90 -14.46 3.00
N ALA C 134 -2.51 -13.69 1.98
CA ALA C 134 -3.26 -12.49 1.58
C ALA C 134 -4.05 -12.65 0.29
N SER C 135 -4.06 -13.87 -0.24
CA SER C 135 -4.70 -14.19 -1.49
C SER C 135 -6.19 -13.94 -1.56
N LYS C 136 -6.87 -13.83 -0.42
CA LYS C 136 -8.32 -13.57 -0.38
C LYS C 136 -8.60 -12.07 -0.48
N ILE C 137 -7.63 -11.26 -0.10
CA ILE C 137 -7.68 -9.82 -0.33
C ILE C 137 -7.19 -9.58 -1.75
N THR C 138 -5.92 -9.88 -2.01
CA THR C 138 -5.27 -9.49 -3.26
C THR C 138 -5.61 -10.34 -4.46
N GLY C 139 -5.86 -11.63 -4.21
CA GLY C 139 -6.00 -12.63 -5.29
C GLY C 139 -4.67 -13.28 -5.69
N LEU C 140 -3.60 -13.01 -4.95
CA LEU C 140 -2.26 -13.33 -5.41
C LEU C 140 -1.45 -14.04 -4.37
N PRO C 141 -0.49 -14.86 -4.81
CA PRO C 141 0.51 -15.41 -3.90
C PRO C 141 1.58 -14.39 -3.63
N VAL C 142 2.32 -14.56 -2.54
CA VAL C 142 3.51 -13.77 -2.32
C VAL C 142 4.52 -14.19 -3.38
N SER C 143 5.05 -13.20 -4.08
CA SER C 143 5.91 -13.47 -5.21
C SER C 143 6.73 -12.24 -5.59
N THR C 144 7.81 -12.46 -6.32
CA THR C 144 8.70 -11.39 -6.70
C THR C 144 8.12 -10.46 -7.75
N TYR C 145 7.04 -10.86 -8.43
CA TYR C 145 6.54 -10.06 -9.54
C TYR C 145 5.84 -8.80 -9.09
N PHE C 146 5.06 -8.91 -8.02
CA PHE C 146 4.08 -7.87 -7.70
C PHE C 146 4.66 -6.62 -7.08
N ALA C 147 4.08 -5.48 -7.47
CA ALA C 147 4.69 -4.18 -7.28
C ALA C 147 5.00 -3.77 -5.84
N ALA C 148 4.10 -4.03 -4.90
CA ALA C 148 4.35 -3.68 -3.51
C ALA C 148 5.77 -4.04 -3.08
N PHE C 149 6.28 -5.17 -3.54
CA PHE C 149 7.56 -5.66 -3.03
C PHE C 149 8.72 -4.88 -3.61
N LYS C 150 8.55 -4.43 -4.85
CA LYS C 150 9.48 -3.53 -5.51
C LYS C 150 9.38 -2.13 -4.92
N MET C 151 8.20 -1.78 -4.43
CA MET C 151 8.01 -0.51 -3.74
C MET C 151 8.78 -0.57 -2.40
N ARG C 152 8.50 -1.64 -1.64
CA ARG C 152 9.24 -1.97 -0.42
C ARG C 152 10.74 -1.94 -0.68
N TRP C 153 11.19 -2.59 -1.75
CA TRP C 153 12.62 -2.67 -2.02
C TRP C 153 13.26 -1.30 -2.31
N MET C 154 12.58 -0.46 -3.08
CA MET C 154 13.07 0.87 -3.36
C MET C 154 13.07 1.76 -2.11
N LEU C 155 12.10 1.55 -1.23
CA LEU C 155 12.01 2.32 0.02
C LEU C 155 13.21 1.98 0.90
N GLU C 156 13.43 0.68 1.08
CA GLU C 156 14.52 0.17 1.90
C GLU C 156 15.88 0.51 1.33
N ASN C 157 16.07 0.38 0.01
CA ASN C 157 17.43 0.39 -0.61
C ASN C 157 17.86 1.60 -1.44
N VAL C 158 16.96 2.53 -1.69
CA VAL C 158 17.24 3.67 -2.59
C VAL C 158 17.09 4.92 -1.75
N PRO C 159 18.20 5.37 -1.14
CA PRO C 159 18.13 6.52 -0.24
C PRO C 159 17.26 7.69 -0.78
N ALA C 160 17.38 7.99 -2.08
CA ALA C 160 16.56 9.04 -2.73
C ALA C 160 15.02 8.81 -2.63
N VAL C 161 14.58 7.55 -2.69
CA VAL C 161 13.15 7.24 -2.56
C VAL C 161 12.70 7.35 -1.10
N ALA C 162 13.50 6.82 -0.18
CA ALA C 162 13.25 7.01 1.26
C ALA C 162 13.06 8.49 1.59
N ASP C 163 14.02 9.31 1.18
CA ASP C 163 13.99 10.75 1.46
C ASP C 163 12.70 11.38 0.94
N ALA C 164 12.38 11.10 -0.32
CA ALA C 164 11.23 11.73 -0.96
C ALA C 164 9.95 11.38 -0.20
N CYS C 165 9.91 10.17 0.33
CA CYS C 165 8.79 9.77 1.18
C CYS C 165 8.69 10.73 2.38
N ARG C 166 9.79 10.94 3.10
CA ARG C 166 9.81 11.85 4.26
C ARG C 166 9.46 13.33 3.96
N ARG C 167 9.78 13.82 2.76
CA ARG C 167 9.34 15.17 2.34
C ARG C 167 7.84 15.21 1.96
N GLY C 168 7.19 14.04 1.82
CA GLY C 168 5.81 13.93 1.32
C GLY C 168 5.64 14.14 -0.19
N THR C 169 6.69 13.84 -0.97
CA THR C 169 6.68 14.12 -2.42
C THR C 169 6.86 12.88 -3.30
N LEU C 170 6.79 11.69 -2.72
CA LEU C 170 7.05 10.47 -3.47
C LEU C 170 5.77 9.95 -4.13
N CYS C 171 5.93 9.62 -5.41
CA CYS C 171 4.94 8.86 -6.17
C CYS C 171 5.50 7.49 -6.58
N PHE C 172 4.73 6.43 -6.26
CA PHE C 172 4.96 5.11 -6.85
C PHE C 172 3.91 4.88 -7.94
N GLY C 173 4.22 4.00 -8.87
CA GLY C 173 3.26 3.73 -9.90
C GLY C 173 3.76 2.77 -10.93
N THR C 174 2.87 1.90 -11.35
CA THR C 174 3.12 1.05 -12.49
C THR C 174 3.18 1.92 -13.76
N ILE C 175 3.57 1.32 -14.88
CA ILE C 175 3.87 2.06 -16.13
C ILE C 175 2.68 2.86 -16.69
N ASP C 176 1.45 2.38 -16.51
CA ASP C 176 0.27 3.14 -16.91
C ASP C 176 0.21 4.46 -16.15
N THR C 177 0.48 4.35 -14.85
CA THR C 177 0.38 5.48 -13.95
C THR C 177 1.45 6.49 -14.34
N TRP C 178 2.66 6.00 -14.64
CA TRP C 178 3.77 6.86 -14.99
C TRP C 178 3.59 7.56 -16.34
N LEU C 179 3.18 6.80 -17.35
CA LEU C 179 2.92 7.35 -18.70
C LEU C 179 1.83 8.43 -18.61
N MET C 180 0.72 8.09 -17.98
CA MET C 180 -0.37 9.03 -17.88
C MET C 180 0.06 10.28 -17.11
N TYR C 181 0.94 10.12 -16.12
CA TYR C 181 1.47 11.25 -15.36
C TYR C 181 2.29 12.24 -16.23
N LYS C 182 3.19 11.71 -17.06
CA LYS C 182 4.05 12.56 -17.88
C LYS C 182 3.33 13.11 -19.11
N LEU C 183 2.52 12.28 -19.76
CA LEU C 183 1.66 12.75 -20.85
C LEU C 183 0.77 13.91 -20.35
N SER C 184 0.29 13.81 -19.09
CA SER C 184 -0.53 14.86 -18.43
C SER C 184 0.19 16.19 -18.18
N GLY C 185 1.52 16.15 -18.17
CA GLY C 185 2.32 17.27 -17.69
C GLY C 185 2.43 17.29 -16.17
N GLY C 186 2.01 16.22 -15.52
CA GLY C 186 2.06 16.16 -14.06
C GLY C 186 0.67 16.27 -13.44
N LYS C 187 -0.33 16.60 -14.22
CA LYS C 187 -1.68 16.76 -13.71
C LYS C 187 -2.38 15.48 -13.22
N ALA C 188 -2.04 14.31 -13.75
CA ALA C 188 -2.79 13.11 -13.39
C ALA C 188 -1.93 12.09 -12.66
N PHE C 189 -2.47 11.58 -11.55
CA PHE C 189 -1.81 10.55 -10.78
C PHE C 189 -2.82 9.43 -10.54
N VAL C 190 -3.00 8.60 -11.57
CA VAL C 190 -4.07 7.59 -11.63
C VAL C 190 -3.62 6.27 -12.18
N THR C 191 -4.41 5.23 -11.94
CA THR C 191 -4.13 3.88 -12.40
C THR C 191 -5.45 3.20 -12.66
N ASP C 192 -5.42 2.15 -13.47
CA ASP C 192 -6.63 1.41 -13.77
C ASP C 192 -6.71 0.15 -12.91
N VAL C 193 -7.92 -0.41 -12.80
CA VAL C 193 -8.17 -1.56 -11.94
C VAL C 193 -7.28 -2.77 -12.24
N THR C 194 -7.01 -3.05 -13.52
CA THR C 194 -6.23 -4.21 -13.88
C THR C 194 -4.80 -4.01 -13.43
N ASN C 195 -4.22 -2.85 -13.69
CA ASN C 195 -2.86 -2.65 -13.19
C ASN C 195 -2.82 -2.68 -11.69
N ALA C 196 -3.76 -1.97 -11.07
CA ALA C 196 -3.83 -1.88 -9.62
C ALA C 196 -3.86 -3.25 -8.97
N SER C 197 -4.51 -4.21 -9.65
CA SER C 197 -4.72 -5.56 -9.12
C SER C 197 -3.49 -6.45 -9.15
N ARG C 198 -2.37 -5.89 -9.58
CA ARG C 198 -1.11 -6.60 -9.67
C ARG C 198 -0.11 -5.96 -8.75
N THR C 199 -0.58 -5.05 -7.88
CA THR C 199 0.29 -4.33 -6.95
C THR C 199 0.54 -5.12 -5.68
N PHE C 200 -0.42 -5.99 -5.35
CA PHE C 200 -0.51 -6.64 -4.01
C PHE C 200 -1.11 -5.71 -2.93
N LEU C 201 -1.59 -4.53 -3.33
CA LEU C 201 -2.20 -3.60 -2.42
C LEU C 201 -3.68 -3.40 -2.61
N MET C 202 -4.28 -3.98 -3.64
CA MET C 202 -5.67 -3.71 -3.93
C MET C 202 -6.52 -4.81 -3.35
N ASP C 203 -7.62 -4.45 -2.71
CA ASP C 203 -8.58 -5.44 -2.26
C ASP C 203 -9.35 -5.81 -3.51
N LEU C 204 -9.25 -7.07 -3.93
CA LEU C 204 -9.88 -7.49 -5.19
C LEU C 204 -11.35 -7.18 -5.23
N ARG C 205 -12.05 -7.47 -4.15
CA ARG C 205 -13.50 -7.35 -4.14
C ARG C 205 -13.98 -5.90 -4.22
N THR C 206 -13.29 -4.97 -3.56
CA THR C 206 -13.72 -3.57 -3.58
C THR C 206 -13.03 -2.76 -4.68
N ARG C 207 -11.84 -3.23 -5.08
CA ARG C 207 -10.99 -2.49 -6.00
C ARG C 207 -10.58 -1.16 -5.40
N LYS C 208 -10.24 -1.19 -4.11
CA LYS C 208 -9.67 -0.03 -3.45
C LYS C 208 -8.36 -0.48 -2.82
N TRP C 209 -7.53 0.48 -2.47
CA TRP C 209 -6.33 0.14 -1.72
C TRP C 209 -6.76 -0.44 -0.37
N SER C 210 -6.11 -1.52 0.04
CA SER C 210 -6.32 -2.12 1.36
C SER C 210 -5.43 -1.39 2.34
N PRO C 211 -6.04 -0.67 3.31
CA PRO C 211 -5.21 0.00 4.31
C PRO C 211 -4.44 -0.99 5.17
N GLU C 212 -5.04 -2.17 5.40
CA GLU C 212 -4.35 -3.24 6.16
C GLU C 212 -3.01 -3.58 5.53
N LEU C 213 -3.03 -4.00 4.26
CA LEU C 213 -1.83 -4.42 3.53
C LEU C 213 -0.78 -3.32 3.38
N CYS C 214 -1.23 -2.10 3.10
CA CYS C 214 -0.33 -0.95 3.07
C CYS C 214 0.38 -0.74 4.42
N GLU C 215 -0.35 -0.86 5.53
CA GLU C 215 0.21 -0.82 6.89
C GLU C 215 1.18 -1.98 7.11
N LYS C 216 0.72 -3.20 6.83
CA LYS C 216 1.52 -4.40 7.02
C LYS C 216 2.82 -4.43 6.22
N LEU C 217 2.78 -4.01 4.95
CA LEU C 217 3.99 -3.99 4.09
C LEU C 217 4.76 -2.67 4.18
N LYS C 218 4.20 -1.73 4.95
CA LYS C 218 4.85 -0.45 5.21
C LYS C 218 5.06 0.27 3.88
N ILE C 219 3.94 0.53 3.21
CA ILE C 219 3.88 1.35 2.02
C ILE C 219 2.78 2.34 2.33
N PRO C 220 3.07 3.64 2.26
CA PRO C 220 2.07 4.65 2.58
C PRO C 220 1.09 5.00 1.46
N MET C 221 -0.19 5.11 1.80
CA MET C 221 -1.23 5.39 0.82
C MET C 221 -1.12 6.76 0.16
N GLU C 222 -0.28 7.64 0.72
CA GLU C 222 0.01 8.95 0.10
C GLU C 222 0.82 8.77 -1.20
N THR C 223 1.66 7.75 -1.25
CA THR C 223 2.47 7.49 -2.44
C THR C 223 1.68 6.87 -3.62
N LEU C 224 0.49 6.36 -3.35
CA LEU C 224 -0.27 5.63 -4.36
C LEU C 224 -1.27 6.52 -5.06
N PRO C 225 -1.66 6.14 -6.29
CA PRO C 225 -2.56 6.97 -7.07
C PRO C 225 -4.01 6.54 -6.98
N GLU C 226 -4.89 7.34 -7.56
CA GLU C 226 -6.31 7.05 -7.62
C GLU C 226 -6.59 5.88 -8.60
N ILE C 227 -7.31 4.87 -8.13
CA ILE C 227 -7.72 3.75 -8.95
C ILE C 227 -8.98 4.11 -9.70
N ARG C 228 -8.89 4.16 -11.02
CA ARG C 228 -10.04 4.41 -11.88
C ARG C 228 -10.35 3.12 -12.65
N SER C 229 -11.36 3.16 -13.52
CA SER C 229 -11.67 2.02 -14.39
C SER C 229 -10.73 1.95 -15.62
N ASN C 230 -10.99 1.04 -16.54
CA ASN C 230 -10.18 0.93 -17.76
C ASN C 230 -10.55 1.94 -18.85
N SER C 231 -11.77 2.46 -18.79
CA SER C 231 -12.34 3.25 -19.87
C SER C 231 -13.10 4.46 -19.32
N GLU C 232 -12.50 5.63 -19.45
CA GLU C 232 -13.05 6.87 -18.90
C GLU C 232 -12.00 7.98 -19.04
N LEU C 233 -12.36 9.21 -18.71
CA LEU C 233 -11.47 10.34 -18.89
C LEU C 233 -10.39 10.33 -17.82
N PHE C 234 -9.18 9.95 -18.21
CA PHE C 234 -8.02 9.90 -17.29
C PHE C 234 -7.28 11.22 -17.29
N GLY C 235 -7.34 11.97 -18.41
CA GLY C 235 -6.58 13.19 -18.56
C GLY C 235 -6.45 13.55 -20.02
N TYR C 236 -5.54 14.48 -20.32
CA TYR C 236 -5.29 14.92 -21.68
C TYR C 236 -3.78 14.85 -21.87
N VAL C 237 -3.35 14.59 -23.10
CA VAL C 237 -1.95 14.74 -23.43
C VAL C 237 -1.64 16.24 -23.39
N GLU C 238 -0.72 16.64 -22.52
CA GLU C 238 -0.37 18.06 -22.31
C GLU C 238 1.14 18.18 -22.18
N THR C 239 1.85 17.74 -23.20
CA THR C 239 3.31 17.83 -23.21
C THR C 239 3.76 18.07 -24.64
N ASP C 240 4.94 18.63 -24.83
CA ASP C 240 5.59 18.56 -26.14
C ASP C 240 6.99 17.96 -25.98
N GLU C 241 7.05 16.67 -25.66
CA GLU C 241 8.33 15.96 -25.68
C GLU C 241 8.71 15.75 -27.15
N CYS C 242 8.89 14.54 -27.65
CA CYS C 242 9.46 14.38 -29.00
C CYS C 242 8.49 14.82 -30.13
N GLY C 243 8.09 16.09 -30.07
CA GLY C 243 7.17 16.69 -31.04
C GLY C 243 5.68 16.48 -30.77
N VAL C 244 5.34 15.73 -29.72
CA VAL C 244 4.06 15.02 -29.70
C VAL C 244 2.81 15.91 -29.71
N ALA C 245 2.89 17.05 -29.01
CA ALA C 245 1.78 18.04 -28.95
C ALA C 245 1.51 18.73 -30.28
N ALA C 246 2.57 19.17 -30.95
CA ALA C 246 2.44 19.71 -32.30
C ALA C 246 1.87 18.65 -33.27
N ALA C 247 2.27 17.39 -33.09
CA ALA C 247 1.78 16.29 -33.93
C ALA C 247 0.32 15.95 -33.63
N LEU C 248 -0.05 15.87 -32.35
CA LEU C 248 -1.44 15.65 -31.98
C LEU C 248 -2.30 16.80 -32.49
N ASN C 249 -1.70 17.98 -32.54
CA ASN C 249 -2.31 19.19 -33.13
C ASN C 249 -3.41 19.73 -32.22
N GLU C 250 -4.54 19.04 -32.15
CA GLU C 250 -5.64 19.42 -31.29
C GLU C 250 -5.47 18.67 -29.97
N ARG C 251 -6.00 19.23 -28.89
CA ARG C 251 -5.88 18.61 -27.57
C ARG C 251 -6.46 17.19 -27.63
N THR C 252 -5.78 16.24 -26.97
CA THR C 252 -6.11 14.83 -27.12
C THR C 252 -6.25 14.12 -25.78
N PRO C 253 -7.45 13.57 -25.51
CA PRO C 253 -7.75 12.97 -24.22
C PRO C 253 -7.21 11.55 -24.10
N ILE C 254 -6.79 11.20 -22.89
CA ILE C 254 -6.33 9.88 -22.56
C ILE C 254 -7.51 9.24 -21.86
N MET C 255 -8.04 8.18 -22.48
CA MET C 255 -9.33 7.63 -22.07
C MET C 255 -9.36 6.11 -21.94
N GLY C 256 -8.20 5.47 -22.02
CA GLY C 256 -8.12 4.04 -21.81
C GLY C 256 -6.79 3.70 -21.17
N SER C 257 -6.82 2.76 -20.24
CA SER C 257 -5.63 2.34 -19.53
C SER C 257 -5.88 0.92 -19.06
N ILE C 258 -4.99 -0.02 -19.41
CA ILE C 258 -5.28 -1.45 -19.14
C ILE C 258 -4.03 -2.29 -19.25
N GLY C 259 -3.80 -3.15 -18.28
CA GLY C 259 -2.61 -3.99 -18.32
C GLY C 259 -2.59 -4.86 -19.56
N ASP C 260 -1.40 -5.18 -20.06
CA ASP C 260 -1.26 -5.87 -21.34
C ASP C 260 -2.05 -7.18 -21.46
N GLN C 261 -1.88 -8.10 -20.51
CA GLN C 261 -2.58 -9.38 -20.63
C GLN C 261 -4.10 -9.19 -20.68
N GLN C 262 -4.59 -8.25 -19.85
CA GLN C 262 -6.03 -7.95 -19.79
C GLN C 262 -6.46 -7.20 -21.04
N SER C 263 -5.54 -6.45 -21.63
CA SER C 263 -5.82 -5.70 -22.83
C SER C 263 -5.98 -6.66 -23.99
N ALA C 264 -5.24 -7.76 -23.97
CA ALA C 264 -5.38 -8.81 -24.99
C ALA C 264 -6.69 -9.56 -24.81
N LEU C 265 -7.09 -9.76 -23.57
CA LEU C 265 -8.39 -10.36 -23.27
C LEU C 265 -9.53 -9.53 -23.83
N PHE C 266 -9.42 -8.21 -23.69
CA PHE C 266 -10.45 -7.26 -24.15
C PHE C 266 -10.39 -7.16 -25.67
N GLY C 267 -9.20 -6.95 -26.21
CA GLY C 267 -8.99 -6.87 -27.64
C GLY C 267 -9.39 -8.13 -28.40
N ASN C 268 -9.45 -9.25 -27.69
CA ASN C 268 -10.02 -10.47 -28.25
C ASN C 268 -11.50 -10.62 -27.96
N MET C 269 -12.17 -9.56 -27.52
CA MET C 269 -13.62 -9.58 -27.34
C MET C 269 -14.08 -10.63 -26.32
N CYS C 270 -13.29 -10.92 -25.29
CA CYS C 270 -13.67 -11.96 -24.31
C CYS C 270 -14.55 -11.37 -23.20
N PHE C 271 -15.76 -10.99 -23.59
CA PHE C 271 -16.60 -10.15 -22.75
C PHE C 271 -17.55 -10.91 -21.83
N GLU C 272 -17.90 -12.15 -22.17
CA GLU C 272 -18.83 -12.94 -21.34
C GLU C 272 -18.07 -13.97 -20.49
N LYS C 273 -18.63 -14.36 -19.35
CA LYS C 273 -18.03 -15.43 -18.54
C LYS C 273 -17.82 -16.71 -19.37
N GLY C 274 -16.66 -17.34 -19.20
CA GLY C 274 -16.30 -18.53 -19.96
C GLY C 274 -15.47 -18.30 -21.20
N GLU C 275 -15.37 -17.05 -21.64
CA GLU C 275 -14.54 -16.71 -22.81
C GLU C 275 -13.12 -16.46 -22.33
N ALA C 276 -12.15 -17.06 -23.03
CA ALA C 276 -10.74 -16.97 -22.66
C ALA C 276 -9.83 -16.65 -23.86
N LYS C 277 -8.63 -16.15 -23.56
CA LYS C 277 -7.61 -15.86 -24.55
C LYS C 277 -6.33 -16.55 -24.15
N ASN C 278 -5.54 -16.99 -25.13
CA ASN C 278 -4.18 -17.42 -24.83
C ASN C 278 -3.23 -16.76 -25.75
N THR C 279 -2.20 -16.14 -25.17
CA THR C 279 -1.11 -15.66 -25.97
C THR C 279 -0.05 -16.75 -26.01
N TYR C 280 0.21 -17.29 -27.22
CA TYR C 280 1.38 -18.15 -27.45
C TYR C 280 2.59 -17.30 -27.88
N GLY C 281 3.34 -16.77 -26.91
CA GLY C 281 4.66 -16.16 -27.13
C GLY C 281 5.82 -17.06 -26.68
N THR C 282 6.86 -16.47 -26.07
CA THR C 282 7.97 -17.20 -25.42
C THR C 282 7.41 -18.10 -24.32
N GLY C 283 6.52 -17.53 -23.51
CA GLY C 283 5.67 -18.29 -22.63
C GLY C 283 4.22 -18.14 -23.06
N CYS C 284 3.33 -18.81 -22.34
CA CYS C 284 1.89 -18.72 -22.57
C CYS C 284 1.25 -18.01 -21.38
N PHE C 285 0.41 -17.01 -21.64
CA PHE C 285 -0.39 -16.39 -20.63
C PHE C 285 -1.81 -16.61 -21.00
N LEU C 286 -2.54 -17.37 -20.19
CA LEU C 286 -3.96 -17.66 -20.46
C LEU C 286 -4.83 -16.93 -19.44
N LEU C 287 -5.79 -16.16 -19.93
CA LEU C 287 -6.75 -15.45 -19.10
C LEU C 287 -8.18 -15.83 -19.46
N MET C 288 -8.96 -16.23 -18.45
CA MET C 288 -10.39 -16.50 -18.63
C MET C 288 -11.20 -15.43 -17.93
N ASN C 289 -12.24 -14.93 -18.61
CA ASN C 289 -13.27 -14.09 -17.99
C ASN C 289 -14.23 -14.97 -17.17
N VAL C 290 -14.29 -14.74 -15.86
CA VAL C 290 -15.13 -15.57 -14.97
C VAL C 290 -16.40 -14.88 -14.49
N GLY C 291 -16.67 -13.66 -14.91
CA GLY C 291 -17.91 -13.00 -14.55
C GLY C 291 -17.72 -11.91 -13.54
N GLU C 292 -18.84 -11.39 -13.01
CA GLU C 292 -18.86 -10.14 -12.24
C GLU C 292 -18.35 -10.25 -10.81
N GLU C 293 -18.07 -11.46 -10.35
CA GLU C 293 -17.55 -11.68 -8.99
C GLU C 293 -16.24 -12.48 -8.96
N ALA C 294 -15.33 -12.05 -8.09
CA ALA C 294 -14.01 -12.64 -7.98
C ALA C 294 -14.08 -14.11 -7.65
N ARG C 295 -13.30 -14.91 -8.37
CA ARG C 295 -13.14 -16.32 -8.07
C ARG C 295 -11.73 -16.52 -7.57
N PHE C 296 -11.59 -17.28 -6.49
CA PHE C 296 -10.28 -17.58 -5.91
C PHE C 296 -9.84 -19.00 -6.20
N SER C 297 -8.52 -19.19 -6.21
CA SER C 297 -7.91 -20.35 -6.81
C SER C 297 -7.35 -21.29 -5.76
N LYS C 298 -7.64 -22.58 -5.95
CA LYS C 298 -7.10 -23.64 -5.10
C LYS C 298 -6.10 -24.48 -5.88
N HIS C 299 -5.61 -23.91 -6.99
CA HIS C 299 -4.70 -24.59 -7.90
C HIS C 299 -3.50 -23.72 -8.24
N GLY C 300 -3.33 -22.64 -7.48
CA GLY C 300 -2.21 -21.73 -7.66
C GLY C 300 -2.39 -20.67 -8.74
N LEU C 301 -3.51 -20.70 -9.47
CA LEU C 301 -3.81 -19.67 -10.47
C LEU C 301 -4.00 -18.30 -9.81
N LEU C 302 -3.70 -17.25 -10.55
CA LEU C 302 -3.87 -15.89 -10.05
C LEU C 302 -5.32 -15.45 -10.23
N SER C 303 -5.86 -14.73 -9.26
CA SER C 303 -7.18 -14.10 -9.41
C SER C 303 -6.92 -12.62 -9.66
N THR C 304 -7.46 -12.08 -10.75
CA THR C 304 -7.17 -10.69 -11.13
C THR C 304 -8.43 -9.99 -11.64
N VAL C 305 -8.37 -8.68 -11.84
CA VAL C 305 -9.46 -7.99 -12.56
C VAL C 305 -9.29 -8.20 -14.08
N GLY C 306 -10.41 -8.44 -14.75
CA GLY C 306 -10.43 -8.69 -16.19
C GLY C 306 -10.51 -7.36 -16.92
N PHE C 307 -11.62 -6.66 -16.73
CA PHE C 307 -11.76 -5.29 -17.20
C PHE C 307 -12.94 -4.58 -16.53
N GLN C 308 -12.96 -3.25 -16.63
CA GLN C 308 -14.08 -2.44 -16.16
C GLN C 308 -14.31 -1.26 -17.13
N VAL C 309 -15.46 -1.26 -17.81
CA VAL C 309 -15.81 -0.18 -18.74
C VAL C 309 -16.68 0.86 -18.05
N GLY C 310 -16.17 2.10 -17.99
CA GLY C 310 -16.84 3.23 -17.31
C GLY C 310 -16.54 3.22 -15.83
N ARG C 311 -16.55 4.38 -15.17
CA ARG C 311 -16.29 4.35 -13.72
C ARG C 311 -17.47 3.75 -12.96
N ASP C 312 -17.13 2.89 -11.99
CA ASP C 312 -18.08 2.02 -11.25
C ASP C 312 -19.11 1.27 -12.11
N GLY C 313 -18.94 1.30 -13.43
CA GLY C 313 -19.60 0.34 -14.31
C GLY C 313 -19.15 -1.07 -13.99
N PRO C 314 -19.73 -2.08 -14.67
CA PRO C 314 -19.47 -3.46 -14.27
C PRO C 314 -17.98 -3.81 -14.31
N CYS C 315 -17.52 -4.58 -13.32
CA CYS C 315 -16.15 -5.02 -13.25
C CYS C 315 -16.14 -6.50 -13.47
N TYR C 316 -15.51 -6.95 -14.56
CA TYR C 316 -15.40 -8.38 -14.87
C TYR C 316 -14.05 -8.86 -14.39
N TYR C 317 -14.06 -10.03 -13.75
CA TYR C 317 -12.88 -10.61 -13.10
C TYR C 317 -12.33 -11.77 -13.92
N ALA C 318 -11.09 -12.16 -13.62
CA ALA C 318 -10.42 -13.17 -14.41
C ALA C 318 -9.61 -14.10 -13.55
N LEU C 319 -9.37 -15.27 -14.11
CA LEU C 319 -8.36 -16.19 -13.63
C LEU C 319 -7.19 -16.17 -14.65
N GLU C 320 -5.95 -16.20 -14.17
CA GLU C 320 -4.77 -16.13 -15.04
C GLU C 320 -3.78 -17.26 -14.74
N GLY C 321 -3.30 -17.91 -15.79
CA GLY C 321 -2.25 -18.93 -15.69
C GLY C 321 -1.16 -18.73 -16.73
N ALA C 322 0.07 -19.08 -16.36
CA ALA C 322 1.21 -19.06 -17.28
C ALA C 322 1.71 -20.46 -17.67
N ILE C 323 2.39 -20.56 -18.81
CA ILE C 323 3.46 -21.57 -18.95
C ILE C 323 4.72 -20.83 -19.38
N ALA C 324 5.86 -21.38 -19.01
CA ALA C 324 7.15 -20.67 -19.14
C ALA C 324 7.82 -20.94 -20.49
N CYS C 325 7.77 -22.19 -20.92
CA CYS C 325 8.56 -22.63 -22.06
C CYS C 325 7.64 -23.13 -23.17
N ALA C 326 7.02 -22.14 -23.83
CA ALA C 326 6.24 -22.34 -25.02
C ALA C 326 7.11 -22.02 -26.22
N GLY C 327 7.05 -20.80 -26.73
CA GLY C 327 7.93 -20.37 -27.84
C GLY C 327 9.39 -20.65 -27.59
N ALA C 328 9.83 -20.59 -26.33
CA ALA C 328 11.23 -20.91 -26.02
C ALA C 328 11.60 -22.36 -26.33
N THR C 329 10.62 -23.26 -26.25
CA THR C 329 10.83 -24.68 -26.58
C THR C 329 11.11 -24.88 -28.08
N VAL C 330 10.29 -24.28 -28.92
CA VAL C 330 10.57 -24.29 -30.36
C VAL C 330 12.00 -23.78 -30.62
N GLU C 331 12.34 -22.66 -30.01
CA GLU C 331 13.62 -22.01 -30.21
C GLU C 331 14.76 -22.85 -29.63
N TRP C 332 14.59 -23.40 -28.43
CA TRP C 332 15.57 -24.35 -27.89
C TRP C 332 15.81 -25.51 -28.86
N MET C 333 14.75 -26.07 -29.42
CA MET C 333 14.91 -27.21 -30.30
C MET C 333 15.84 -26.82 -31.44
N ARG C 334 15.65 -25.59 -31.95
CA ARG C 334 16.46 -25.02 -33.02
C ARG C 334 17.88 -24.64 -32.57
N ARG C 335 18.02 -23.67 -31.68
CA ARG C 335 19.34 -23.12 -31.29
C ARG C 335 20.17 -24.17 -30.49
N ASN C 336 19.55 -24.88 -29.54
CA ASN C 336 20.31 -25.83 -28.72
C ASN C 336 20.48 -27.24 -29.30
N MET C 337 19.54 -27.71 -30.10
CA MET C 337 19.50 -29.12 -30.49
C MET C 337 19.58 -29.42 -31.98
N ASN C 338 19.40 -28.41 -32.83
CA ASN C 338 19.63 -28.59 -34.26
C ASN C 338 18.56 -29.47 -34.93
N LEU C 339 17.38 -29.53 -34.34
CA LEU C 339 16.30 -30.35 -34.90
C LEU C 339 15.76 -29.76 -36.19
N PHE C 340 15.99 -28.47 -36.41
CA PHE C 340 15.65 -27.81 -37.67
C PHE C 340 16.39 -26.46 -37.78
N SER C 341 16.14 -25.69 -38.84
CA SER C 341 16.86 -24.43 -39.09
C SER C 341 15.93 -23.21 -39.18
N HIS C 342 15.12 -23.11 -40.24
CA HIS C 342 14.15 -22.02 -40.38
C HIS C 342 12.91 -22.33 -39.52
N ILE C 343 12.22 -21.29 -39.07
CA ILE C 343 11.09 -21.47 -38.14
C ILE C 343 9.88 -22.15 -38.81
N THR C 344 9.80 -22.12 -40.14
CA THR C 344 8.72 -22.83 -40.85
C THR C 344 8.89 -24.36 -40.84
N GLU C 345 10.12 -24.85 -40.64
CA GLU C 345 10.40 -26.30 -40.66
C GLU C 345 9.75 -27.05 -39.50
N CYS C 346 9.60 -26.34 -38.38
CA CYS C 346 8.96 -26.88 -37.17
C CYS C 346 7.61 -27.57 -37.47
N GLU C 347 6.64 -26.78 -37.93
CA GLU C 347 5.31 -27.29 -38.27
C GLU C 347 5.37 -28.33 -39.38
N LYS C 348 6.29 -28.14 -40.31
CA LYS C 348 6.41 -29.00 -41.48
C LYS C 348 6.80 -30.39 -41.00
N LEU C 349 7.83 -30.45 -40.17
CA LEU C 349 8.33 -31.71 -39.63
C LEU C 349 7.29 -32.40 -38.75
N ALA C 350 6.60 -31.63 -37.92
CA ALA C 350 5.54 -32.14 -37.04
C ALA C 350 4.37 -32.77 -37.79
N ARG C 351 4.06 -32.25 -38.96
CA ARG C 351 2.96 -32.78 -39.74
C ARG C 351 3.35 -34.02 -40.49
N SER C 352 4.66 -34.26 -40.63
CA SER C 352 5.12 -35.37 -41.45
C SER C 352 4.92 -36.72 -40.77
N VAL C 353 4.56 -36.71 -39.48
CA VAL C 353 4.25 -37.94 -38.74
C VAL C 353 2.82 -37.88 -38.20
N PRO C 354 2.11 -39.01 -38.23
CA PRO C 354 0.71 -38.98 -37.81
C PRO C 354 0.52 -38.79 -36.30
N GLY C 355 1.55 -39.06 -35.50
CA GLY C 355 1.50 -38.78 -34.07
C GLY C 355 2.85 -38.92 -33.40
N THR C 356 2.85 -38.81 -32.08
CA THR C 356 4.08 -38.88 -31.28
C THR C 356 4.55 -40.31 -31.02
N GLN C 357 3.73 -41.30 -31.40
CA GLN C 357 4.14 -42.73 -31.46
C GLN C 357 4.55 -43.24 -30.08
N GLY C 358 3.94 -42.68 -29.05
CA GLY C 358 4.18 -43.12 -27.68
C GLY C 358 4.98 -42.16 -26.81
N ILE C 359 5.74 -41.23 -27.41
CA ILE C 359 6.67 -40.42 -26.64
C ILE C 359 5.97 -39.23 -26.01
N VAL C 360 6.49 -38.81 -24.86
CA VAL C 360 6.14 -37.51 -24.27
C VAL C 360 7.40 -36.69 -24.04
N PHE C 361 7.31 -35.41 -24.43
CA PHE C 361 8.36 -34.46 -24.23
C PHE C 361 7.75 -33.43 -23.30
N VAL C 362 8.12 -33.53 -22.02
CA VAL C 362 7.77 -32.51 -21.02
C VAL C 362 8.91 -31.50 -20.97
N PRO C 363 8.68 -30.26 -21.50
CA PRO C 363 9.73 -29.27 -21.57
C PRO C 363 9.71 -28.39 -20.35
N ALA C 364 9.91 -29.02 -19.19
CA ALA C 364 9.90 -28.34 -17.91
C ALA C 364 11.28 -27.78 -17.63
N PHE C 365 11.84 -27.06 -18.60
CA PHE C 365 13.24 -26.62 -18.51
C PHE C 365 13.50 -25.79 -17.26
N SER C 366 12.65 -24.79 -17.03
CA SER C 366 12.67 -23.99 -15.82
C SER C 366 11.71 -24.52 -14.76
N GLY C 367 11.39 -25.82 -14.80
CA GLY C 367 10.33 -26.39 -13.96
C GLY C 367 8.90 -26.14 -14.45
N LEU C 368 7.94 -26.69 -13.71
CA LEU C 368 6.51 -26.57 -14.05
C LEU C 368 5.81 -25.41 -13.33
N LEU C 369 5.35 -24.42 -14.08
CA LEU C 369 4.45 -23.39 -13.53
C LEU C 369 3.05 -24.00 -13.46
N ALA C 370 2.07 -23.35 -14.10
CA ALA C 370 0.76 -23.96 -14.41
C ALA C 370 0.15 -24.55 -13.13
N PRO C 371 -0.90 -25.37 -13.19
CA PRO C 371 -1.49 -25.73 -11.90
C PRO C 371 -0.68 -26.78 -11.08
N TYR C 372 0.60 -26.94 -11.39
CA TYR C 372 1.48 -27.86 -10.66
C TYR C 372 2.84 -27.23 -10.47
N TRP C 373 2.87 -26.16 -9.69
CA TRP C 373 4.11 -25.41 -9.45
C TRP C 373 5.16 -26.30 -8.84
N ASP C 374 6.12 -26.72 -9.66
CA ASP C 374 7.20 -27.59 -9.24
C ASP C 374 8.48 -27.11 -9.89
N PRO C 375 9.33 -26.40 -9.13
CA PRO C 375 10.62 -25.90 -9.66
C PRO C 375 11.71 -26.99 -9.82
N SER C 376 11.49 -28.16 -9.20
CA SER C 376 12.39 -29.31 -9.37
C SER C 376 12.11 -30.14 -10.62
N ALA C 377 11.10 -29.75 -11.42
CA ALA C 377 10.82 -30.45 -12.66
C ALA C 377 11.83 -30.02 -13.69
N ARG C 378 12.16 -30.90 -14.61
CA ARG C 378 13.17 -30.59 -15.61
C ARG C 378 12.76 -31.18 -16.93
N GLY C 379 13.43 -30.74 -17.99
CA GLY C 379 13.16 -31.20 -19.34
C GLY C 379 13.37 -32.70 -19.46
N THR C 380 12.35 -33.41 -19.91
CA THR C 380 12.42 -34.86 -19.99
C THR C 380 11.67 -35.40 -21.20
N ILE C 381 12.28 -36.42 -21.82
CA ILE C 381 11.70 -37.14 -22.93
C ILE C 381 11.59 -38.60 -22.54
N VAL C 382 10.40 -39.16 -22.69
CA VAL C 382 10.21 -40.58 -22.39
C VAL C 382 9.61 -41.26 -23.59
N GLY C 383 9.70 -42.57 -23.63
CA GLY C 383 9.00 -43.38 -24.63
C GLY C 383 9.68 -43.66 -25.95
N MET C 384 10.88 -43.14 -26.16
CA MET C 384 11.58 -43.24 -27.46
C MET C 384 11.99 -44.68 -27.86
N THR C 385 12.27 -44.84 -29.16
CA THR C 385 12.67 -46.10 -29.77
C THR C 385 13.60 -45.76 -30.93
N LEU C 386 14.09 -46.77 -31.65
CA LEU C 386 14.85 -46.48 -32.88
C LEU C 386 13.96 -45.87 -33.98
N LYS C 387 12.66 -46.15 -33.94
CA LYS C 387 11.70 -45.50 -34.86
C LYS C 387 11.47 -44.01 -34.57
N THR C 388 11.79 -43.55 -33.36
CA THR C 388 11.65 -42.14 -32.97
C THR C 388 12.60 -41.19 -33.72
N THR C 389 12.06 -40.05 -34.14
CA THR C 389 12.79 -39.05 -34.95
C THR C 389 12.50 -37.64 -34.48
N ARG C 390 13.28 -36.70 -34.97
CA ARG C 390 13.06 -35.31 -34.63
C ARG C 390 11.65 -34.84 -34.97
N ALA C 391 11.02 -35.46 -35.95
CA ALA C 391 9.65 -35.10 -36.29
C ALA C 391 8.73 -35.38 -35.12
N HIS C 392 8.96 -36.52 -34.47
CA HIS C 392 8.13 -36.94 -33.31
C HIS C 392 8.42 -36.07 -32.10
N VAL C 393 9.72 -35.86 -31.85
CA VAL C 393 10.13 -34.99 -30.76
C VAL C 393 9.58 -33.57 -31.01
N ILE C 394 9.59 -33.11 -32.26
CA ILE C 394 9.01 -31.82 -32.55
C ILE C 394 7.52 -31.85 -32.33
N ARG C 395 6.85 -32.89 -32.79
CA ARG C 395 5.41 -32.96 -32.59
C ARG C 395 5.01 -33.11 -31.11
N ALA C 396 5.80 -33.82 -30.32
CA ALA C 396 5.49 -34.02 -28.91
C ALA C 396 5.66 -32.72 -28.12
N ALA C 397 6.54 -31.86 -28.61
CA ALA C 397 6.72 -30.53 -28.06
C ALA C 397 5.48 -29.67 -28.30
N LEU C 398 4.90 -29.78 -29.49
CA LEU C 398 3.64 -29.06 -29.74
C LEU C 398 2.54 -29.60 -28.81
N GLN C 399 2.44 -30.92 -28.71
CA GLN C 399 1.42 -31.51 -27.86
C GLN C 399 1.56 -31.04 -26.41
N ALA C 400 2.81 -30.98 -25.93
CA ALA C 400 3.11 -30.57 -24.56
C ALA C 400 2.55 -29.18 -24.23
N ILE C 401 2.84 -28.19 -25.07
CA ILE C 401 2.29 -26.86 -24.87
C ILE C 401 0.77 -26.94 -24.72
N ALA C 402 0.12 -27.66 -25.65
CA ALA C 402 -1.33 -27.83 -25.63
C ALA C 402 -1.86 -28.58 -24.40
N LEU C 403 -1.15 -29.62 -23.95
CA LEU C 403 -1.53 -30.35 -22.70
C LEU C 403 -1.44 -29.50 -21.41
N GLN C 404 -0.44 -28.62 -21.32
CA GLN C 404 -0.33 -27.73 -20.19
C GLN C 404 -1.48 -26.73 -20.19
N LEU C 405 -1.80 -26.15 -21.34
CA LEU C 405 -2.92 -25.22 -21.41
C LEU C 405 -4.19 -25.91 -20.95
N ASN C 406 -4.33 -27.15 -21.37
CA ASN C 406 -5.46 -27.98 -21.00
C ASN C 406 -5.60 -28.12 -19.49
N ASP C 407 -4.50 -28.45 -18.83
CA ASP C 407 -4.47 -28.56 -17.37
C ASP C 407 -4.79 -27.24 -16.70
N VAL C 408 -4.23 -26.16 -17.26
CA VAL C 408 -4.49 -24.83 -16.75
C VAL C 408 -5.97 -24.52 -16.88
N VAL C 409 -6.50 -24.70 -18.08
CA VAL C 409 -7.92 -24.49 -18.32
C VAL C 409 -8.74 -25.37 -17.35
N GLY C 410 -8.39 -26.65 -17.27
CA GLY C 410 -9.00 -27.59 -16.34
C GLY C 410 -9.15 -27.02 -14.94
N SER C 411 -8.07 -26.48 -14.39
CA SER C 411 -8.10 -25.80 -13.09
C SER C 411 -8.99 -24.55 -13.08
N MET C 412 -8.98 -23.74 -14.14
CA MET C 412 -9.85 -22.56 -14.19
C MET C 412 -11.33 -22.97 -14.16
N LYS C 413 -11.65 -24.07 -14.84
CA LYS C 413 -13.02 -24.59 -14.84
C LYS C 413 -13.44 -24.99 -13.44
N ARG C 414 -12.52 -25.58 -12.68
CA ARG C 414 -12.82 -26.04 -11.33
C ARG C 414 -12.97 -24.80 -10.43
N ASP C 415 -12.02 -23.87 -10.53
CA ASP C 415 -12.06 -22.63 -9.72
C ASP C 415 -13.30 -21.76 -9.94
N ALA C 416 -13.76 -21.66 -11.18
CA ALA C 416 -14.84 -20.73 -11.50
C ALA C 416 -16.21 -21.37 -11.53
N GLY C 417 -16.25 -22.71 -11.63
CA GLY C 417 -17.50 -23.43 -11.88
C GLY C 417 -18.06 -23.07 -13.24
N LEU C 418 -17.18 -22.96 -14.24
CA LEU C 418 -17.58 -22.53 -15.58
C LEU C 418 -16.95 -23.47 -16.58
N ASN C 419 -17.59 -23.60 -17.74
CA ASN C 419 -16.98 -24.27 -18.89
C ASN C 419 -16.30 -23.21 -19.76
N LEU C 420 -15.17 -23.58 -20.36
CA LEU C 420 -14.58 -22.77 -21.41
C LEU C 420 -15.52 -22.75 -22.62
N SER C 421 -16.01 -21.56 -22.91
CA SER C 421 -16.85 -21.27 -24.08
C SER C 421 -16.07 -21.36 -25.41
N SER C 422 -15.02 -20.54 -25.54
CA SER C 422 -14.11 -20.59 -26.69
C SER C 422 -12.75 -20.02 -26.32
N LEU C 423 -11.75 -20.33 -27.13
CA LEU C 423 -10.41 -19.85 -26.85
C LEU C 423 -9.96 -19.06 -28.05
N ARG C 424 -9.76 -17.76 -27.86
CA ARG C 424 -9.18 -16.91 -28.90
C ARG C 424 -7.69 -16.92 -28.65
N VAL C 425 -6.90 -16.99 -29.71
CA VAL C 425 -5.46 -17.10 -29.57
C VAL C 425 -4.79 -15.94 -30.25
N ASP C 426 -3.60 -15.62 -29.79
CA ASP C 426 -2.72 -14.68 -30.47
C ASP C 426 -1.28 -15.05 -30.13
N GLY C 427 -0.31 -14.24 -30.54
CA GLY C 427 1.10 -14.56 -30.34
C GLY C 427 1.66 -15.28 -31.55
N GLY C 428 2.99 -15.33 -31.64
CA GLY C 428 3.67 -15.89 -32.82
C GLY C 428 3.26 -17.32 -33.09
N LEU C 429 3.26 -18.14 -32.04
CA LEU C 429 2.93 -19.59 -32.14
C LEU C 429 1.49 -19.92 -32.52
N SER C 430 0.59 -18.95 -32.50
CA SER C 430 -0.76 -19.17 -33.02
C SER C 430 -0.77 -19.19 -34.57
N LYS C 431 0.35 -18.78 -35.20
CA LYS C 431 0.53 -18.97 -36.65
C LYS C 431 0.94 -20.41 -36.95
N ASN C 432 1.20 -21.21 -35.92
CA ASN C 432 1.43 -22.65 -36.12
C ASN C 432 0.08 -23.39 -36.16
N GLY C 433 -0.37 -23.73 -37.37
CA GLY C 433 -1.71 -24.25 -37.60
C GLY C 433 -1.97 -25.56 -36.90
N LEU C 434 -0.94 -26.40 -36.86
CA LEU C 434 -1.01 -27.71 -36.19
C LEU C 434 -1.17 -27.58 -34.69
N LEU C 435 -0.45 -26.65 -34.08
CA LEU C 435 -0.57 -26.43 -32.63
C LEU C 435 -2.00 -26.02 -32.33
N MET C 436 -2.58 -25.19 -33.19
CA MET C 436 -3.97 -24.79 -33.01
C MET C 436 -4.94 -25.99 -33.15
N GLU C 437 -4.71 -26.87 -34.12
CA GLU C 437 -5.60 -28.03 -34.29
C GLU C 437 -5.52 -28.97 -33.10
N ILE C 438 -4.29 -29.31 -32.71
CA ILE C 438 -4.08 -30.10 -31.53
C ILE C 438 -4.80 -29.50 -30.31
N GLN C 439 -4.75 -28.17 -30.17
CA GLN C 439 -5.30 -27.49 -29.00
C GLN C 439 -6.83 -27.56 -28.98
N ALA C 440 -7.45 -27.27 -30.12
CA ALA C 440 -8.89 -27.41 -30.26
C ALA C 440 -9.38 -28.84 -29.95
N SER C 441 -8.73 -29.82 -30.55
CA SER C 441 -9.00 -31.24 -30.26
C SER C 441 -8.99 -31.56 -28.76
N LEU C 442 -7.87 -31.28 -28.09
CA LEU C 442 -7.77 -31.49 -26.64
C LEU C 442 -8.81 -30.73 -25.82
N LEU C 443 -9.05 -29.46 -26.12
CA LEU C 443 -10.02 -28.67 -25.33
C LEU C 443 -11.45 -28.96 -25.72
N GLY C 444 -11.65 -29.49 -26.91
CA GLY C 444 -12.99 -29.70 -27.44
C GLY C 444 -13.83 -28.43 -27.49
N VAL C 445 -13.18 -27.30 -27.77
CA VAL C 445 -13.91 -26.06 -28.09
C VAL C 445 -13.29 -25.41 -29.32
N ASP C 446 -14.04 -24.50 -29.93
CA ASP C 446 -13.52 -23.72 -31.06
C ASP C 446 -12.38 -22.81 -30.66
N ILE C 447 -11.35 -22.80 -31.50
CA ILE C 447 -10.25 -21.86 -31.36
C ILE C 447 -10.29 -20.76 -32.43
N LEU C 448 -10.24 -19.51 -31.96
CA LEU C 448 -10.41 -18.39 -32.83
C LEU C 448 -9.07 -17.69 -33.05
N VAL C 449 -8.62 -17.68 -34.31
CA VAL C 449 -7.37 -17.01 -34.71
C VAL C 449 -7.72 -15.75 -35.50
N PRO C 450 -7.53 -14.56 -34.91
CA PRO C 450 -7.70 -13.30 -35.63
C PRO C 450 -6.55 -13.05 -36.60
N SER C 451 -6.86 -12.55 -37.78
CA SER C 451 -5.87 -12.27 -38.80
C SER C 451 -5.21 -10.91 -38.50
N MET C 452 -6.00 -9.99 -37.95
CA MET C 452 -5.45 -8.79 -37.31
C MET C 452 -4.86 -9.21 -35.97
N HIS C 453 -3.55 -9.46 -35.92
CA HIS C 453 -2.96 -10.09 -34.74
C HIS C 453 -2.49 -9.11 -33.62
N GLU C 454 -2.89 -7.85 -33.75
CA GLU C 454 -2.42 -6.77 -32.89
C GLU C 454 -3.36 -6.53 -31.68
N THR C 455 -3.81 -7.63 -31.05
CA THR C 455 -4.94 -7.59 -30.12
C THR C 455 -4.69 -6.84 -28.80
N THR C 456 -3.46 -6.89 -28.27
CA THR C 456 -3.09 -6.10 -27.08
C THR C 456 -3.25 -4.58 -27.30
N ALA C 457 -2.68 -4.09 -28.39
CA ALA C 457 -2.85 -2.68 -28.74
C ALA C 457 -4.34 -2.36 -28.94
N LEU C 458 -5.10 -3.30 -29.50
CA LEU C 458 -6.52 -3.07 -29.75
C LEU C 458 -7.33 -2.87 -28.45
N GLY C 459 -7.10 -3.70 -27.44
CA GLY C 459 -7.81 -3.59 -26.16
C GLY C 459 -7.78 -2.18 -25.63
N ALA C 460 -6.58 -1.62 -25.61
CA ALA C 460 -6.39 -0.26 -25.13
C ALA C 460 -7.15 0.75 -26.01
N ALA C 461 -7.13 0.51 -27.33
CA ALA C 461 -7.83 1.38 -28.30
C ALA C 461 -9.33 1.25 -28.15
N LEU C 462 -9.80 0.02 -27.97
CA LEU C 462 -11.23 -0.19 -27.70
C LEU C 462 -11.71 0.48 -26.41
N CYS C 463 -10.85 0.57 -25.40
CA CYS C 463 -11.21 1.21 -24.12
C CYS C 463 -11.36 2.71 -24.30
N ALA C 464 -10.39 3.33 -24.99
CA ALA C 464 -10.43 4.75 -25.22
C ALA C 464 -11.56 5.10 -26.18
N GLY C 465 -11.78 4.24 -27.17
CA GLY C 465 -12.82 4.46 -28.16
C GLY C 465 -14.25 4.34 -27.66
N LEU C 466 -14.50 3.37 -26.79
CA LEU C 466 -15.81 3.27 -26.12
C LEU C 466 -16.08 4.51 -25.25
N ALA C 467 -15.06 4.97 -24.53
CA ALA C 467 -15.19 6.12 -23.63
C ALA C 467 -15.27 7.45 -24.35
N ALA C 468 -14.75 7.54 -25.58
CA ALA C 468 -14.80 8.78 -26.35
C ALA C 468 -15.97 8.77 -27.33
N GLY C 469 -16.74 7.69 -27.34
CA GLY C 469 -17.88 7.60 -28.21
C GLY C 469 -17.58 7.26 -29.65
N VAL C 470 -16.40 6.67 -29.95
CA VAL C 470 -16.12 6.13 -31.30
C VAL C 470 -16.92 4.85 -31.57
N TRP C 471 -16.97 3.93 -30.60
CA TRP C 471 -17.86 2.77 -30.63
C TRP C 471 -18.76 2.90 -29.40
N THR C 472 -20.03 2.48 -29.51
CA THR C 472 -21.03 2.84 -28.50
C THR C 472 -21.38 1.74 -27.52
N SER C 473 -20.85 0.55 -27.74
CA SER C 473 -21.12 -0.57 -26.86
C SER C 473 -20.27 -1.72 -27.30
N LEU C 474 -20.22 -2.76 -26.47
CA LEU C 474 -19.44 -3.96 -26.74
C LEU C 474 -19.99 -4.71 -27.93
N GLU C 475 -21.31 -4.70 -28.05
CA GLU C 475 -22.04 -5.31 -29.17
C GLU C 475 -21.58 -4.75 -30.51
N GLU C 476 -21.58 -3.42 -30.62
CA GLU C 476 -21.06 -2.78 -31.83
C GLU C 476 -19.61 -3.17 -32.04
N VAL C 477 -18.84 -3.19 -30.94
CA VAL C 477 -17.41 -3.52 -31.02
C VAL C 477 -17.21 -4.92 -31.60
N LYS C 478 -17.98 -5.88 -31.11
CA LYS C 478 -17.99 -7.22 -31.70
C LYS C 478 -18.50 -7.22 -33.14
N ALA C 479 -19.52 -6.42 -33.39
CA ALA C 479 -20.19 -6.43 -34.70
C ALA C 479 -19.20 -5.96 -35.77
N VAL C 480 -18.59 -4.80 -35.54
CA VAL C 480 -17.51 -4.30 -36.39
C VAL C 480 -16.41 -5.34 -36.63
N SER C 481 -15.89 -5.93 -35.57
CA SER C 481 -14.80 -6.90 -35.70
C SER C 481 -15.18 -8.10 -36.56
N ARG C 482 -16.39 -8.62 -36.36
CA ARG C 482 -16.84 -9.81 -37.08
C ARG C 482 -16.98 -9.49 -38.58
N ARG C 483 -17.50 -8.30 -38.87
CA ARG C 483 -17.61 -7.77 -40.23
C ARG C 483 -16.25 -7.49 -40.89
N GLU C 484 -15.43 -6.66 -40.23
CA GLU C 484 -14.29 -5.98 -40.86
C GLU C 484 -12.95 -6.68 -40.68
N ASN C 485 -12.74 -7.28 -39.52
CA ASN C 485 -11.45 -7.94 -39.23
C ASN C 485 -11.67 -9.45 -39.09
N SER C 486 -11.21 -10.20 -40.09
CA SER C 486 -11.61 -11.58 -40.29
C SER C 486 -10.95 -12.55 -39.30
N TRP C 487 -11.75 -13.48 -38.76
CA TRP C 487 -11.28 -14.52 -37.85
C TRP C 487 -11.27 -15.86 -38.56
N LYS C 488 -10.17 -16.60 -38.40
CA LYS C 488 -10.13 -18.00 -38.80
C LYS C 488 -10.61 -18.76 -37.59
N THR C 489 -11.47 -19.74 -37.80
CA THR C 489 -11.84 -20.63 -36.72
C THR C 489 -11.23 -22.01 -36.96
N VAL C 490 -10.96 -22.70 -35.85
CA VAL C 490 -10.35 -24.02 -35.83
C VAL C 490 -11.12 -24.88 -34.83
N SER C 491 -11.94 -25.82 -35.34
CA SER C 491 -12.73 -26.74 -34.52
C SER C 491 -11.98 -28.00 -34.12
N PRO C 492 -12.39 -28.65 -33.02
CA PRO C 492 -11.74 -29.91 -32.65
C PRO C 492 -11.86 -30.94 -33.77
N SER C 493 -10.80 -31.69 -34.02
CA SER C 493 -10.85 -32.77 -34.99
C SER C 493 -10.14 -34.03 -34.49
N GLY C 494 -10.40 -34.39 -33.24
CA GLY C 494 -9.88 -35.62 -32.66
C GLY C 494 -10.98 -36.44 -32.01
N SER C 495 -10.61 -37.57 -31.42
CA SER C 495 -11.59 -38.54 -30.90
C SER C 495 -11.72 -38.46 -29.39
N ALA C 496 -12.68 -39.21 -28.87
CA ALA C 496 -12.81 -39.40 -27.44
C ALA C 496 -11.55 -40.08 -26.89
N MET C 497 -11.09 -41.11 -27.60
CA MET C 497 -9.99 -41.97 -27.11
C MET C 497 -8.61 -41.35 -27.33
N GLU C 498 -8.43 -40.60 -28.41
CA GLU C 498 -7.14 -39.96 -28.67
C GLU C 498 -6.87 -38.89 -27.63
N ARG C 499 -7.89 -38.10 -27.35
CA ARG C 499 -7.86 -37.09 -26.32
C ARG C 499 -7.42 -37.68 -24.97
N GLU C 500 -8.14 -38.71 -24.58
CA GLU C 500 -8.04 -39.30 -23.27
C GLU C 500 -6.78 -40.14 -23.13
N ALA C 501 -6.26 -40.67 -24.25
CA ALA C 501 -4.97 -41.38 -24.25
C ALA C 501 -3.79 -40.42 -24.14
N MET C 502 -3.86 -39.31 -24.87
CA MET C 502 -2.83 -38.30 -24.85
C MET C 502 -2.72 -37.62 -23.46
N ILE C 503 -3.85 -37.31 -22.82
CA ILE C 503 -3.85 -36.81 -21.44
C ILE C 503 -3.39 -37.90 -20.45
N ALA C 504 -3.70 -39.15 -20.71
CA ALA C 504 -3.19 -40.22 -19.86
C ALA C 504 -1.66 -40.30 -19.97
N GLU C 505 -1.11 -40.49 -21.15
CA GLU C 505 0.36 -40.40 -21.36
C GLU C 505 1.01 -39.15 -20.72
N TRP C 506 0.39 -37.99 -20.90
CA TRP C 506 0.87 -36.75 -20.34
C TRP C 506 0.99 -36.85 -18.83
N ARG C 507 -0.06 -37.36 -18.17
CA ARG C 507 -0.11 -37.48 -16.70
C ARG C 507 0.93 -38.47 -16.17
N GLU C 508 1.09 -39.61 -16.84
CA GLU C 508 2.17 -40.54 -16.51
C GLU C 508 3.53 -39.87 -16.67
N ALA C 509 3.73 -39.20 -17.81
CA ALA C 509 5.01 -38.56 -18.11
C ALA C 509 5.43 -37.54 -17.06
N LEU C 510 4.47 -36.81 -16.48
CA LEU C 510 4.78 -35.74 -15.52
C LEU C 510 5.37 -36.28 -14.22
N LYS C 511 5.04 -37.52 -13.87
CA LYS C 511 5.59 -38.16 -12.68
C LYS C 511 7.10 -38.42 -12.81
N ARG C 512 7.59 -38.50 -14.04
CA ARG C 512 9.01 -38.70 -14.34
C ARG C 512 9.89 -37.43 -14.42
N THR C 513 9.31 -36.24 -14.19
CA THR C 513 10.03 -34.97 -14.40
C THR C 513 10.93 -34.51 -13.24
N LYS C 514 10.65 -35.02 -12.03
CA LYS C 514 11.37 -34.58 -10.82
C LYS C 514 12.85 -34.91 -10.90
N TRP C 515 13.69 -33.89 -10.90
CA TRP C 515 15.15 -34.07 -11.01
C TRP C 515 16.01 -33.18 -10.12
N ALA C 516 15.75 -31.87 -10.14
CA ALA C 516 16.72 -30.88 -9.66
C ALA C 516 17.11 -30.93 -8.17
N LYS C 517 18.24 -30.27 -7.90
CA LYS C 517 18.90 -30.13 -6.57
C LYS C 517 20.31 -30.72 -6.61
N PHE D 5 59.32 -73.07 -47.56
CA PHE D 5 59.91 -71.69 -47.54
C PHE D 5 58.88 -70.58 -47.81
N THR D 6 57.69 -70.95 -48.29
CA THR D 6 56.61 -69.99 -48.50
C THR D 6 55.63 -69.92 -47.31
N MET D 7 54.83 -68.86 -47.33
CA MET D 7 53.89 -68.58 -46.24
C MET D 7 52.80 -69.62 -46.16
N LYS D 8 52.57 -70.11 -44.95
CA LYS D 8 51.42 -70.92 -44.66
C LYS D 8 50.25 -69.98 -44.44
N TYR D 9 49.08 -70.39 -44.92
CA TYR D 9 47.87 -69.58 -44.86
C TYR D 9 46.69 -70.34 -44.23
N VAL D 10 45.89 -69.64 -43.44
CA VAL D 10 44.67 -70.17 -42.83
C VAL D 10 43.47 -69.30 -43.20
N GLY D 11 42.37 -69.95 -43.54
CA GLY D 11 41.15 -69.25 -43.92
C GLY D 11 40.11 -69.22 -42.82
N SER D 12 39.33 -68.14 -42.80
CA SER D 12 38.24 -67.94 -41.83
C SER D 12 36.96 -67.42 -42.50
N ILE D 13 35.90 -68.21 -42.44
CA ILE D 13 34.57 -67.74 -42.84
C ILE D 13 33.90 -67.09 -41.64
N ASP D 14 33.62 -65.80 -41.78
CA ASP D 14 32.94 -65.03 -40.75
C ASP D 14 31.55 -64.76 -41.27
N GLN D 15 30.59 -65.59 -40.84
CA GLN D 15 29.22 -65.49 -41.30
C GLN D 15 28.42 -64.63 -40.32
N GLY D 16 28.30 -63.35 -40.65
CA GLY D 16 27.64 -62.36 -39.80
C GLY D 16 26.15 -62.28 -40.02
N THR D 17 25.49 -61.53 -39.15
CA THR D 17 24.07 -61.25 -39.28
C THR D 17 23.71 -60.61 -40.63
N THR D 18 24.49 -59.61 -41.05
CA THR D 18 24.17 -58.86 -42.28
C THR D 18 25.04 -59.16 -43.48
N SER D 19 26.16 -59.86 -43.26
CA SER D 19 27.02 -60.24 -44.36
C SER D 19 27.97 -61.38 -44.01
N THR D 20 28.56 -61.93 -45.05
CA THR D 20 29.56 -62.96 -44.92
C THR D 20 30.91 -62.44 -45.47
N ARG D 21 31.99 -62.88 -44.83
CA ARG D 21 33.35 -62.50 -45.21
C ARG D 21 34.21 -63.75 -45.23
N PHE D 22 35.23 -63.75 -46.08
CA PHE D 22 36.31 -64.72 -45.94
C PHE D 22 37.57 -63.92 -45.76
N ILE D 23 38.32 -64.23 -44.71
CA ILE D 23 39.61 -63.60 -44.48
C ILE D 23 40.68 -64.68 -44.53
N ILE D 24 41.79 -64.37 -45.15
CA ILE D 24 42.91 -65.28 -45.19
C ILE D 24 44.05 -64.67 -44.39
N PHE D 25 44.47 -65.43 -43.37
CA PHE D 25 45.57 -65.04 -42.53
C PHE D 25 46.83 -65.80 -42.93
N ASP D 26 47.95 -65.08 -42.93
CA ASP D 26 49.27 -65.70 -42.98
C ASP D 26 49.63 -66.16 -41.57
N GLU D 27 50.76 -66.84 -41.44
CA GLU D 27 51.13 -67.42 -40.15
C GLU D 27 51.64 -66.36 -39.13
N ARG D 28 51.72 -65.11 -39.55
CA ARG D 28 52.00 -64.00 -38.64
C ARG D 28 50.71 -63.31 -38.21
N GLN D 29 49.57 -63.93 -38.55
CA GLN D 29 48.25 -63.48 -38.15
C GLN D 29 47.80 -62.16 -38.78
N ARG D 30 48.27 -61.89 -40.00
CA ARG D 30 47.84 -60.70 -40.72
C ARG D 30 46.80 -61.09 -41.77
N PRO D 31 45.69 -60.33 -41.85
CA PRO D 31 44.75 -60.54 -42.95
C PRO D 31 45.45 -60.14 -44.22
N VAL D 32 45.56 -61.07 -45.16
CA VAL D 32 46.31 -60.85 -46.40
C VAL D 32 45.39 -60.78 -47.63
N SER D 33 44.19 -61.29 -47.46
CA SER D 33 43.13 -61.13 -48.44
C SER D 33 41.77 -61.26 -47.75
N VAL D 34 40.80 -60.46 -48.21
CA VAL D 34 39.44 -60.43 -47.66
C VAL D 34 38.44 -60.20 -48.80
N HIS D 35 37.29 -60.87 -48.71
CA HIS D 35 36.13 -60.46 -49.48
C HIS D 35 34.87 -60.58 -48.65
N GLN D 36 33.92 -59.69 -48.93
CA GLN D 36 32.68 -59.59 -48.16
C GLN D 36 31.50 -59.62 -49.14
N VAL D 37 30.40 -60.25 -48.73
CA VAL D 37 29.17 -60.30 -49.54
C VAL D 37 27.98 -60.18 -48.59
N PRO D 38 27.12 -59.18 -48.79
CA PRO D 38 25.94 -59.05 -47.91
C PRO D 38 24.81 -59.98 -48.34
N HIS D 39 23.85 -60.21 -47.46
CA HIS D 39 22.67 -60.99 -47.79
C HIS D 39 21.41 -60.30 -47.25
N THR D 40 20.28 -60.79 -47.73
CA THR D 40 19.01 -60.12 -47.56
C THR D 40 18.43 -60.34 -46.14
N GLN D 41 17.99 -59.22 -45.56
CA GLN D 41 17.37 -59.18 -44.23
C GLN D 41 15.86 -59.15 -44.38
N HIS D 42 15.27 -60.35 -44.52
CA HIS D 42 13.83 -60.52 -44.73
C HIS D 42 13.10 -60.34 -43.40
N THR D 43 12.18 -59.38 -43.35
CA THR D 43 11.37 -59.15 -42.15
C THR D 43 9.85 -59.25 -42.45
N PRO D 44 9.31 -60.49 -42.59
CA PRO D 44 7.92 -60.70 -43.02
C PRO D 44 6.84 -60.06 -42.13
N HIS D 45 7.09 -59.93 -40.83
CA HIS D 45 6.14 -59.29 -39.92
C HIS D 45 6.93 -58.45 -38.95
N PRO D 46 6.27 -57.52 -38.24
CA PRO D 46 7.00 -56.77 -37.21
C PRO D 46 7.78 -57.65 -36.24
N GLY D 47 9.03 -57.31 -35.95
CA GLY D 47 9.85 -58.06 -34.99
C GLY D 47 10.42 -59.39 -35.47
N TRP D 48 10.08 -59.80 -36.69
CA TRP D 48 10.68 -60.99 -37.30
C TRP D 48 11.94 -60.62 -38.08
N LEU D 49 12.83 -61.59 -38.22
CA LEU D 49 13.98 -61.51 -39.11
C LEU D 49 14.43 -62.94 -39.47
N GLU D 50 14.82 -63.09 -40.73
CA GLU D 50 14.82 -64.39 -41.37
C GLU D 50 15.90 -64.36 -42.49
N HIS D 51 16.75 -65.38 -42.57
CA HIS D 51 17.80 -65.42 -43.60
C HIS D 51 17.62 -66.58 -44.54
N ASP D 52 18.09 -66.38 -45.78
CA ASP D 52 18.03 -67.41 -46.77
C ASP D 52 19.32 -68.19 -46.67
N PRO D 53 19.25 -69.48 -46.27
CA PRO D 53 20.45 -70.27 -45.98
C PRO D 53 21.28 -70.70 -47.19
N MET D 54 20.63 -70.84 -48.34
CA MET D 54 21.38 -71.05 -49.59
C MET D 54 22.06 -69.74 -49.97
N GLU D 55 21.39 -68.63 -49.71
CA GLU D 55 22.04 -67.32 -49.93
C GLU D 55 23.31 -67.21 -49.08
N ILE D 56 23.20 -67.50 -47.79
CA ILE D 56 24.35 -67.50 -46.90
C ILE D 56 25.46 -68.41 -47.43
N PHE D 57 25.10 -69.62 -47.85
CA PHE D 57 26.09 -70.61 -48.26
C PHE D 57 26.82 -70.19 -49.53
N ARG D 58 26.06 -69.69 -50.51
CA ARG D 58 26.64 -69.20 -51.74
C ARG D 58 27.53 -67.97 -51.50
N SER D 59 27.12 -67.11 -50.55
CA SER D 59 27.94 -65.95 -50.17
C SER D 59 29.28 -66.37 -49.60
N ALA D 60 29.27 -67.39 -48.75
CA ALA D 60 30.52 -67.85 -48.15
C ALA D 60 31.45 -68.35 -49.25
N CYS D 61 30.84 -68.99 -50.26
CA CYS D 61 31.57 -69.62 -51.38
C CYS D 61 32.15 -68.58 -52.35
N LYS D 62 31.37 -67.55 -52.65
CA LYS D 62 31.84 -66.40 -53.43
C LYS D 62 33.02 -65.74 -52.70
N CYS D 63 32.84 -65.46 -51.41
CA CYS D 63 33.91 -64.88 -50.59
C CYS D 63 35.23 -65.65 -50.66
N MET D 64 35.15 -66.99 -50.56
CA MET D 64 36.35 -67.85 -50.64
C MET D 64 37.02 -67.78 -52.01
N SER D 65 36.23 -67.84 -53.09
CA SER D 65 36.80 -67.86 -54.45
C SER D 65 37.49 -66.54 -54.80
N VAL D 66 36.85 -65.43 -54.43
CA VAL D 66 37.39 -64.13 -54.73
C VAL D 66 38.57 -63.84 -53.82
N ALA D 67 38.45 -64.18 -52.54
CA ALA D 67 39.55 -63.95 -51.60
C ALA D 67 40.83 -64.64 -52.10
N ILE D 68 40.66 -65.88 -52.57
CA ILE D 68 41.74 -66.73 -53.08
C ILE D 68 42.31 -66.12 -54.33
N ALA D 69 41.47 -65.94 -55.35
CA ALA D 69 41.90 -65.20 -56.55
C ALA D 69 42.76 -63.97 -56.19
N LYS D 70 42.27 -63.11 -55.30
CA LYS D 70 43.03 -61.88 -54.98
C LYS D 70 44.39 -62.15 -54.32
N LEU D 71 44.51 -63.28 -53.61
CA LEU D 71 45.75 -63.61 -52.90
C LEU D 71 46.79 -64.13 -53.91
N ARG D 72 46.33 -64.91 -54.88
CA ARG D 72 47.19 -65.39 -55.98
C ARG D 72 47.83 -64.26 -56.75
N GLN D 73 47.10 -63.16 -56.93
CA GLN D 73 47.67 -62.01 -57.59
C GLN D 73 48.85 -61.50 -56.74
N LYS D 74 48.65 -61.43 -55.43
CA LYS D 74 49.67 -60.89 -54.50
C LYS D 74 50.79 -61.87 -54.18
N ASP D 75 50.49 -63.17 -54.18
CA ASP D 75 51.46 -64.22 -53.87
C ASP D 75 51.23 -65.39 -54.81
N ALA D 76 52.00 -65.44 -55.91
CA ALA D 76 51.87 -66.52 -56.90
C ALA D 76 52.52 -67.85 -56.47
N SER D 77 53.22 -67.88 -55.33
CA SER D 77 53.73 -69.12 -54.71
C SER D 77 52.60 -69.91 -54.05
N PHE D 78 51.84 -69.22 -53.22
CA PHE D 78 50.70 -69.82 -52.52
C PHE D 78 50.02 -70.90 -53.37
N ARG D 79 50.16 -72.15 -52.93
CA ARG D 79 49.48 -73.29 -53.55
C ARG D 79 48.18 -73.64 -52.82
N LYS D 80 48.19 -73.58 -51.49
CA LYS D 80 47.04 -74.02 -50.70
C LYS D 80 46.83 -73.25 -49.41
N ILE D 81 45.63 -73.43 -48.85
CA ILE D 81 45.33 -72.92 -47.53
C ILE D 81 45.43 -74.12 -46.62
N GLU D 82 46.16 -73.97 -45.53
CA GLU D 82 46.41 -75.10 -44.64
C GLU D 82 45.13 -75.65 -44.00
N ALA D 83 44.23 -74.74 -43.60
CA ALA D 83 42.95 -75.12 -43.00
C ALA D 83 42.01 -73.93 -42.95
N ILE D 84 40.74 -74.22 -42.74
CA ILE D 84 39.68 -73.24 -42.75
C ILE D 84 39.00 -73.30 -41.39
N GLY D 85 38.67 -72.14 -40.84
CA GLY D 85 37.87 -72.05 -39.61
C GLY D 85 36.57 -71.30 -39.88
N ILE D 86 35.54 -71.59 -39.07
CA ILE D 86 34.24 -70.93 -39.20
C ILE D 86 33.82 -70.25 -37.92
N THR D 87 33.50 -68.97 -38.02
CA THR D 87 32.80 -68.24 -36.95
C THR D 87 31.54 -67.64 -37.52
N ASN D 88 30.51 -67.56 -36.69
CA ASN D 88 29.17 -67.29 -37.15
C ASN D 88 28.29 -66.65 -36.10
N GLN D 89 27.31 -65.89 -36.59
CA GLN D 89 26.19 -65.41 -35.82
C GLN D 89 25.52 -66.59 -35.19
N ARG D 90 25.45 -66.59 -33.87
CA ARG D 90 24.94 -67.74 -33.08
C ARG D 90 23.41 -67.75 -33.03
N GLU D 91 22.87 -68.84 -32.48
CA GLU D 91 21.42 -69.05 -32.27
C GLU D 91 20.54 -69.10 -33.51
N THR D 92 20.93 -68.40 -34.57
CA THR D 92 20.16 -68.39 -35.81
C THR D 92 20.06 -69.82 -36.23
N THR D 93 18.87 -70.26 -36.68
CA THR D 93 18.61 -71.70 -36.83
C THR D 93 18.06 -72.17 -38.18
N VAL D 94 18.78 -73.09 -38.81
CA VAL D 94 18.39 -73.67 -40.12
C VAL D 94 17.75 -75.07 -39.96
N ALA D 95 16.62 -75.30 -40.63
CA ALA D 95 16.10 -76.65 -40.82
C ALA D 95 16.35 -77.12 -42.23
N TRP D 96 16.98 -78.28 -42.36
CA TRP D 96 17.21 -78.91 -43.67
C TRP D 96 16.97 -80.42 -43.71
N ASP D 97 17.18 -80.99 -44.88
CA ASP D 97 16.71 -82.32 -45.21
C ASP D 97 17.89 -83.22 -45.65
N ARG D 98 18.06 -84.35 -44.97
CA ARG D 98 19.21 -85.24 -45.20
C ARG D 98 19.37 -85.70 -46.65
N VAL D 99 18.26 -85.87 -47.37
CA VAL D 99 18.32 -86.46 -48.72
C VAL D 99 18.37 -85.40 -49.83
N THR D 100 17.45 -84.42 -49.83
CA THR D 100 17.52 -83.31 -50.82
C THR D 100 18.62 -82.29 -50.51
N LYS D 101 19.15 -82.33 -49.28
CA LYS D 101 20.26 -81.49 -48.85
C LYS D 101 19.89 -80.02 -48.92
N GLU D 102 18.62 -79.71 -48.70
CA GLU D 102 18.09 -78.38 -48.98
C GLU D 102 17.31 -77.85 -47.80
N PRO D 103 17.27 -76.51 -47.63
CA PRO D 103 16.42 -75.97 -46.56
C PRO D 103 14.93 -76.12 -46.81
N LEU D 104 14.21 -76.55 -45.76
CA LEU D 104 12.77 -76.66 -45.76
C LEU D 104 12.09 -75.30 -45.56
N CYS D 105 12.85 -74.31 -45.09
CA CYS D 105 12.33 -72.95 -44.89
C CYS D 105 13.48 -71.97 -44.66
N TYR D 106 13.15 -70.68 -44.57
CA TYR D 106 14.12 -69.65 -44.24
C TYR D 106 14.50 -69.76 -42.78
N ALA D 107 15.56 -69.07 -42.37
CA ALA D 107 16.19 -69.35 -41.07
C ALA D 107 15.90 -68.25 -40.08
N PRO D 108 15.15 -68.56 -39.01
CA PRO D 108 14.84 -67.48 -38.08
C PRO D 108 16.07 -67.09 -37.28
N VAL D 109 16.27 -65.78 -37.17
CA VAL D 109 17.55 -65.20 -36.78
C VAL D 109 17.57 -64.89 -35.27
N TRP D 110 18.77 -64.82 -34.71
CA TRP D 110 18.90 -64.68 -33.27
C TRP D 110 17.91 -63.71 -32.61
N ASN D 111 17.79 -62.49 -33.15
CA ASN D 111 16.91 -61.45 -32.56
C ASN D 111 15.47 -61.49 -33.04
N ASP D 112 15.08 -62.52 -33.77
CA ASP D 112 13.68 -62.72 -34.18
C ASP D 112 12.75 -62.91 -32.93
N LEU D 113 11.45 -62.62 -33.06
CA LEU D 113 10.52 -62.73 -31.91
C LEU D 113 9.24 -63.50 -32.24
N ARG D 114 9.24 -64.29 -33.32
CA ARG D 114 8.14 -65.20 -33.56
C ARG D 114 8.08 -66.37 -32.52
N THR D 115 9.15 -66.53 -31.73
CA THR D 115 9.22 -67.56 -30.68
C THR D 115 8.69 -67.08 -29.32
N TYR D 116 8.15 -65.86 -29.28
CA TYR D 116 7.68 -65.25 -28.02
C TYR D 116 6.60 -66.09 -27.28
N ASP D 117 5.49 -66.42 -27.94
CA ASP D 117 4.44 -67.26 -27.34
C ASP D 117 5.03 -68.57 -26.84
N ILE D 118 5.70 -69.29 -27.72
CA ILE D 118 6.39 -70.52 -27.36
C ILE D 118 7.30 -70.30 -26.16
N THR D 119 7.84 -69.09 -26.01
CA THR D 119 8.68 -68.80 -24.85
C THR D 119 7.83 -68.90 -23.55
N LYS D 120 6.66 -68.25 -23.54
CA LYS D 120 5.81 -68.15 -22.33
C LYS D 120 5.24 -69.53 -21.97
N LYS D 121 4.78 -70.22 -23.00
CA LYS D 121 4.34 -71.61 -22.92
C LYS D 121 5.36 -72.52 -22.21
N VAL D 122 6.64 -72.31 -22.49
CA VAL D 122 7.72 -73.10 -21.89
C VAL D 122 7.92 -72.68 -20.44
N THR D 123 8.08 -71.38 -20.21
CA THR D 123 8.24 -70.84 -18.85
C THR D 123 7.11 -71.30 -17.94
N ALA D 124 5.88 -71.29 -18.47
CA ALA D 124 4.69 -71.68 -17.71
C ALA D 124 4.56 -73.20 -17.54
N GLU D 125 4.33 -73.89 -18.66
CA GLU D 125 3.97 -75.31 -18.64
C GLU D 125 5.16 -76.25 -18.39
N LEU D 126 6.39 -75.80 -18.67
CA LEU D 126 7.59 -76.61 -18.37
C LEU D 126 8.42 -76.10 -17.21
N GLY D 127 8.24 -74.84 -16.81
CA GLY D 127 9.09 -74.27 -15.76
C GLY D 127 8.36 -73.50 -14.68
N GLY D 128 7.07 -73.80 -14.50
CA GLY D 128 6.24 -73.19 -13.45
C GLY D 128 6.49 -71.72 -13.14
N GLY D 129 6.64 -70.90 -14.19
CA GLY D 129 6.76 -69.45 -14.04
C GLY D 129 8.16 -68.90 -13.81
N ASP D 130 9.15 -69.80 -13.71
CA ASP D 130 10.58 -69.40 -13.57
C ASP D 130 11.33 -69.53 -14.93
N SER D 131 11.79 -68.39 -15.46
CA SER D 131 12.51 -68.39 -16.73
C SER D 131 13.88 -69.04 -16.54
N MET D 132 14.37 -68.99 -15.31
CA MET D 132 15.66 -69.54 -14.95
C MET D 132 15.61 -71.00 -14.51
N PHE D 133 14.50 -71.69 -14.77
CA PHE D 133 14.34 -73.09 -14.33
C PHE D 133 15.42 -74.07 -14.81
N ALA D 134 15.90 -73.92 -16.04
CA ALA D 134 16.95 -74.78 -16.58
C ALA D 134 18.33 -74.10 -16.62
N SER D 135 18.51 -73.06 -15.81
CA SER D 135 19.79 -72.32 -15.77
C SER D 135 21.05 -73.12 -15.37
N LYS D 136 20.88 -74.18 -14.56
CA LYS D 136 22.01 -74.99 -14.11
C LYS D 136 22.36 -76.07 -15.13
N ILE D 137 21.47 -76.33 -16.09
CA ILE D 137 21.80 -77.24 -17.21
C ILE D 137 22.42 -76.45 -18.38
N THR D 138 21.75 -75.38 -18.80
CA THR D 138 22.08 -74.65 -20.03
C THR D 138 22.92 -73.39 -19.82
N GLY D 139 22.81 -72.79 -18.64
CA GLY D 139 23.45 -71.50 -18.34
C GLY D 139 22.65 -70.30 -18.82
N LEU D 140 21.47 -70.56 -19.38
CA LEU D 140 20.66 -69.54 -20.02
C LEU D 140 19.28 -69.49 -19.42
N PRO D 141 18.62 -68.29 -19.43
CA PRO D 141 17.18 -68.20 -19.19
C PRO D 141 16.40 -68.68 -20.40
N VAL D 142 15.08 -68.79 -20.26
CA VAL D 142 14.19 -68.94 -21.41
C VAL D 142 14.10 -67.55 -22.10
N SER D 143 14.43 -67.53 -23.39
CA SER D 143 14.45 -66.29 -24.17
C SER D 143 14.14 -66.59 -25.62
N THR D 144 13.70 -65.56 -26.34
CA THR D 144 13.35 -65.71 -27.75
C THR D 144 14.57 -66.08 -28.59
N TYR D 145 15.74 -65.64 -28.16
CA TYR D 145 16.98 -65.89 -28.87
C TYR D 145 17.26 -67.37 -29.18
N PHE D 146 17.18 -68.23 -28.19
CA PHE D 146 17.86 -69.53 -28.29
C PHE D 146 17.29 -70.55 -29.30
N ALA D 147 18.19 -71.34 -29.88
CA ALA D 147 17.87 -72.17 -31.06
C ALA D 147 16.72 -73.15 -30.87
N ALA D 148 16.70 -73.83 -29.73
CA ALA D 148 15.67 -74.82 -29.42
C ALA D 148 14.26 -74.28 -29.61
N PHE D 149 14.06 -73.03 -29.21
CA PHE D 149 12.74 -72.42 -29.32
C PHE D 149 12.37 -72.11 -30.75
N LYS D 150 13.35 -71.76 -31.58
CA LYS D 150 13.11 -71.59 -33.02
C LYS D 150 12.89 -72.94 -33.66
N MET D 151 13.52 -73.96 -33.11
CA MET D 151 13.33 -75.33 -33.59
C MET D 151 11.90 -75.75 -33.37
N ARG D 152 11.39 -75.42 -32.18
CA ARG D 152 10.02 -75.75 -31.80
C ARG D 152 9.04 -75.03 -32.74
N TRP D 153 9.29 -73.75 -32.99
CA TRP D 153 8.38 -72.97 -33.85
C TRP D 153 8.25 -73.62 -35.23
N MET D 154 9.38 -73.99 -35.81
CA MET D 154 9.41 -74.57 -37.16
C MET D 154 8.72 -75.94 -37.22
N LEU D 155 8.64 -76.64 -36.10
CA LEU D 155 7.92 -77.91 -36.04
C LEU D 155 6.41 -77.70 -35.90
N GLU D 156 6.04 -76.61 -35.22
CA GLU D 156 4.63 -76.25 -35.05
C GLU D 156 4.03 -75.49 -36.23
N ASN D 157 4.83 -74.69 -36.96
CA ASN D 157 4.29 -73.76 -37.98
C ASN D 157 4.69 -73.93 -39.45
N VAL D 158 5.62 -74.84 -39.75
CA VAL D 158 6.15 -75.00 -41.11
C VAL D 158 5.91 -76.42 -41.63
N PRO D 159 4.85 -76.62 -42.45
CA PRO D 159 4.48 -77.95 -42.95
C PRO D 159 5.66 -78.84 -43.34
N ALA D 160 6.54 -78.33 -44.19
CA ALA D 160 7.65 -79.12 -44.69
C ALA D 160 8.60 -79.58 -43.57
N VAL D 161 8.69 -78.79 -42.50
CA VAL D 161 9.56 -79.14 -41.36
C VAL D 161 8.88 -80.17 -40.47
N ALA D 162 7.63 -79.88 -40.11
CA ALA D 162 6.76 -80.83 -39.42
C ALA D 162 6.77 -82.20 -40.15
N ASP D 163 6.68 -82.17 -41.48
CA ASP D 163 6.70 -83.39 -42.29
C ASP D 163 8.02 -84.13 -42.17
N ALA D 164 9.11 -83.44 -42.54
CA ALA D 164 10.43 -84.05 -42.65
C ALA D 164 10.82 -84.79 -41.37
N CYS D 165 10.30 -84.31 -40.24
CA CYS D 165 10.43 -85.01 -38.98
C CYS D 165 9.93 -86.45 -39.13
N ARG D 166 8.68 -86.60 -39.56
CA ARG D 166 8.06 -87.93 -39.69
C ARG D 166 8.98 -88.89 -40.43
N ARG D 167 9.48 -88.46 -41.58
CA ARG D 167 10.23 -89.35 -42.48
C ARG D 167 11.63 -89.69 -41.96
N GLY D 168 12.09 -88.98 -40.92
CA GLY D 168 13.42 -89.20 -40.34
C GLY D 168 14.55 -88.58 -41.15
N THR D 169 14.22 -87.56 -41.94
CA THR D 169 15.19 -86.88 -42.80
C THR D 169 15.48 -85.44 -42.38
N LEU D 170 14.89 -84.99 -41.26
CA LEU D 170 15.07 -83.62 -40.80
C LEU D 170 16.40 -83.41 -40.08
N CYS D 171 17.10 -82.34 -40.44
CA CYS D 171 18.26 -81.86 -39.68
C CYS D 171 18.01 -80.42 -39.22
N PHE D 172 18.43 -80.12 -38.00
CA PHE D 172 18.54 -78.75 -37.52
C PHE D 172 20.01 -78.44 -37.26
N GLY D 173 20.35 -77.17 -37.21
CA GLY D 173 21.68 -76.73 -36.80
C GLY D 173 21.76 -75.22 -36.81
N THR D 174 22.68 -74.68 -36.00
CA THR D 174 23.06 -73.28 -36.05
C THR D 174 23.95 -73.09 -37.28
N ILE D 175 24.32 -71.85 -37.61
CA ILE D 175 24.92 -71.55 -38.94
C ILE D 175 26.27 -72.25 -39.17
N ASP D 176 27.02 -72.48 -38.11
CA ASP D 176 28.24 -73.29 -38.19
C ASP D 176 27.94 -74.67 -38.77
N THR D 177 26.92 -75.32 -38.23
CA THR D 177 26.54 -76.66 -38.62
C THR D 177 26.08 -76.66 -40.08
N TRP D 178 25.21 -75.72 -40.42
CA TRP D 178 24.74 -75.56 -41.80
C TRP D 178 25.87 -75.32 -42.79
N LEU D 179 26.82 -74.46 -42.45
CA LEU D 179 27.93 -74.17 -43.37
C LEU D 179 28.81 -75.39 -43.55
N MET D 180 29.09 -76.09 -42.46
CA MET D 180 29.99 -77.24 -42.50
C MET D 180 29.40 -78.44 -43.23
N TYR D 181 28.09 -78.58 -43.18
CA TYR D 181 27.39 -79.61 -43.92
C TYR D 181 27.63 -79.38 -45.43
N LYS D 182 27.18 -78.21 -45.89
CA LYS D 182 27.16 -77.86 -47.29
C LYS D 182 28.54 -77.72 -47.86
N LEU D 183 29.48 -77.23 -47.05
CA LEU D 183 30.88 -77.18 -47.43
C LEU D 183 31.44 -78.60 -47.64
N SER D 184 30.99 -79.55 -46.82
CA SER D 184 31.36 -80.98 -46.92
C SER D 184 30.60 -81.80 -47.97
N GLY D 185 29.73 -81.15 -48.76
CA GLY D 185 28.86 -81.84 -49.71
C GLY D 185 27.87 -82.79 -49.03
N GLY D 186 27.45 -82.46 -47.81
CA GLY D 186 26.45 -83.25 -47.10
C GLY D 186 26.99 -84.40 -46.29
N LYS D 187 28.30 -84.38 -46.04
CA LYS D 187 28.97 -85.46 -45.32
C LYS D 187 29.13 -85.18 -43.84
N ALA D 188 29.39 -83.93 -43.47
CA ALA D 188 29.62 -83.58 -42.05
C ALA D 188 28.35 -83.06 -41.38
N PHE D 189 28.06 -83.55 -40.18
CA PHE D 189 26.96 -83.06 -39.34
C PHE D 189 27.45 -82.87 -37.92
N VAL D 190 28.10 -81.74 -37.69
CA VAL D 190 28.79 -81.47 -36.44
C VAL D 190 28.53 -80.04 -35.94
N THR D 191 28.86 -79.81 -34.68
CA THR D 191 28.74 -78.48 -34.09
C THR D 191 29.86 -78.29 -33.06
N ASP D 192 30.30 -77.05 -32.87
CA ASP D 192 31.28 -76.73 -31.84
C ASP D 192 30.57 -76.39 -30.51
N VAL D 193 31.27 -76.54 -29.39
CA VAL D 193 30.65 -76.36 -28.07
C VAL D 193 30.11 -74.96 -27.81
N THR D 194 30.71 -73.93 -28.43
CA THR D 194 30.28 -72.57 -28.18
C THR D 194 28.89 -72.40 -28.78
N ASN D 195 28.69 -72.86 -30.01
CA ASN D 195 27.38 -72.74 -30.65
C ASN D 195 26.32 -73.62 -29.98
N ALA D 196 26.74 -74.84 -29.62
CA ALA D 196 25.87 -75.78 -28.97
C ALA D 196 25.35 -75.22 -27.64
N SER D 197 26.23 -74.55 -26.90
CA SER D 197 25.87 -73.89 -25.64
C SER D 197 24.74 -72.84 -25.77
N ARG D 198 24.39 -72.46 -27.00
CA ARG D 198 23.34 -71.46 -27.24
C ARG D 198 22.05 -72.07 -27.77
N THR D 199 21.97 -73.40 -27.78
CA THR D 199 20.79 -74.07 -28.28
C THR D 199 19.71 -74.16 -27.22
N PHE D 200 20.12 -74.14 -25.95
CA PHE D 200 19.25 -74.39 -24.79
C PHE D 200 19.07 -75.91 -24.62
N LEU D 201 19.77 -76.69 -25.43
CA LEU D 201 19.66 -78.13 -25.44
C LEU D 201 20.90 -78.84 -24.93
N MET D 202 21.91 -78.07 -24.52
CA MET D 202 23.18 -78.66 -24.12
C MET D 202 23.40 -78.47 -22.63
N ASP D 203 24.12 -79.42 -22.03
CA ASP D 203 24.54 -79.24 -20.66
C ASP D 203 25.89 -78.47 -20.63
N LEU D 204 25.86 -77.29 -20.01
CA LEU D 204 27.03 -76.40 -19.98
C LEU D 204 28.31 -77.09 -19.48
N ARG D 205 28.18 -77.93 -18.44
CA ARG D 205 29.35 -78.45 -17.74
C ARG D 205 29.90 -79.72 -18.37
N THR D 206 29.04 -80.65 -18.80
CA THR D 206 29.48 -81.81 -19.60
C THR D 206 29.70 -81.48 -21.08
N ARG D 207 28.91 -80.54 -21.61
CA ARG D 207 28.93 -80.23 -23.05
C ARG D 207 28.42 -81.42 -23.87
N LYS D 208 27.43 -82.08 -23.30
CA LYS D 208 26.64 -83.07 -23.98
C LYS D 208 25.26 -82.49 -24.15
N TRP D 209 24.51 -83.03 -25.12
CA TRP D 209 23.10 -82.71 -25.25
C TRP D 209 22.38 -83.19 -23.99
N SER D 210 21.35 -82.46 -23.57
CA SER D 210 20.55 -82.87 -22.43
C SER D 210 19.27 -83.62 -22.89
N PRO D 211 19.27 -84.98 -22.79
CA PRO D 211 18.06 -85.77 -23.17
C PRO D 211 16.80 -85.36 -22.42
N GLU D 212 16.99 -84.82 -21.21
CA GLU D 212 15.90 -84.29 -20.40
C GLU D 212 15.25 -83.15 -21.16
N LEU D 213 16.07 -82.16 -21.52
CA LEU D 213 15.59 -80.95 -22.17
C LEU D 213 15.05 -81.20 -23.59
N CYS D 214 15.74 -82.03 -24.36
CA CYS D 214 15.26 -82.39 -25.70
C CYS D 214 13.83 -82.94 -25.67
N GLU D 215 13.61 -83.99 -24.90
CA GLU D 215 12.30 -84.60 -24.73
C GLU D 215 11.25 -83.64 -24.19
N LYS D 216 11.60 -82.90 -23.13
CA LYS D 216 10.73 -81.85 -22.58
C LYS D 216 10.31 -80.84 -23.66
N LEU D 217 11.29 -80.25 -24.36
CA LEU D 217 11.00 -79.22 -25.38
C LEU D 217 10.50 -79.84 -26.70
N LYS D 218 10.55 -81.17 -26.77
CA LYS D 218 9.96 -81.95 -27.85
C LYS D 218 10.74 -81.72 -29.15
N ILE D 219 12.05 -81.93 -29.02
CA ILE D 219 12.99 -81.89 -30.12
C ILE D 219 13.59 -83.31 -30.23
N PRO D 220 13.22 -84.07 -31.28
CA PRO D 220 13.77 -85.41 -31.43
C PRO D 220 15.26 -85.36 -31.66
N MET D 221 16.02 -86.04 -30.81
CA MET D 221 17.48 -85.95 -30.83
C MET D 221 18.10 -86.36 -32.16
N GLU D 222 17.36 -87.09 -33.02
CA GLU D 222 17.91 -87.50 -34.33
C GLU D 222 18.12 -86.33 -35.28
N THR D 223 17.60 -85.16 -34.91
CA THR D 223 17.78 -83.95 -35.71
C THR D 223 19.09 -83.22 -35.41
N LEU D 224 19.79 -83.61 -34.33
CA LEU D 224 20.90 -82.83 -33.79
C LEU D 224 22.28 -83.33 -34.19
N PRO D 225 23.21 -82.40 -34.41
CA PRO D 225 24.56 -82.80 -34.80
C PRO D 225 25.38 -83.29 -33.62
N GLU D 226 26.57 -83.78 -33.95
CA GLU D 226 27.56 -84.23 -32.98
C GLU D 226 28.32 -83.03 -32.43
N ILE D 227 28.32 -82.88 -31.12
CA ILE D 227 29.04 -81.79 -30.52
C ILE D 227 30.49 -82.15 -30.55
N ARG D 228 31.31 -81.24 -31.04
CA ARG D 228 32.74 -81.40 -30.98
C ARG D 228 33.37 -80.18 -30.32
N SER D 229 34.70 -80.12 -30.24
CA SER D 229 35.34 -78.89 -29.73
C SER D 229 35.46 -77.81 -30.84
N ASN D 230 36.16 -76.72 -30.53
CA ASN D 230 36.35 -75.63 -31.49
C ASN D 230 37.48 -75.85 -32.49
N SER D 231 38.34 -76.83 -32.20
CA SER D 231 39.63 -76.96 -32.84
C SER D 231 39.93 -78.45 -32.98
N GLU D 232 39.70 -78.97 -34.18
CA GLU D 232 39.85 -80.40 -34.50
C GLU D 232 39.24 -80.60 -35.89
N LEU D 233 39.46 -81.74 -36.52
CA LEU D 233 38.92 -81.99 -37.85
C LEU D 233 37.39 -82.15 -37.84
N PHE D 234 36.69 -81.27 -38.54
CA PHE D 234 35.21 -81.34 -38.69
C PHE D 234 34.83 -81.95 -40.03
N GLY D 235 35.71 -81.78 -41.02
CA GLY D 235 35.44 -82.25 -42.38
C GLY D 235 36.34 -81.59 -43.41
N TYR D 236 36.03 -81.84 -44.68
CA TYR D 236 36.81 -81.31 -45.81
C TYR D 236 35.90 -80.50 -46.72
N VAL D 237 36.40 -79.37 -47.21
CA VAL D 237 35.67 -78.62 -48.23
C VAL D 237 35.61 -79.48 -49.49
N GLU D 238 34.39 -79.78 -49.95
CA GLU D 238 34.16 -80.70 -51.07
C GLU D 238 33.05 -80.27 -52.04
N THR D 239 32.57 -79.04 -51.94
CA THR D 239 31.62 -78.52 -52.92
C THR D 239 32.41 -77.77 -53.99
N ASP D 240 31.78 -77.52 -55.13
CA ASP D 240 32.39 -76.76 -56.21
C ASP D 240 31.54 -75.49 -56.49
N GLU D 241 30.81 -75.04 -55.46
CA GLU D 241 29.72 -74.05 -55.61
C GLU D 241 30.06 -72.79 -56.44
N CYS D 242 31.06 -72.02 -56.04
CA CYS D 242 31.52 -70.91 -56.90
C CYS D 242 32.97 -71.13 -57.32
N GLY D 243 33.30 -72.38 -57.63
CA GLY D 243 34.67 -72.79 -57.98
C GLY D 243 35.53 -73.13 -56.78
N VAL D 244 34.91 -73.27 -55.62
CA VAL D 244 35.62 -73.22 -54.34
C VAL D 244 36.71 -74.31 -54.18
N ALA D 245 36.37 -75.57 -54.45
CA ALA D 245 37.36 -76.66 -54.47
C ALA D 245 38.48 -76.42 -55.48
N ALA D 246 38.14 -75.88 -56.63
CA ALA D 246 39.14 -75.53 -57.64
C ALA D 246 40.11 -74.46 -57.09
N ALA D 247 39.58 -73.30 -56.71
CA ALA D 247 40.37 -72.23 -56.13
C ALA D 247 41.25 -72.73 -54.97
N LEU D 248 40.69 -73.60 -54.13
CA LEU D 248 41.43 -74.20 -53.04
C LEU D 248 42.55 -75.15 -53.50
N ASN D 249 42.42 -75.65 -54.73
CA ASN D 249 43.40 -76.53 -55.40
C ASN D 249 43.58 -77.92 -54.76
N GLU D 250 44.03 -77.97 -53.51
CA GLU D 250 44.11 -79.23 -52.75
C GLU D 250 42.82 -79.45 -51.95
N ARG D 251 42.70 -80.62 -51.32
CA ARG D 251 41.61 -80.84 -50.37
C ARG D 251 42.00 -80.11 -49.08
N THR D 252 41.04 -79.36 -48.53
CA THR D 252 41.29 -78.50 -47.39
C THR D 252 40.37 -78.84 -46.22
N PRO D 253 40.96 -79.12 -45.05
CA PRO D 253 40.12 -79.48 -43.92
C PRO D 253 39.53 -78.25 -43.24
N ILE D 254 38.29 -78.41 -42.78
CA ILE D 254 37.67 -77.46 -41.87
C ILE D 254 38.07 -77.91 -40.48
N MET D 255 38.88 -77.12 -39.79
CA MET D 255 39.45 -77.51 -38.49
C MET D 255 39.15 -76.52 -37.36
N GLY D 256 38.29 -75.54 -37.62
CA GLY D 256 37.91 -74.56 -36.61
C GLY D 256 36.46 -74.21 -36.75
N SER D 257 35.75 -74.11 -35.64
CA SER D 257 34.36 -73.66 -35.63
C SER D 257 34.08 -73.05 -34.26
N ILE D 258 33.48 -71.87 -34.23
CA ILE D 258 33.32 -71.16 -32.98
C ILE D 258 32.36 -69.97 -33.13
N GLY D 259 31.43 -69.80 -32.17
CA GLY D 259 30.46 -68.71 -32.23
C GLY D 259 31.14 -67.34 -32.26
N ASP D 260 30.46 -66.34 -32.80
CA ASP D 260 31.14 -65.07 -33.09
C ASP D 260 31.68 -64.34 -31.87
N GLN D 261 30.90 -64.30 -30.79
CA GLN D 261 31.35 -63.53 -29.62
C GLN D 261 32.54 -64.22 -28.95
N GLN D 262 32.45 -65.55 -28.85
CA GLN D 262 33.56 -66.35 -28.36
C GLN D 262 34.78 -66.22 -29.24
N SER D 263 34.58 -66.26 -30.55
CA SER D 263 35.67 -66.10 -31.51
C SER D 263 36.40 -64.78 -31.33
N ALA D 264 35.69 -63.73 -30.99
CA ALA D 264 36.31 -62.42 -30.72
C ALA D 264 37.05 -62.46 -29.38
N LEU D 265 36.48 -63.15 -28.40
CA LEU D 265 37.16 -63.46 -27.15
C LEU D 265 38.48 -64.18 -27.45
N PHE D 266 38.43 -65.24 -28.25
CA PHE D 266 39.61 -66.02 -28.59
C PHE D 266 40.63 -65.26 -29.43
N GLY D 267 40.17 -64.45 -30.37
CA GLY D 267 41.05 -63.69 -31.27
C GLY D 267 41.70 -62.46 -30.65
N ASN D 268 41.15 -62.03 -29.52
CA ASN D 268 41.76 -60.99 -28.70
C ASN D 268 42.60 -61.57 -27.59
N MET D 269 42.97 -62.85 -27.68
CA MET D 269 43.92 -63.46 -26.75
C MET D 269 43.48 -63.39 -25.29
N CYS D 270 42.19 -63.61 -25.03
CA CYS D 270 41.64 -63.59 -23.67
C CYS D 270 41.63 -65.00 -23.12
N PHE D 271 42.83 -65.54 -22.94
CA PHE D 271 42.98 -66.91 -22.48
C PHE D 271 42.92 -67.07 -20.96
N GLU D 272 43.18 -66.00 -20.20
CA GLU D 272 43.21 -66.07 -18.73
C GLU D 272 41.87 -65.73 -18.11
N LYS D 273 41.66 -66.21 -16.88
CA LYS D 273 40.57 -65.76 -16.03
C LYS D 273 40.71 -64.25 -15.86
N GLY D 274 39.59 -63.53 -15.97
CA GLY D 274 39.60 -62.07 -15.80
C GLY D 274 39.77 -61.26 -17.08
N GLU D 275 40.38 -61.88 -18.08
CA GLU D 275 40.50 -61.26 -19.39
C GLU D 275 39.12 -61.26 -20.09
N ALA D 276 38.75 -60.11 -20.63
CA ALA D 276 37.43 -59.90 -21.22
C ALA D 276 37.50 -59.03 -22.48
N LYS D 277 36.51 -59.17 -23.36
CA LYS D 277 36.40 -58.25 -24.48
C LYS D 277 34.98 -57.78 -24.66
N ASN D 278 34.87 -56.58 -25.20
CA ASN D 278 33.62 -55.96 -25.52
C ASN D 278 33.58 -55.78 -27.03
N THR D 279 32.62 -56.40 -27.71
CA THR D 279 32.52 -56.38 -29.17
C THR D 279 31.40 -55.47 -29.57
N TYR D 280 31.56 -54.82 -30.72
CA TYR D 280 30.49 -54.02 -31.32
C TYR D 280 30.05 -54.63 -32.64
N GLY D 281 28.83 -54.31 -33.07
CA GLY D 281 28.32 -54.87 -34.29
C GLY D 281 26.81 -54.87 -34.39
N TPO D 282 26.29 -55.88 -35.08
CA TPO D 282 24.87 -55.98 -35.32
CB TPO D 282 24.65 -57.10 -36.36
CG2 TPO D 282 23.26 -56.82 -36.91
OG1 TPO D 282 25.63 -57.14 -37.45
P TPO D 282 26.94 -58.14 -37.79
O1P TPO D 282 26.72 -59.47 -37.09
O2P TPO D 282 28.09 -57.33 -37.25
O3P TPO D 282 26.93 -58.33 -39.31
C TPO D 282 24.18 -56.11 -33.97
O TPO D 282 23.09 -55.59 -33.78
N GLY D 283 24.84 -56.75 -33.01
CA GLY D 283 24.51 -56.62 -31.59
C GLY D 283 25.81 -56.36 -30.83
N CYS D 284 25.74 -55.99 -29.56
CA CYS D 284 26.96 -55.64 -28.77
C CYS D 284 27.09 -56.45 -27.49
N PHE D 285 28.27 -57.03 -27.26
CA PHE D 285 28.44 -58.05 -26.22
C PHE D 285 29.73 -57.88 -25.44
N LEU D 286 29.65 -58.11 -24.14
CA LEU D 286 30.82 -58.16 -23.27
C LEU D 286 30.96 -59.59 -22.79
N LEU D 287 32.08 -60.23 -23.15
CA LEU D 287 32.42 -61.57 -22.62
C LEU D 287 33.71 -61.56 -21.79
N MET D 288 33.64 -62.26 -20.66
CA MET D 288 34.76 -62.38 -19.72
C MET D 288 35.10 -63.84 -19.63
N ASN D 289 36.39 -64.16 -19.78
CA ASN D 289 36.88 -65.51 -19.49
C ASN D 289 36.86 -65.74 -17.97
N VAL D 290 36.21 -66.82 -17.52
CA VAL D 290 36.08 -67.09 -16.07
C VAL D 290 36.81 -68.35 -15.58
N GLY D 291 37.32 -69.15 -16.51
CA GLY D 291 38.22 -70.24 -16.18
C GLY D 291 37.65 -71.60 -16.52
N GLU D 292 38.22 -72.64 -15.91
CA GLU D 292 37.88 -74.05 -16.21
C GLU D 292 36.54 -74.52 -15.63
N GLU D 293 36.00 -73.78 -14.66
CA GLU D 293 34.76 -74.11 -13.96
C GLU D 293 33.67 -73.10 -14.31
N ALA D 294 32.48 -73.59 -14.65
CA ALA D 294 31.39 -72.71 -15.03
C ALA D 294 30.91 -71.85 -13.86
N ARG D 295 30.53 -70.60 -14.16
CA ARG D 295 29.96 -69.68 -13.17
C ARG D 295 28.56 -69.32 -13.59
N PHE D 296 27.60 -69.52 -12.69
CA PHE D 296 26.22 -69.16 -12.91
C PHE D 296 25.94 -67.79 -12.33
N SER D 297 24.81 -67.23 -12.73
CA SER D 297 24.59 -65.80 -12.59
C SER D 297 23.34 -65.53 -11.80
N LYS D 298 23.51 -64.67 -10.80
CA LYS D 298 22.42 -64.17 -10.00
C LYS D 298 21.94 -62.86 -10.54
N HIS D 299 22.75 -62.23 -11.39
CA HIS D 299 22.57 -60.83 -11.78
C HIS D 299 22.36 -60.65 -13.27
N GLY D 300 21.42 -61.39 -13.85
CA GLY D 300 21.08 -61.28 -15.27
C GLY D 300 22.26 -61.33 -16.26
N LEU D 301 22.99 -62.43 -16.26
CA LEU D 301 24.00 -62.68 -17.28
C LEU D 301 23.84 -64.10 -17.82
N LEU D 302 24.52 -64.39 -18.92
CA LEU D 302 24.48 -65.73 -19.47
C LEU D 302 25.78 -66.43 -19.13
N SER D 303 25.66 -67.71 -18.82
CA SER D 303 26.81 -68.55 -18.58
C SER D 303 27.01 -69.37 -19.84
N THR D 304 28.22 -69.39 -20.35
CA THR D 304 28.45 -69.96 -21.67
C THR D 304 29.87 -70.48 -21.84
N VAL D 305 30.09 -71.28 -22.89
CA VAL D 305 31.43 -71.79 -23.20
C VAL D 305 32.22 -70.69 -23.88
N GLY D 306 33.33 -70.26 -23.28
CA GLY D 306 34.29 -69.39 -23.93
C GLY D 306 34.96 -70.14 -25.08
N PHE D 307 35.76 -71.15 -24.76
CA PHE D 307 36.38 -72.00 -25.79
C PHE D 307 36.96 -73.33 -25.26
N GLN D 308 37.15 -74.29 -26.16
CA GLN D 308 37.77 -75.56 -25.85
C GLN D 308 38.63 -75.93 -27.05
N VAL D 309 39.94 -75.74 -26.90
CA VAL D 309 40.92 -76.08 -27.96
C VAL D 309 41.21 -77.59 -27.90
N GLY D 310 40.62 -78.36 -28.82
CA GLY D 310 40.79 -79.81 -28.87
C GLY D 310 39.78 -80.61 -28.05
N ARG D 311 39.52 -81.85 -28.49
CA ARG D 311 38.68 -82.82 -27.80
C ARG D 311 39.09 -83.03 -26.34
N ASP D 312 40.39 -83.25 -26.14
CA ASP D 312 40.91 -83.53 -24.82
C ASP D 312 41.49 -82.28 -24.16
N GLY D 313 41.13 -81.11 -24.69
CA GLY D 313 41.64 -79.84 -24.17
C GLY D 313 40.77 -79.30 -23.04
N PRO D 314 41.34 -78.40 -22.22
CA PRO D 314 40.55 -77.83 -21.16
C PRO D 314 39.46 -76.91 -21.73
N CYS D 315 38.23 -77.05 -21.22
CA CYS D 315 37.17 -76.13 -21.61
C CYS D 315 37.23 -74.88 -20.76
N TYR D 316 37.36 -73.73 -21.41
CA TYR D 316 37.25 -72.45 -20.73
C TYR D 316 35.85 -71.89 -20.86
N TYR D 317 35.39 -71.21 -19.80
CA TYR D 317 34.02 -70.76 -19.65
C TYR D 317 33.99 -69.26 -19.51
N ALA D 318 32.83 -68.68 -19.82
CA ALA D 318 32.67 -67.25 -19.83
C ALA D 318 31.32 -66.82 -19.27
N LEU D 319 31.24 -65.56 -18.88
CA LEU D 319 29.97 -64.92 -18.61
C LEU D 319 29.76 -63.91 -19.72
N GLU D 320 28.51 -63.67 -20.08
CA GLU D 320 28.18 -62.85 -21.24
C GLU D 320 27.07 -61.86 -20.91
N GLY D 321 27.34 -60.57 -21.17
CA GLY D 321 26.33 -59.54 -21.05
C GLY D 321 26.12 -58.75 -22.33
N ALA D 322 24.86 -58.52 -22.70
CA ALA D 322 24.48 -57.73 -23.89
C ALA D 322 24.14 -56.27 -23.54
N ILE D 323 24.86 -55.32 -24.11
CA ILE D 323 24.64 -53.93 -23.74
C ILE D 323 23.95 -53.14 -24.84
N ALA D 324 23.94 -51.82 -24.69
CA ALA D 324 23.54 -50.92 -25.75
C ALA D 324 24.66 -50.87 -26.76
N CYS D 325 24.34 -50.53 -28.01
CA CYS D 325 25.37 -50.42 -29.03
C CYS D 325 25.75 -48.96 -29.22
N ALA D 326 26.99 -48.65 -28.86
CA ALA D 326 27.56 -47.32 -29.17
C ALA D 326 27.06 -46.89 -30.53
N GLY D 327 27.23 -47.79 -31.53
CA GLY D 327 26.88 -47.53 -32.91
C GLY D 327 25.42 -47.24 -33.13
N ALA D 328 24.56 -48.12 -32.67
CA ALA D 328 23.14 -47.93 -32.92
C ALA D 328 22.67 -46.62 -32.28
N THR D 329 23.32 -46.20 -31.19
CA THR D 329 22.95 -44.96 -30.51
C THR D 329 23.51 -43.73 -31.24
N VAL D 330 24.79 -43.78 -31.58
CA VAL D 330 25.43 -42.73 -32.36
C VAL D 330 24.73 -42.49 -33.70
N GLU D 331 24.39 -43.55 -34.40
CA GLU D 331 23.76 -43.43 -35.70
C GLU D 331 22.32 -42.92 -35.58
N TRP D 332 21.65 -43.26 -34.49
CA TRP D 332 20.29 -42.74 -34.24
C TRP D 332 20.35 -41.21 -34.05
N MET D 333 21.30 -40.73 -33.28
CA MET D 333 21.48 -39.28 -33.10
C MET D 333 21.74 -38.55 -34.43
N ARG D 334 22.62 -39.11 -35.26
CA ARG D 334 22.86 -38.57 -36.60
C ARG D 334 21.63 -38.72 -37.49
N ARG D 335 21.29 -39.95 -37.84
CA ARG D 335 20.23 -40.22 -38.81
C ARG D 335 18.86 -39.69 -38.37
N ASN D 336 18.48 -39.88 -37.12
CA ASN D 336 17.08 -39.59 -36.70
C ASN D 336 16.83 -38.22 -36.08
N MET D 337 17.79 -37.77 -35.29
CA MET D 337 17.65 -36.53 -34.53
C MET D 337 18.44 -35.41 -35.15
N ASN D 338 19.38 -35.77 -36.04
CA ASN D 338 20.13 -34.76 -36.76
C ASN D 338 20.97 -33.89 -35.82
N LEU D 339 21.44 -34.47 -34.72
CA LEU D 339 22.25 -33.73 -33.76
C LEU D 339 23.67 -33.47 -34.26
N PHE D 340 24.07 -34.18 -35.31
CA PHE D 340 25.27 -33.83 -36.06
C PHE D 340 25.19 -34.41 -37.46
N SER D 341 26.16 -34.07 -38.30
CA SER D 341 26.13 -34.49 -39.70
C SER D 341 27.03 -35.70 -39.96
N HIS D 342 28.28 -35.65 -39.50
CA HIS D 342 29.26 -36.75 -39.69
C HIS D 342 29.95 -37.14 -38.38
N ILE D 343 30.36 -38.41 -38.30
CA ILE D 343 30.91 -38.98 -37.04
C ILE D 343 32.13 -38.22 -36.46
N THR D 344 32.78 -37.40 -37.27
CA THR D 344 33.89 -36.57 -36.79
C THR D 344 33.36 -35.41 -35.89
N GLU D 345 32.12 -35.01 -36.14
CA GLU D 345 31.47 -33.92 -35.42
C GLU D 345 31.05 -34.40 -34.03
N CYS D 346 30.65 -35.67 -33.95
CA CYS D 346 30.17 -36.32 -32.72
C CYS D 346 31.13 -36.16 -31.55
N GLU D 347 32.36 -36.65 -31.73
CA GLU D 347 33.34 -36.65 -30.67
C GLU D 347 33.80 -35.24 -30.29
N LYS D 348 33.93 -34.35 -31.29
CA LYS D 348 34.25 -32.94 -31.02
C LYS D 348 33.13 -32.28 -30.21
N LEU D 349 31.88 -32.56 -30.58
CA LEU D 349 30.73 -32.04 -29.85
C LEU D 349 30.68 -32.56 -28.40
N ALA D 350 30.85 -33.86 -28.21
CA ALA D 350 30.91 -34.43 -26.86
C ALA D 350 32.13 -33.91 -26.08
N ARG D 351 33.20 -33.60 -26.80
CA ARG D 351 34.40 -33.06 -26.16
C ARG D 351 34.25 -31.59 -25.74
N SER D 352 33.53 -30.80 -26.53
CA SER D 352 33.46 -29.35 -26.33
C SER D 352 32.78 -28.92 -25.03
N VAL D 353 32.32 -29.87 -24.21
CA VAL D 353 31.67 -29.53 -22.94
C VAL D 353 32.32 -30.32 -21.82
N PRO D 354 32.34 -29.75 -20.61
CA PRO D 354 33.02 -30.41 -19.49
C PRO D 354 32.22 -31.55 -18.85
N GLY D 355 30.98 -31.76 -19.30
CA GLY D 355 30.17 -32.85 -18.75
C GLY D 355 28.75 -32.84 -19.28
N THR D 356 27.88 -33.57 -18.58
CA THR D 356 26.47 -33.64 -18.93
C THR D 356 25.69 -32.51 -18.25
N GLN D 357 26.33 -31.89 -17.27
CA GLN D 357 25.77 -30.78 -16.49
C GLN D 357 24.34 -31.08 -16.08
N GLY D 358 24.19 -32.26 -15.49
CA GLY D 358 22.93 -32.63 -14.86
C GLY D 358 21.93 -33.41 -15.69
N ILE D 359 22.28 -33.80 -16.93
CA ILE D 359 21.42 -34.71 -17.71
C ILE D 359 21.92 -36.15 -17.75
N VAL D 360 20.97 -37.06 -17.86
CA VAL D 360 21.24 -38.45 -18.16
C VAL D 360 20.38 -38.89 -19.34
N PHE D 361 20.99 -39.67 -20.23
CA PHE D 361 20.33 -40.16 -21.42
C PHE D 361 20.38 -41.67 -21.31
N VAL D 362 19.25 -42.31 -21.03
CA VAL D 362 19.20 -43.79 -21.05
C VAL D 362 18.75 -44.26 -22.42
N PRO D 363 19.66 -44.79 -23.25
CA PRO D 363 19.25 -45.13 -24.61
C PRO D 363 18.65 -46.54 -24.70
N ALA D 364 17.63 -46.83 -23.88
CA ALA D 364 17.01 -48.16 -23.78
C ALA D 364 15.88 -48.27 -24.81
N PHE D 365 16.25 -48.11 -26.07
CA PHE D 365 15.25 -47.90 -27.13
C PHE D 365 14.32 -49.10 -27.28
N SER D 366 14.88 -50.30 -27.22
CA SER D 366 14.06 -51.51 -27.17
C SER D 366 14.24 -52.23 -25.83
N GLY D 367 14.15 -51.46 -24.74
CA GLY D 367 14.28 -52.02 -23.40
C GLY D 367 15.67 -52.08 -22.84
N LEU D 368 15.73 -52.37 -21.56
CA LEU D 368 16.99 -52.40 -20.82
C LEU D 368 17.50 -53.85 -20.84
N LEU D 369 18.77 -54.01 -21.21
CA LEU D 369 19.36 -55.33 -21.40
C LEU D 369 20.22 -55.61 -20.16
N ALA D 370 21.50 -55.99 -20.37
CA ALA D 370 22.55 -55.87 -19.35
C ALA D 370 22.14 -56.59 -18.07
N PRO D 371 22.47 -56.04 -16.87
CA PRO D 371 21.94 -56.84 -15.77
C PRO D 371 20.51 -56.52 -15.38
N TYR D 372 19.84 -55.63 -16.13
CA TYR D 372 18.52 -55.12 -15.71
C TYR D 372 17.34 -55.87 -16.35
N TRP D 373 17.51 -56.33 -17.59
CA TRP D 373 16.47 -57.04 -18.36
C TRP D 373 15.04 -56.53 -18.09
N ASP D 374 14.80 -55.26 -18.41
CA ASP D 374 13.46 -54.63 -18.36
C ASP D 374 12.96 -54.23 -19.77
N PRO D 375 12.13 -55.09 -20.37
CA PRO D 375 11.73 -54.80 -21.74
C PRO D 375 10.74 -53.66 -21.85
N SER D 376 10.26 -53.14 -20.71
CA SER D 376 9.39 -51.95 -20.68
C SER D 376 10.13 -50.58 -20.67
N ALA D 377 11.44 -50.58 -20.39
CA ALA D 377 12.20 -49.33 -20.40
C ALA D 377 12.27 -48.83 -21.81
N ARG D 378 12.04 -47.53 -22.00
CA ARG D 378 12.18 -46.90 -23.30
C ARG D 378 13.21 -45.79 -23.21
N GLY D 379 13.69 -45.34 -24.37
CA GLY D 379 14.74 -44.33 -24.44
C GLY D 379 14.32 -43.05 -23.75
N THR D 380 15.10 -42.62 -22.74
CA THR D 380 14.71 -41.45 -21.95
C THR D 380 15.86 -40.48 -21.64
N ILE D 381 15.50 -39.20 -21.53
CA ILE D 381 16.42 -38.13 -21.19
C ILE D 381 15.79 -37.34 -20.05
N VAL D 382 16.60 -37.08 -19.02
CA VAL D 382 16.15 -36.32 -17.85
C VAL D 382 17.12 -35.18 -17.52
N GLY D 383 16.60 -34.17 -16.83
CA GLY D 383 17.40 -33.10 -16.27
C GLY D 383 17.72 -31.93 -17.18
N MET D 384 17.03 -31.81 -18.30
CA MET D 384 17.38 -30.81 -19.30
C MET D 384 16.92 -29.44 -18.84
N THR D 385 17.64 -28.39 -19.28
CA THR D 385 17.27 -26.98 -19.04
C THR D 385 17.49 -26.19 -20.35
N LEU D 386 17.11 -24.92 -20.37
CA LEU D 386 17.36 -24.09 -21.55
C LEU D 386 18.83 -24.07 -21.94
N LYS D 387 19.73 -24.39 -21.01
CA LYS D 387 21.17 -24.41 -21.29
C LYS D 387 21.70 -25.73 -21.86
N THR D 388 20.92 -26.81 -21.80
CA THR D 388 21.29 -28.07 -22.43
C THR D 388 21.31 -27.94 -23.94
N THR D 389 22.30 -28.57 -24.57
CA THR D 389 22.48 -28.55 -26.01
C THR D 389 22.83 -29.96 -26.51
N ARG D 390 22.92 -30.10 -27.83
CA ARG D 390 23.17 -31.41 -28.45
C ARG D 390 24.50 -32.06 -28.04
N ALA D 391 25.48 -31.26 -27.66
CA ALA D 391 26.76 -31.77 -27.13
C ALA D 391 26.56 -32.54 -25.81
N HIS D 392 25.83 -31.93 -24.88
CA HIS D 392 25.50 -32.57 -23.62
C HIS D 392 24.82 -33.91 -23.92
N VAL D 393 23.84 -33.89 -24.82
CA VAL D 393 23.11 -35.12 -25.14
C VAL D 393 24.06 -36.16 -25.72
N ILE D 394 24.83 -35.77 -26.74
CA ILE D 394 25.78 -36.66 -27.36
C ILE D 394 26.74 -37.18 -26.29
N ARG D 395 27.22 -36.32 -25.42
CA ARG D 395 28.14 -36.78 -24.39
C ARG D 395 27.48 -37.76 -23.44
N ALA D 396 26.28 -37.43 -22.97
CA ALA D 396 25.57 -38.30 -22.03
C ALA D 396 25.30 -39.70 -22.60
N ALA D 397 24.97 -39.77 -23.89
CA ALA D 397 24.81 -41.06 -24.58
C ALA D 397 26.05 -41.92 -24.46
N LEU D 398 27.22 -41.32 -24.64
CA LEU D 398 28.49 -42.05 -24.52
C LEU D 398 28.72 -42.49 -23.09
N GLN D 399 28.37 -41.62 -22.15
CA GLN D 399 28.51 -41.94 -20.74
C GLN D 399 27.57 -43.08 -20.40
N ALA D 400 26.39 -43.03 -21.00
CA ALA D 400 25.38 -44.07 -20.83
C ALA D 400 25.94 -45.42 -21.19
N ILE D 401 26.64 -45.50 -22.32
CA ILE D 401 27.17 -46.79 -22.77
C ILE D 401 28.24 -47.34 -21.82
N ALA D 402 29.11 -46.47 -21.34
CA ALA D 402 30.09 -46.86 -20.35
C ALA D 402 29.42 -47.30 -19.07
N LEU D 403 28.34 -46.59 -18.70
CA LEU D 403 27.61 -46.92 -17.47
C LEU D 403 26.98 -48.31 -17.50
N GLN D 404 26.38 -48.72 -18.63
CA GLN D 404 25.82 -50.07 -18.72
C GLN D 404 26.98 -51.07 -18.69
N LEU D 405 28.08 -50.70 -19.32
CA LEU D 405 29.26 -51.54 -19.32
C LEU D 405 29.68 -51.83 -17.89
N ASN D 406 29.74 -50.79 -17.07
CA ASN D 406 30.16 -50.88 -15.68
C ASN D 406 29.20 -51.70 -14.83
N ASP D 407 27.91 -51.46 -14.99
CA ASP D 407 26.92 -52.27 -14.30
C ASP D 407 27.04 -53.73 -14.72
N VAL D 408 27.31 -53.98 -16.01
CA VAL D 408 27.52 -55.34 -16.48
C VAL D 408 28.77 -55.96 -15.86
N VAL D 409 29.84 -55.18 -15.75
CA VAL D 409 31.10 -55.67 -15.18
C VAL D 409 30.95 -55.97 -13.68
N GLY D 410 30.16 -55.14 -12.98
CA GLY D 410 29.83 -55.37 -11.58
C GLY D 410 29.19 -56.73 -11.38
N SER D 411 28.17 -57.03 -12.18
CA SER D 411 27.52 -58.34 -12.16
C SER D 411 28.50 -59.49 -12.41
N MET D 412 29.48 -59.26 -13.27
CA MET D 412 30.45 -60.31 -13.63
C MET D 412 31.41 -60.59 -12.49
N LYS D 413 31.76 -59.57 -11.72
CA LYS D 413 32.50 -59.77 -10.48
C LYS D 413 31.66 -60.55 -9.47
N ARG D 414 30.52 -59.97 -9.08
CA ARG D 414 29.58 -60.60 -8.15
C ARG D 414 29.17 -62.05 -8.51
N ASP D 415 29.28 -62.44 -9.79
CA ASP D 415 28.96 -63.81 -10.20
C ASP D 415 30.19 -64.71 -10.26
N ALA D 416 31.24 -64.25 -10.91
CA ALA D 416 32.43 -65.07 -11.18
C ALA D 416 33.42 -65.10 -10.03
N GLY D 417 33.30 -64.14 -9.12
CA GLY D 417 34.23 -64.01 -7.99
C GLY D 417 35.62 -63.58 -8.42
N LEU D 418 35.70 -62.75 -9.45
CA LEU D 418 36.99 -62.32 -10.00
C LEU D 418 36.98 -60.87 -10.44
N ASN D 419 38.16 -60.26 -10.47
CA ASN D 419 38.32 -58.92 -11.03
C ASN D 419 38.54 -58.99 -12.54
N LEU D 420 38.35 -57.84 -13.19
CA LEU D 420 38.62 -57.68 -14.61
C LEU D 420 39.99 -57.05 -14.76
N SER D 421 41.01 -57.86 -15.09
CA SER D 421 42.37 -57.33 -15.28
C SER D 421 42.47 -56.37 -16.47
N SER D 422 41.91 -56.77 -17.62
CA SER D 422 41.84 -55.90 -18.82
C SER D 422 40.60 -56.11 -19.71
N LEU D 423 40.21 -55.04 -20.37
CA LEU D 423 39.11 -55.02 -21.30
C LEU D 423 39.64 -54.70 -22.70
N ARG D 424 39.51 -55.64 -23.64
CA ARG D 424 39.91 -55.41 -25.03
C ARG D 424 38.70 -54.99 -25.83
N VAL D 425 38.86 -53.96 -26.68
CA VAL D 425 37.74 -53.43 -27.47
C VAL D 425 37.91 -53.58 -29.00
N ASP D 426 36.79 -53.84 -29.69
CA ASP D 426 36.76 -54.18 -31.12
C ASP D 426 35.33 -54.03 -31.70
N GLY D 427 35.22 -53.54 -32.92
CA GLY D 427 33.93 -53.48 -33.63
C GLY D 427 33.52 -52.17 -34.30
N GLY D 428 34.39 -51.16 -34.27
CA GLY D 428 34.12 -49.89 -34.95
C GLY D 428 34.24 -48.70 -34.02
N LEU D 429 33.33 -48.63 -33.04
CA LEU D 429 33.33 -47.54 -32.05
C LEU D 429 34.36 -47.71 -30.93
N SER D 430 35.19 -48.75 -31.03
CA SER D 430 36.48 -48.78 -30.36
C SER D 430 37.35 -47.62 -30.88
N LYS D 431 36.97 -47.03 -32.01
CA LYS D 431 37.65 -45.85 -32.59
C LYS D 431 36.99 -44.51 -32.20
N ASN D 432 36.39 -44.45 -31.00
CA ASN D 432 36.01 -43.18 -30.36
C ASN D 432 36.76 -43.04 -29.04
N GLY D 433 37.76 -42.15 -29.03
CA GLY D 433 38.64 -42.00 -27.89
C GLY D 433 37.93 -41.65 -26.61
N LEU D 434 37.00 -40.69 -26.68
CA LEU D 434 36.31 -40.19 -25.48
C LEU D 434 35.57 -41.32 -24.76
N LEU D 435 34.91 -42.15 -25.56
CA LEU D 435 34.19 -43.31 -25.04
C LEU D 435 35.11 -44.32 -24.38
N MET D 436 36.24 -44.60 -25.02
CA MET D 436 37.23 -45.52 -24.50
C MET D 436 37.80 -44.97 -23.19
N GLU D 437 37.95 -43.66 -23.12
CA GLU D 437 38.42 -42.99 -21.91
C GLU D 437 37.39 -43.11 -20.80
N ILE D 438 36.15 -42.73 -21.07
CA ILE D 438 35.12 -42.83 -20.04
C ILE D 438 34.98 -44.25 -19.52
N GLN D 439 35.03 -45.23 -20.41
CA GLN D 439 34.97 -46.63 -20.00
C GLN D 439 36.14 -46.94 -19.07
N ALA D 440 37.34 -46.55 -19.49
CA ALA D 440 38.55 -46.81 -18.72
C ALA D 440 38.45 -46.19 -17.33
N SER D 441 37.98 -44.94 -17.28
CA SER D 441 37.76 -44.23 -16.04
C SER D 441 36.80 -45.00 -15.15
N LEU D 442 35.58 -45.22 -15.63
CA LEU D 442 34.55 -45.86 -14.82
C LEU D 442 34.93 -47.24 -14.28
N LEU D 443 35.59 -48.06 -15.08
CA LEU D 443 35.91 -49.43 -14.67
C LEU D 443 37.18 -49.52 -13.81
N GLY D 444 37.99 -48.47 -13.82
CA GLY D 444 39.28 -48.50 -13.15
C GLY D 444 40.21 -49.57 -13.68
N VAL D 445 40.17 -49.79 -15.00
CA VAL D 445 41.10 -50.74 -15.65
C VAL D 445 41.44 -50.28 -17.06
N ASP D 446 42.47 -50.91 -17.63
CA ASP D 446 42.98 -50.58 -18.93
C ASP D 446 42.00 -51.00 -20.01
N ILE D 447 42.09 -50.31 -21.15
CA ILE D 447 41.35 -50.69 -22.32
C ILE D 447 42.31 -50.84 -23.48
N LEU D 448 42.36 -52.04 -24.02
CA LEU D 448 43.25 -52.36 -25.14
C LEU D 448 42.50 -52.15 -26.46
N VAL D 449 43.17 -51.57 -27.46
CA VAL D 449 42.57 -51.35 -28.78
C VAL D 449 43.52 -51.87 -29.88
N PRO D 450 43.19 -53.03 -30.50
CA PRO D 450 44.09 -53.55 -31.53
C PRO D 450 44.07 -52.74 -32.84
N SER D 451 45.24 -52.57 -33.45
CA SER D 451 45.32 -51.97 -34.77
C SER D 451 44.89 -52.98 -35.85
N MET D 452 45.01 -54.28 -35.56
CA MET D 452 44.43 -55.34 -36.42
C MET D 452 43.03 -55.65 -35.91
N HIS D 453 42.07 -54.81 -36.29
CA HIS D 453 40.72 -54.87 -35.69
C HIS D 453 39.91 -56.15 -36.06
N GLU D 454 40.32 -56.82 -37.14
CA GLU D 454 39.71 -58.06 -37.67
C GLU D 454 39.82 -59.29 -36.73
N THR D 455 39.62 -59.08 -35.42
CA THR D 455 39.88 -60.10 -34.42
C THR D 455 38.85 -61.21 -34.36
N THR D 456 37.62 -60.96 -34.76
CA THR D 456 36.61 -62.04 -34.74
C THR D 456 36.94 -63.13 -35.73
N ALA D 457 37.20 -62.73 -36.96
CA ALA D 457 37.64 -63.65 -37.99
C ALA D 457 38.88 -64.42 -37.52
N LEU D 458 39.81 -63.73 -36.86
CA LEU D 458 41.06 -64.34 -36.43
C LEU D 458 40.82 -65.51 -35.44
N GLY D 459 39.84 -65.35 -34.56
CA GLY D 459 39.57 -66.37 -33.57
C GLY D 459 39.40 -67.73 -34.20
N ALA D 460 38.60 -67.79 -35.26
CA ALA D 460 38.34 -69.06 -35.92
C ALA D 460 39.56 -69.53 -36.72
N ALA D 461 40.33 -68.58 -37.25
CA ALA D 461 41.59 -68.93 -37.90
C ALA D 461 42.60 -69.52 -36.87
N LEU D 462 42.68 -68.92 -35.69
CA LEU D 462 43.51 -69.47 -34.62
C LEU D 462 43.03 -70.86 -34.23
N CYS D 463 41.71 -71.08 -34.18
CA CYS D 463 41.20 -72.41 -33.88
C CYS D 463 41.69 -73.42 -34.92
N ALA D 464 41.59 -73.07 -36.21
CA ALA D 464 41.89 -73.99 -37.29
C ALA D 464 43.39 -74.19 -37.46
N GLY D 465 44.15 -73.14 -37.13
CA GLY D 465 45.61 -73.15 -37.23
C GLY D 465 46.24 -73.94 -36.10
N LEU D 466 45.71 -73.79 -34.89
CA LEU D 466 46.19 -74.57 -33.77
C LEU D 466 46.01 -76.06 -34.08
N ALA D 467 44.82 -76.43 -34.55
CA ALA D 467 44.54 -77.83 -34.88
C ALA D 467 45.45 -78.35 -35.97
N ALA D 468 45.81 -77.49 -36.93
CA ALA D 468 46.55 -77.91 -38.11
C ALA D 468 48.08 -77.81 -37.97
N GLY D 469 48.56 -77.33 -36.83
CA GLY D 469 49.99 -77.20 -36.62
C GLY D 469 50.65 -75.96 -37.22
N VAL D 470 49.86 -74.97 -37.62
CA VAL D 470 50.42 -73.69 -38.05
C VAL D 470 51.01 -72.93 -36.84
N TRP D 471 50.23 -72.83 -35.77
CA TRP D 471 50.73 -72.45 -34.46
C TRP D 471 50.57 -73.70 -33.60
N THR D 472 51.43 -73.85 -32.57
CA THR D 472 51.59 -75.11 -31.84
C THR D 472 51.05 -75.09 -30.40
N SER D 473 51.05 -73.91 -29.79
CA SER D 473 50.39 -73.68 -28.50
C SER D 473 49.69 -72.32 -28.47
N LEU D 474 48.92 -72.10 -27.41
CA LEU D 474 48.36 -70.77 -27.16
C LEU D 474 49.49 -69.77 -26.92
N GLU D 475 50.61 -70.26 -26.40
CA GLU D 475 51.73 -69.40 -26.04
C GLU D 475 52.39 -68.83 -27.28
N GLU D 476 52.65 -69.69 -28.26
CA GLU D 476 53.12 -69.24 -29.57
C GLU D 476 52.15 -68.21 -30.16
N VAL D 477 50.85 -68.48 -30.04
CA VAL D 477 49.82 -67.61 -30.61
C VAL D 477 49.90 -66.22 -29.98
N LYS D 478 50.06 -66.16 -28.66
CA LYS D 478 50.14 -64.88 -27.97
C LYS D 478 51.40 -64.14 -28.38
N ALA D 479 52.47 -64.88 -28.62
CA ALA D 479 53.81 -64.31 -28.87
C ALA D 479 53.82 -63.60 -30.21
N VAL D 480 53.28 -64.28 -31.23
CA VAL D 480 53.26 -63.76 -32.59
C VAL D 480 52.50 -62.44 -32.61
N SER D 481 51.30 -62.46 -32.02
CA SER D 481 50.46 -61.27 -31.92
C SER D 481 51.23 -60.12 -31.30
N ARG D 482 51.74 -60.32 -30.08
CA ARG D 482 52.58 -59.33 -29.42
C ARG D 482 53.67 -58.88 -30.38
N ARG D 483 54.32 -59.84 -31.05
CA ARG D 483 55.38 -59.54 -32.01
C ARG D 483 54.89 -58.82 -33.28
N GLU D 484 53.64 -59.05 -33.68
CA GLU D 484 53.15 -58.55 -34.98
C GLU D 484 52.08 -57.47 -34.86
N ASN D 485 50.86 -57.86 -34.54
CA ASN D 485 49.75 -56.91 -34.49
C ASN D 485 49.81 -56.15 -33.18
N SER D 486 50.03 -54.85 -33.26
CA SER D 486 50.29 -54.02 -32.08
C SER D 486 49.00 -53.49 -31.43
N TRP D 487 49.12 -53.14 -30.15
CA TRP D 487 48.00 -52.71 -29.32
C TRP D 487 47.92 -51.18 -29.26
N LYS D 488 46.96 -50.67 -28.51
CA LYS D 488 46.95 -49.28 -28.07
C LYS D 488 46.20 -49.27 -26.75
N THR D 489 46.78 -48.65 -25.74
CA THR D 489 46.30 -48.81 -24.37
C THR D 489 45.69 -47.51 -23.83
N VAL D 490 44.56 -47.63 -23.14
CA VAL D 490 43.85 -46.49 -22.58
C VAL D 490 43.64 -46.70 -21.08
N SER D 491 44.20 -45.80 -20.29
CA SER D 491 44.19 -45.92 -18.82
C SER D 491 43.14 -45.00 -18.20
N PRO D 492 42.69 -45.31 -16.97
CA PRO D 492 41.68 -44.45 -16.32
C PRO D 492 42.19 -43.02 -16.04
N SER D 493 41.25 -42.10 -15.78
CA SER D 493 41.58 -40.69 -15.55
C SER D 493 40.43 -39.92 -14.90
N GLY D 494 40.28 -40.08 -13.58
CA GLY D 494 39.26 -39.35 -12.81
C GLY D 494 39.27 -39.78 -11.35
N SER D 495 38.34 -39.24 -10.57
CA SER D 495 38.28 -39.52 -9.14
C SER D 495 37.16 -40.50 -8.78
N ALA D 496 37.36 -41.19 -7.67
CA ALA D 496 36.35 -42.09 -7.10
C ALA D 496 35.04 -41.36 -6.77
N MET D 497 35.12 -40.06 -6.47
CA MET D 497 33.91 -39.28 -6.16
C MET D 497 33.13 -38.90 -7.44
N GLU D 498 33.84 -38.66 -8.54
CA GLU D 498 33.21 -38.46 -9.87
C GLU D 498 32.47 -39.72 -10.29
N ARG D 499 33.16 -40.85 -10.17
CA ARG D 499 32.63 -42.18 -10.48
C ARG D 499 31.38 -42.51 -9.67
N GLU D 500 31.50 -42.42 -8.35
CA GLU D 500 30.40 -42.65 -7.41
C GLU D 500 29.19 -41.75 -7.73
N ALA D 501 29.47 -40.50 -8.14
CA ALA D 501 28.43 -39.52 -8.39
C ALA D 501 27.71 -39.76 -9.72
N MET D 502 28.49 -39.94 -10.78
CA MET D 502 27.97 -40.30 -12.10
C MET D 502 27.10 -41.56 -12.03
N ILE D 503 27.57 -42.56 -11.28
CA ILE D 503 26.81 -43.79 -11.05
C ILE D 503 25.54 -43.55 -10.25
N ALA D 504 25.57 -42.61 -9.30
CA ALA D 504 24.40 -42.28 -8.49
C ALA D 504 23.33 -41.57 -9.34
N GLU D 505 23.77 -40.64 -10.17
CA GLU D 505 22.95 -39.96 -11.20
C GLU D 505 22.27 -41.00 -12.10
N TRP D 506 23.07 -41.94 -12.58
CA TRP D 506 22.62 -43.02 -13.46
C TRP D 506 21.49 -43.85 -12.83
N ARG D 507 21.70 -44.34 -11.61
CA ARG D 507 20.68 -45.13 -10.88
C ARG D 507 19.32 -44.41 -10.70
N GLU D 508 19.34 -43.10 -10.46
CA GLU D 508 18.09 -42.35 -10.37
C GLU D 508 17.39 -42.23 -11.72
N ALA D 509 18.16 -42.16 -12.81
CA ALA D 509 17.56 -42.02 -14.14
C ALA D 509 16.83 -43.31 -14.52
N LEU D 510 17.50 -44.44 -14.30
CA LEU D 510 16.94 -45.75 -14.61
C LEU D 510 15.55 -45.92 -14.07
N LYS D 511 15.29 -45.39 -12.87
CA LYS D 511 13.95 -45.45 -12.27
C LYS D 511 12.86 -44.82 -13.16
N ARG D 512 13.25 -43.88 -14.02
CA ARG D 512 12.31 -43.11 -14.83
C ARG D 512 12.19 -43.64 -16.27
N THR D 513 12.72 -44.82 -16.55
CA THR D 513 12.65 -45.40 -17.90
C THR D 513 11.44 -46.31 -18.15
N LYS D 514 10.79 -46.81 -17.11
CA LYS D 514 9.64 -47.70 -17.34
C LYS D 514 8.55 -46.98 -18.13
N TRP D 515 8.23 -47.50 -19.30
CA TRP D 515 7.25 -46.83 -20.12
C TRP D 515 6.29 -47.78 -20.83
N ALA D 516 6.80 -48.69 -21.66
CA ALA D 516 5.94 -49.55 -22.52
C ALA D 516 4.94 -50.39 -21.70
N LYS D 517 3.73 -50.55 -22.26
CA LYS D 517 2.49 -50.93 -21.54
C LYS D 517 2.02 -49.72 -20.71
P 4NP E . -30.56 12.39 20.57
O1 4NP E . -28.99 12.62 20.23
O2 4NP E . -30.68 11.02 21.22
O3 4NP E . -30.86 13.54 21.48
O4 4NP E . -31.20 12.42 19.19
C1 4NP E . -28.54 13.82 19.72
C2 4NP E . -29.28 14.51 18.74
C3 4NP E . -28.82 15.72 18.24
C4 4NP E . -27.64 16.24 18.73
C5 4NP E . -26.89 15.57 19.71
C6 4NP E . -27.36 14.35 20.20
N 4NP E . -27.22 17.45 18.24
O5 4NP E . -28.12 18.53 18.25
O6 4NP E . -26.09 17.56 17.81
C1 GOL F . -30.05 14.94 11.32
O1 GOL F . -30.34 15.98 10.38
C2 GOL F . -31.05 14.86 12.49
O2 GOL F . -31.87 13.68 12.35
C3 GOL F . -30.26 14.82 13.82
O3 GOL F . -31.10 14.94 14.99
C1 GOL G . 2.14 56.24 37.76
O1 GOL G . 2.66 55.66 38.98
C2 GOL G . 2.49 57.72 37.58
O2 GOL G . 3.91 57.92 37.66
C3 GOL G . 1.94 58.21 36.25
O3 GOL G . 2.97 58.74 35.40
P 4NP H . 7.19 -7.66 -25.12
O1 4NP H . 8.31 -8.49 -24.26
O2 4NP H . 6.11 -7.36 -24.10
O3 4NP H . 7.91 -6.41 -25.58
O4 4NP H . 6.80 -8.61 -26.22
C1 4NP H . 8.08 -9.73 -23.72
C2 4NP H . 6.85 -10.06 -23.12
C3 4NP H . 6.64 -11.33 -22.58
C4 4NP H . 7.65 -12.26 -22.64
C5 4NP H . 8.87 -11.96 -23.23
C6 4NP H . 9.09 -10.69 -23.77
N 4NP H . 7.42 -13.53 -22.12
O5 4NP H . 6.21 -14.18 -22.41
O6 4NP H . 8.27 -14.05 -21.42
C1 GOL I . 3.50 -9.84 -16.69
O1 GOL I . 2.42 -10.16 -15.79
C2 GOL I . 3.03 -9.32 -18.07
O2 GOL I . 2.71 -7.93 -17.95
C3 GOL I . 4.13 -9.54 -19.13
O3 GOL I . 3.65 -9.73 -20.48
C1 GOL J . 25.08 -61.81 -32.64
O1 GOL J . 26.33 -61.49 -33.26
C2 GOL J . 24.88 -63.29 -32.26
O2 GOL J . 26.09 -63.89 -31.77
C3 GOL J . 23.74 -63.42 -31.24
O3 GOL J . 24.12 -64.09 -30.02
#